data_8UC8
#
_entry.id   8UC8
#
_cell.length_a   1.00
_cell.length_b   1.00
_cell.length_c   1.00
_cell.angle_alpha   90.00
_cell.angle_beta   90.00
_cell.angle_gamma   90.00
#
_symmetry.space_group_name_H-M   'P 1'
#
loop_
_entity.id
_entity.type
_entity.pdbx_description
1 polymer 'Potassium/sodium hyperpolarization-activated cyclic nucleotide-gated channel 1'
2 non-polymer 1,2-DIOLEOYL-SN-GLYCERO-3-PHOSPHOCHOLINE
#
_entity_poly.entity_id   1
_entity_poly.type   'polypeptide(L)'
_entity_poly.pdbx_seq_one_letter_code
;MEGGGKPNSSSNSRDDGNSVFPAKASATGAGPAAAEKRLGTPPGGGGAGAKEHGNSVCFKVDGGGGGGGGGGGGEEPAGG
FEDAEGPRRQYGFMQRQFTSMLQPGVNKFSLRMFGSQKAVEKEQERVKTAGFWIIHPYSDFRFYWDLIMLIMMVGNLVII
PVGITFFTEQTTTPWIIFNVASDTVFLLDLIMNFRTGTVNEDSSEIILDPKVIKMNYLKSWFVVDFISSIPVDYIFLIVE
KGMDSEVYKTARALRIVRFTKILSLLRLLRLSRLIRYIHQWEEIFHMTYDLASAVVRIFNLIGMMLLLCHWDGCLQFLVP
LLQDFPPDCWVSLNEMVNDSWGKQYSYALFKAMSHMLCIGYGAQAPVSMSDLWITMLSMIVGATCYAMFVGHATALIQSL
DSSRRQYQEKYKQVEQYMSFHKLPADMRQKIHDYYEHRYQGKIFDEENILNELNDPLREEIVNFNCRKLVATMPLFANAD
PNFVTAMLSKLRFEVFQPGDYIIREGAVGKKMYFIQHGVAGVITKSSKEMKLTDGSYFGEICLLTKGRRTASVRADTYCR
LYSLSVDNFNEVLEEYPMMRRAFETVAIDRLDRIGKKNSILLQKFQKDLNTGVFNNQENEILKQIVKHDREMVQAALPRE
SSSVLNTDPDAEKPRFASNL
;
_entity_poly.pdbx_strand_id   D,C,A,B
#
# COMPACT_ATOMS: atom_id res chain seq x y z
N MET A 94 -44.53 -8.29 29.55
CA MET A 94 -45.42 -7.12 29.41
C MET A 94 -45.30 -6.50 28.02
N GLN A 95 -46.41 -6.10 27.39
CA GLN A 95 -46.46 -5.72 25.96
C GLN A 95 -45.60 -4.49 25.59
N ARG A 96 -45.44 -3.54 26.50
CA ARG A 96 -44.58 -2.37 26.29
C ARG A 96 -43.11 -2.75 26.17
N GLN A 97 -42.60 -3.59 27.09
CA GLN A 97 -41.23 -4.11 27.06
C GLN A 97 -41.01 -5.06 25.87
N PHE A 98 -42.00 -5.89 25.54
CA PHE A 98 -41.97 -6.77 24.38
C PHE A 98 -41.87 -6.00 23.05
N THR A 99 -42.64 -4.92 22.90
CA THR A 99 -42.55 -4.03 21.73
C THR A 99 -41.24 -3.24 21.72
N SER A 100 -40.78 -2.81 22.89
CA SER A 100 -39.56 -2.03 23.05
C SER A 100 -38.31 -2.74 22.54
N MET A 101 -38.22 -4.07 22.67
CA MET A 101 -37.10 -4.85 22.15
C MET A 101 -37.00 -4.81 20.63
N LEU A 102 -38.10 -4.70 19.89
CA LEU A 102 -38.11 -4.76 18.43
C LEU A 102 -37.78 -3.42 17.74
N GLN A 103 -37.74 -2.31 18.48
CA GLN A 103 -37.42 -0.95 18.01
C GLN A 103 -35.92 -0.64 18.15
N PRO A 104 -35.34 0.29 17.38
CA PRO A 104 -33.95 0.69 17.56
C PRO A 104 -33.79 1.43 18.88
N GLY A 105 -33.02 0.91 19.81
CA GLY A 105 -32.88 1.47 21.14
C GLY A 105 -32.11 2.79 21.19
N VAL A 106 -32.17 3.52 22.30
CA VAL A 106 -31.30 4.68 22.54
C VAL A 106 -30.00 4.17 23.17
N ASN A 107 -29.00 3.88 22.33
CA ASN A 107 -27.72 3.32 22.75
C ASN A 107 -26.57 3.93 21.94
N LYS A 108 -25.32 3.71 22.35
CA LYS A 108 -24.12 4.35 21.78
C LYS A 108 -24.05 4.20 20.25
N PHE A 109 -24.47 3.06 19.73
CA PHE A 109 -24.57 2.85 18.29
C PHE A 109 -25.68 3.66 17.65
N SER A 110 -26.91 3.51 18.12
CA SER A 110 -28.10 4.07 17.49
C SER A 110 -28.11 5.59 17.51
N LEU A 111 -27.71 6.20 18.63
CA LEU A 111 -27.54 7.66 18.74
C LEU A 111 -26.39 8.20 17.88
N ARG A 112 -25.47 7.36 17.43
CA ARG A 112 -24.41 7.70 16.46
C ARG A 112 -24.82 7.41 15.02
N MET A 113 -25.60 6.38 14.77
CA MET A 113 -26.10 6.01 13.44
C MET A 113 -27.19 6.98 12.95
N PHE A 114 -28.18 7.27 13.79
CA PHE A 114 -29.22 8.27 13.53
C PHE A 114 -28.83 9.69 13.96
N GLY A 115 -27.77 9.85 14.75
CA GLY A 115 -27.15 11.14 15.06
C GLY A 115 -27.78 11.93 16.21
N SER A 116 -29.02 11.63 16.60
CA SER A 116 -29.64 12.22 17.80
C SER A 116 -30.68 11.30 18.42
N GLN A 117 -30.90 11.45 19.72
CA GLN A 117 -31.96 10.72 20.42
C GLN A 117 -33.35 11.03 19.83
N LYS A 118 -33.57 12.23 19.29
CA LYS A 118 -34.81 12.57 18.57
C LYS A 118 -34.93 11.88 17.21
N ALA A 119 -33.84 11.69 16.48
CA ALA A 119 -33.85 10.92 15.24
C ALA A 119 -34.00 9.41 15.49
N VAL A 120 -33.50 8.90 16.63
CA VAL A 120 -33.82 7.56 17.11
C VAL A 120 -35.31 7.44 17.41
N GLU A 121 -35.89 8.34 18.21
CA GLU A 121 -37.33 8.35 18.45
C GLU A 121 -38.15 8.45 17.16
N LYS A 122 -37.72 9.24 16.16
CA LYS A 122 -38.39 9.30 14.87
C LYS A 122 -38.41 7.94 14.16
N GLU A 123 -37.32 7.17 14.26
CA GLU A 123 -37.26 5.81 13.71
C GLU A 123 -38.08 4.81 14.53
N GLN A 124 -38.10 4.90 15.86
CA GLN A 124 -39.02 4.14 16.69
C GLN A 124 -40.48 4.43 16.32
N GLU A 125 -40.85 5.70 16.17
CA GLU A 125 -42.19 6.10 15.72
C GLU A 125 -42.50 5.69 14.27
N ARG A 126 -41.48 5.26 13.54
CA ARG A 126 -41.66 4.75 12.20
C ARG A 126 -42.01 3.28 12.34
N VAL A 127 -41.16 2.55 13.06
CA VAL A 127 -41.34 1.11 13.34
C VAL A 127 -42.73 0.79 13.93
N LYS A 128 -43.30 1.70 14.71
CA LYS A 128 -44.70 1.58 15.20
C LYS A 128 -45.78 1.57 14.11
N THR A 129 -45.47 1.80 12.83
CA THR A 129 -46.46 1.68 11.73
C THR A 129 -46.97 0.24 11.51
N ALA A 130 -46.10 -0.78 11.55
CA ALA A 130 -46.48 -2.17 11.33
C ALA A 130 -47.09 -2.84 12.58
N GLY A 131 -47.96 -3.83 12.40
CA GLY A 131 -48.66 -4.55 13.48
C GLY A 131 -47.79 -5.60 14.17
N PHE A 132 -46.70 -5.16 14.80
CA PHE A 132 -45.55 -5.97 15.23
C PHE A 132 -44.79 -6.65 14.08
N TRP A 133 -45.26 -6.52 12.84
CA TRP A 133 -44.67 -7.13 11.64
C TRP A 133 -43.40 -6.43 11.13
N ILE A 134 -42.82 -5.50 11.90
CA ILE A 134 -41.45 -5.04 11.72
C ILE A 134 -40.71 -5.12 13.04
N ILE A 135 -39.55 -5.78 13.04
CA ILE A 135 -38.48 -5.61 14.00
C ILE A 135 -37.34 -4.93 13.25
N HIS A 136 -36.74 -3.91 13.85
CA HIS A 136 -35.78 -3.05 13.16
C HIS A 136 -34.42 -3.73 13.07
N PRO A 137 -33.63 -3.53 12.00
CA PRO A 137 -32.34 -4.17 11.84
C PRO A 137 -31.33 -3.83 12.93
N TYR A 138 -31.49 -2.70 13.63
CA TYR A 138 -30.64 -2.29 14.74
C TYR A 138 -31.25 -2.55 16.12
N SER A 139 -32.39 -3.21 16.19
CA SER A 139 -33.10 -3.46 17.44
C SER A 139 -32.34 -4.40 18.37
N ASP A 140 -32.62 -4.34 19.67
CA ASP A 140 -32.06 -5.29 20.64
C ASP A 140 -32.56 -6.70 20.37
N PHE A 141 -33.81 -6.87 19.91
CA PHE A 141 -34.30 -8.17 19.50
C PHE A 141 -33.48 -8.71 18.34
N ARG A 142 -33.27 -7.91 17.30
CA ARG A 142 -32.45 -8.34 16.17
C ARG A 142 -31.05 -8.70 16.62
N PHE A 143 -30.45 -7.88 17.50
CA PHE A 143 -29.13 -8.20 18.03
C PHE A 143 -29.10 -9.52 18.77
N TYR A 144 -29.88 -9.69 19.83
CA TYR A 144 -29.83 -10.90 20.64
C TYR A 144 -30.31 -12.12 19.86
N TRP A 145 -31.25 -11.96 18.95
CA TRP A 145 -31.66 -13.00 18.04
C TRP A 145 -30.52 -13.41 17.10
N ASP A 146 -29.86 -12.47 16.45
CA ASP A 146 -28.68 -12.80 15.66
C ASP A 146 -27.55 -13.34 16.52
N LEU A 147 -27.37 -12.90 17.76
CA LEU A 147 -26.32 -13.41 18.64
C LEU A 147 -26.57 -14.88 18.98
N ILE A 148 -27.79 -15.23 19.41
CA ILE A 148 -28.12 -16.64 19.62
C ILE A 148 -28.17 -17.39 18.28
N MET A 149 -28.45 -16.73 17.16
CA MET A 149 -28.36 -17.37 15.85
C MET A 149 -26.92 -17.63 15.43
N LEU A 150 -25.96 -16.74 15.69
CA LEU A 150 -24.55 -16.99 15.39
C LEU A 150 -24.01 -18.16 16.21
N ILE A 151 -24.25 -18.22 17.52
CA ILE A 151 -23.76 -19.36 18.31
C ILE A 151 -24.49 -20.66 17.96
N MET A 152 -25.78 -20.57 17.59
CA MET A 152 -26.56 -21.68 17.06
C MET A 152 -25.99 -22.17 15.73
N MET A 153 -25.65 -21.25 14.85
CA MET A 153 -25.23 -21.48 13.48
C MET A 153 -23.78 -21.89 13.32
N VAL A 154 -22.85 -21.34 14.09
CA VAL A 154 -21.47 -21.84 14.14
C VAL A 154 -21.45 -23.24 14.71
N GLY A 155 -22.22 -23.50 15.78
CA GLY A 155 -22.38 -24.84 16.32
C GLY A 155 -22.95 -25.78 15.29
N ASN A 156 -24.05 -25.42 14.66
CA ASN A 156 -24.72 -26.24 13.66
C ASN A 156 -23.88 -26.49 12.41
N LEU A 157 -23.21 -25.48 11.85
CA LEU A 157 -22.33 -25.64 10.69
C LEU A 157 -21.03 -26.39 10.98
N VAL A 158 -20.68 -26.61 12.25
CA VAL A 158 -19.61 -27.53 12.66
C VAL A 158 -20.17 -28.94 12.90
N ILE A 159 -21.30 -29.07 13.59
CA ILE A 159 -21.88 -30.35 14.01
C ILE A 159 -22.53 -31.11 12.85
N ILE A 160 -23.22 -30.43 11.93
CA ILE A 160 -23.93 -31.09 10.81
C ILE A 160 -22.99 -31.81 9.84
N PRO A 161 -21.92 -31.21 9.31
CA PRO A 161 -20.97 -31.94 8.49
C PRO A 161 -20.49 -33.22 9.16
N VAL A 162 -20.17 -33.16 10.45
CA VAL A 162 -19.63 -34.29 11.19
C VAL A 162 -20.68 -35.38 11.40
N GLY A 163 -21.89 -35.03 11.80
CA GLY A 163 -22.95 -36.01 12.00
C GLY A 163 -23.43 -36.67 10.72
N ILE A 164 -23.38 -35.96 9.60
CA ILE A 164 -23.71 -36.50 8.29
C ILE A 164 -22.57 -37.36 7.73
N THR A 165 -21.32 -37.02 8.05
CA THR A 165 -20.16 -37.72 7.52
C THR A 165 -19.75 -38.93 8.34
N PHE A 166 -19.51 -38.80 9.65
CA PHE A 166 -18.82 -39.83 10.42
C PHE A 166 -19.73 -40.72 11.26
N PHE A 167 -21.02 -40.41 11.35
CA PHE A 167 -21.99 -41.17 12.13
C PHE A 167 -22.98 -41.92 11.23
N THR A 168 -23.25 -43.17 11.58
CA THR A 168 -24.42 -43.88 11.08
C THR A 168 -25.69 -43.44 11.81
N GLU A 169 -26.86 -43.72 11.23
CA GLU A 169 -28.15 -43.49 11.88
C GLU A 169 -28.41 -42.02 12.33
N GLN A 170 -28.31 -41.08 11.39
CA GLN A 170 -28.84 -39.71 11.57
C GLN A 170 -30.37 -39.65 11.74
N THR A 171 -31.08 -40.77 11.64
CA THR A 171 -32.50 -40.89 12.01
C THR A 171 -32.74 -41.21 13.49
N THR A 172 -31.71 -41.25 14.34
CA THR A 172 -31.86 -41.58 15.77
C THR A 172 -32.39 -40.43 16.61
N THR A 173 -33.13 -40.74 17.69
CA THR A 173 -33.78 -39.77 18.57
C THR A 173 -32.92 -38.59 19.00
N PRO A 174 -31.72 -38.77 19.57
CA PRO A 174 -30.89 -37.66 20.01
C PRO A 174 -30.28 -36.84 18.86
N TRP A 175 -30.38 -37.31 17.61
CA TRP A 175 -29.95 -36.55 16.44
C TRP A 175 -31.11 -35.84 15.75
N ILE A 176 -32.29 -36.46 15.61
CA ILE A 176 -33.48 -35.78 15.07
C ILE A 176 -34.00 -34.70 16.02
N ILE A 177 -33.81 -34.83 17.33
CA ILE A 177 -34.15 -33.77 18.29
C ILE A 177 -33.30 -32.52 18.07
N PHE A 178 -32.00 -32.66 17.80
CA PHE A 178 -31.12 -31.53 17.46
C PHE A 178 -31.53 -30.88 16.14
N ASN A 179 -31.83 -31.68 15.13
CA ASN A 179 -32.17 -31.19 13.80
C ASN A 179 -33.57 -30.57 13.70
N VAL A 180 -34.60 -31.14 14.33
CA VAL A 180 -35.92 -30.54 14.39
C VAL A 180 -35.94 -29.28 15.26
N ALA A 181 -35.24 -29.27 16.41
CA ALA A 181 -35.11 -28.08 17.23
C ALA A 181 -34.36 -26.96 16.49
N SER A 182 -33.19 -27.27 15.94
CA SER A 182 -32.41 -26.26 15.23
C SER A 182 -33.09 -25.80 13.93
N ASP A 183 -33.68 -26.69 13.14
CA ASP A 183 -34.45 -26.28 11.97
C ASP A 183 -35.72 -25.51 12.32
N THR A 184 -36.29 -25.69 13.51
CA THR A 184 -37.31 -24.78 14.05
C THR A 184 -36.71 -23.40 14.27
N VAL A 185 -35.58 -23.28 14.97
CA VAL A 185 -34.90 -21.99 15.19
C VAL A 185 -34.54 -21.29 13.89
N PHE A 186 -34.02 -22.01 12.90
CA PHE A 186 -33.75 -21.47 11.57
C PHE A 186 -34.99 -21.26 10.69
N LEU A 187 -36.18 -21.73 11.08
CA LEU A 187 -37.45 -21.40 10.45
C LEU A 187 -38.13 -20.21 11.12
N LEU A 188 -38.03 -20.08 12.44
CA LEU A 188 -38.35 -18.83 13.12
C LEU A 188 -37.49 -17.71 12.55
N ASP A 189 -36.21 -17.95 12.31
CA ASP A 189 -35.33 -16.94 11.70
C ASP A 189 -35.73 -16.57 10.26
N LEU A 190 -36.28 -17.52 9.49
CA LEU A 190 -36.81 -17.24 8.16
C LEU A 190 -38.03 -16.32 8.25
N ILE A 191 -38.96 -16.63 9.16
CA ILE A 191 -40.14 -15.83 9.46
C ILE A 191 -39.75 -14.44 9.98
N MET A 192 -38.74 -14.35 10.84
CA MET A 192 -38.23 -13.09 11.34
C MET A 192 -37.68 -12.22 10.23
N ASN A 193 -37.02 -12.78 9.22
CA ASN A 193 -36.51 -12.00 8.10
C ASN A 193 -37.60 -11.46 7.16
N PHE A 194 -38.80 -12.04 7.13
CA PHE A 194 -39.94 -11.43 6.44
C PHE A 194 -40.52 -10.22 7.18
N ARG A 195 -40.07 -9.96 8.41
CA ARG A 195 -40.51 -8.87 9.24
C ARG A 195 -39.34 -8.13 9.90
N THR A 196 -38.20 -8.00 9.23
CA THR A 196 -36.93 -7.59 9.84
C THR A 196 -36.30 -6.31 9.28
N GLY A 197 -36.99 -5.59 8.40
CA GLY A 197 -36.39 -4.48 7.66
C GLY A 197 -35.16 -4.91 6.85
N THR A 198 -34.33 -3.96 6.48
CA THR A 198 -33.06 -4.19 5.81
C THR A 198 -32.29 -2.88 5.72
N VAL A 199 -31.00 -2.87 6.04
CA VAL A 199 -30.17 -1.67 5.93
C VAL A 199 -29.79 -1.44 4.48
N ASN A 200 -30.43 -0.49 3.79
CA ASN A 200 -30.08 -0.17 2.41
C ASN A 200 -28.86 0.74 2.38
N GLU A 201 -27.69 0.18 2.08
CA GLU A 201 -26.44 0.94 2.09
C GLU A 201 -26.42 2.07 1.04
N ASP A 202 -27.10 1.89 -0.09
CA ASP A 202 -27.20 2.89 -1.18
C ASP A 202 -28.07 4.10 -0.84
N SER A 203 -28.87 4.06 0.22
CA SER A 203 -29.68 5.21 0.69
C SER A 203 -29.50 5.52 2.18
N SER A 204 -28.69 4.76 2.89
CA SER A 204 -28.44 4.90 4.33
C SER A 204 -29.73 4.95 5.17
N GLU A 205 -30.73 4.17 4.78
CA GLU A 205 -32.03 4.05 5.44
C GLU A 205 -32.44 2.58 5.65
N ILE A 206 -33.01 2.25 6.80
CA ILE A 206 -33.66 0.95 7.01
C ILE A 206 -34.97 0.89 6.22
N ILE A 207 -35.17 -0.12 5.37
CA ILE A 207 -36.35 -0.19 4.49
C ILE A 207 -37.67 -0.32 5.27
N LEU A 208 -37.68 -1.05 6.38
CA LEU A 208 -38.61 -0.94 7.51
C LEU A 208 -40.13 -0.89 7.21
N ASP A 209 -40.59 -1.43 6.08
CA ASP A 209 -42.01 -1.56 5.73
C ASP A 209 -42.32 -2.97 5.22
N PRO A 210 -43.40 -3.64 5.66
CA PRO A 210 -43.49 -5.09 5.58
C PRO A 210 -43.61 -5.65 4.16
N LYS A 211 -44.41 -5.07 3.28
CA LYS A 211 -44.50 -5.50 1.89
C LYS A 211 -43.22 -5.23 1.10
N VAL A 212 -42.50 -4.15 1.41
CA VAL A 212 -41.20 -3.84 0.81
C VAL A 212 -40.10 -4.78 1.31
N ILE A 213 -40.11 -5.15 2.60
CA ILE A 213 -39.19 -6.10 3.19
C ILE A 213 -39.41 -7.52 2.63
N LYS A 214 -40.65 -8.01 2.62
CA LYS A 214 -40.98 -9.32 2.06
C LYS A 214 -40.67 -9.44 0.57
N MET A 215 -41.00 -8.44 -0.24
CA MET A 215 -40.72 -8.47 -1.68
C MET A 215 -39.23 -8.37 -2.00
N ASN A 216 -38.45 -7.60 -1.23
CA ASN A 216 -37.00 -7.55 -1.42
C ASN A 216 -36.32 -8.82 -0.94
N TYR A 217 -36.76 -9.41 0.17
CA TYR A 217 -36.20 -10.64 0.75
C TYR A 217 -36.46 -11.88 -0.11
N LEU A 218 -37.70 -12.10 -0.55
CA LEU A 218 -38.04 -13.20 -1.46
C LEU A 218 -37.31 -13.11 -2.80
N LYS A 219 -36.90 -11.91 -3.22
CA LYS A 219 -36.09 -11.70 -4.41
C LYS A 219 -34.57 -11.77 -4.18
N SER A 220 -34.11 -11.73 -2.93
CA SER A 220 -32.68 -11.61 -2.60
C SER A 220 -32.07 -12.90 -2.04
N TRP A 221 -32.68 -13.49 -1.01
CA TRP A 221 -32.05 -14.58 -0.22
C TRP A 221 -33.00 -15.69 0.23
N PHE A 222 -34.32 -15.55 0.09
CA PHE A 222 -35.26 -16.54 0.59
C PHE A 222 -35.01 -17.95 0.08
N VAL A 223 -34.57 -18.15 -1.17
CA VAL A 223 -34.38 -19.52 -1.70
C VAL A 223 -33.27 -20.28 -0.96
N VAL A 224 -32.10 -19.65 -0.72
CA VAL A 224 -31.04 -20.22 0.09
C VAL A 224 -31.42 -20.35 1.56
N ASP A 225 -32.16 -19.38 2.11
CA ASP A 225 -32.62 -19.45 3.48
C ASP A 225 -33.69 -20.52 3.70
N PHE A 226 -34.63 -20.72 2.79
CA PHE A 226 -35.68 -21.74 2.93
C PHE A 226 -35.13 -23.15 2.79
N ILE A 227 -34.33 -23.41 1.74
CA ILE A 227 -33.62 -24.68 1.53
C ILE A 227 -32.80 -25.06 2.76
N SER A 228 -32.10 -24.09 3.36
CA SER A 228 -31.30 -24.33 4.56
C SER A 228 -32.10 -24.33 5.85
N SER A 229 -33.34 -23.86 5.85
CA SER A 229 -34.20 -23.77 7.03
C SER A 229 -35.00 -25.05 7.23
N ILE A 230 -35.80 -25.43 6.24
CA ILE A 230 -36.74 -26.53 6.33
C ILE A 230 -36.00 -27.87 6.32
N PRO A 231 -36.41 -28.89 7.09
CA PRO A 231 -35.70 -30.17 7.16
C PRO A 231 -35.93 -31.03 5.90
N VAL A 232 -35.32 -30.66 4.77
CA VAL A 232 -35.44 -31.36 3.47
C VAL A 232 -35.02 -32.83 3.54
N ASP A 233 -34.08 -33.17 4.41
CA ASP A 233 -33.64 -34.53 4.68
C ASP A 233 -34.73 -35.37 5.34
N TYR A 234 -35.38 -34.88 6.39
CA TYR A 234 -36.47 -35.59 7.04
C TYR A 234 -37.76 -35.54 6.22
N ILE A 235 -37.99 -34.50 5.43
CA ILE A 235 -39.06 -34.48 4.43
C ILE A 235 -38.86 -35.62 3.43
N PHE A 236 -37.65 -35.80 2.90
CA PHE A 236 -37.37 -36.89 1.97
C PHE A 236 -37.52 -38.27 2.61
N LEU A 237 -37.15 -38.45 3.88
CA LEU A 237 -37.43 -39.70 4.60
C LEU A 237 -38.94 -39.97 4.76
N ILE A 238 -39.74 -38.94 5.02
CA ILE A 238 -41.21 -39.07 5.10
C ILE A 238 -41.81 -39.41 3.73
N VAL A 239 -41.31 -38.82 2.64
CA VAL A 239 -41.73 -39.17 1.27
C VAL A 239 -41.29 -40.59 0.90
N GLU A 240 -40.06 -40.99 1.21
CA GLU A 240 -39.53 -42.33 0.90
C GLU A 240 -40.18 -43.45 1.73
N LYS A 241 -40.57 -43.18 2.97
CA LYS A 241 -41.40 -44.07 3.78
C LYS A 241 -42.86 -44.19 3.27
N GLY A 242 -43.30 -43.28 2.38
CA GLY A 242 -44.60 -43.33 1.71
C GLY A 242 -44.60 -44.25 0.50
N ARG A 252 -33.80 -50.55 -1.15
CA ARG A 252 -33.50 -49.16 -1.44
C ARG A 252 -32.74 -48.42 -0.34
N ALA A 253 -32.55 -49.04 0.83
CA ALA A 253 -32.07 -48.36 2.04
C ALA A 253 -30.70 -47.68 1.86
N LEU A 254 -29.74 -48.32 1.20
CA LEU A 254 -28.44 -47.74 0.93
C LEU A 254 -28.50 -46.51 0.02
N ARG A 255 -29.39 -46.50 -0.97
CA ARG A 255 -29.63 -45.33 -1.83
C ARG A 255 -30.33 -44.18 -1.08
N ILE A 256 -31.28 -44.49 -0.18
CA ILE A 256 -31.92 -43.47 0.66
C ILE A 256 -30.90 -42.87 1.63
N VAL A 257 -30.08 -43.68 2.29
CA VAL A 257 -29.01 -43.17 3.18
C VAL A 257 -27.93 -42.41 2.41
N ARG A 258 -27.64 -42.75 1.15
CA ARG A 258 -26.83 -41.90 0.28
C ARG A 258 -27.50 -40.54 0.06
N PHE A 259 -28.69 -40.51 -0.53
CA PHE A 259 -29.29 -39.25 -0.96
C PHE A 259 -29.64 -38.33 0.21
N THR A 260 -30.10 -38.87 1.34
CA THR A 260 -30.40 -38.06 2.52
C THR A 260 -29.18 -37.37 3.11
N LYS A 261 -27.97 -37.90 2.96
CA LYS A 261 -26.75 -37.19 3.39
C LYS A 261 -26.46 -35.98 2.53
N ILE A 262 -26.60 -36.07 1.20
CA ILE A 262 -26.48 -34.90 0.31
C ILE A 262 -27.56 -33.87 0.60
N LEU A 263 -28.83 -34.28 0.74
CA LEU A 263 -29.91 -33.38 1.13
C LEU A 263 -29.63 -32.71 2.47
N SER A 264 -29.10 -33.43 3.44
CA SER A 264 -28.81 -32.85 4.75
C SER A 264 -27.73 -31.78 4.68
N LEU A 265 -26.74 -31.88 3.78
CA LEU A 265 -25.78 -30.80 3.58
C LEU A 265 -26.37 -29.53 2.93
N LEU A 266 -27.64 -29.50 2.53
CA LEU A 266 -28.33 -28.24 2.21
C LEU A 266 -28.48 -27.35 3.46
N ARG A 267 -28.41 -27.92 4.66
CA ARG A 267 -28.28 -27.17 5.91
C ARG A 267 -27.01 -26.33 5.93
N LEU A 268 -25.96 -26.68 5.20
CA LEU A 268 -24.74 -25.89 5.14
C LEU A 268 -24.93 -24.54 4.46
N LEU A 269 -26.01 -24.35 3.69
CA LEU A 269 -26.37 -23.04 3.18
C LEU A 269 -26.80 -22.06 4.29
N ARG A 270 -26.88 -22.49 5.55
CA ARG A 270 -26.84 -21.58 6.70
C ARG A 270 -25.56 -20.76 6.74
N LEU A 271 -24.48 -21.14 6.06
CA LEU A 271 -23.29 -20.29 5.94
C LEU A 271 -23.60 -18.97 5.24
N SER A 272 -24.61 -18.90 4.38
CA SER A 272 -25.03 -17.63 3.80
C SER A 272 -25.53 -16.69 4.90
N ARG A 273 -26.34 -17.18 5.83
CA ARG A 273 -26.77 -16.44 7.01
C ARG A 273 -25.63 -16.12 7.95
N LEU A 274 -24.69 -17.03 8.18
CA LEU A 274 -23.54 -16.75 9.00
C LEU A 274 -22.71 -15.60 8.41
N ILE A 275 -22.40 -15.63 7.12
CA ILE A 275 -21.70 -14.55 6.43
C ILE A 275 -22.46 -13.25 6.58
N ARG A 276 -23.75 -13.24 6.28
CA ARG A 276 -24.61 -12.05 6.37
C ARG A 276 -24.71 -11.48 7.76
N TYR A 277 -25.06 -12.28 8.76
CA TYR A 277 -25.25 -11.78 10.11
C TYR A 277 -23.92 -11.35 10.74
N ILE A 278 -22.80 -12.00 10.41
CA ILE A 278 -21.49 -11.49 10.79
C ILE A 278 -21.22 -10.14 10.13
N HIS A 279 -21.41 -9.98 8.82
CA HIS A 279 -21.13 -8.70 8.16
C HIS A 279 -22.03 -7.58 8.66
N GLN A 280 -23.31 -7.83 8.90
CA GLN A 280 -24.21 -6.84 9.51
C GLN A 280 -23.72 -6.45 10.89
N TRP A 281 -23.42 -7.41 11.77
CA TRP A 281 -22.99 -7.06 13.12
C TRP A 281 -21.58 -6.50 13.20
N GLU A 282 -20.73 -6.74 12.22
CA GLU A 282 -19.44 -6.08 12.14
C GLU A 282 -19.54 -4.68 11.56
N GLU A 283 -20.41 -4.41 10.60
CA GLU A 283 -20.70 -3.03 10.18
C GLU A 283 -21.25 -2.22 11.36
N ILE A 284 -22.13 -2.82 12.16
CA ILE A 284 -22.64 -2.19 13.39
C ILE A 284 -21.54 -2.03 14.44
N PHE A 285 -20.68 -3.02 14.63
CA PHE A 285 -19.62 -2.93 15.63
C PHE A 285 -18.48 -2.00 15.24
N HIS A 286 -18.14 -1.81 13.96
CA HIS A 286 -17.23 -0.72 13.57
C HIS A 286 -17.81 0.64 13.99
N MET A 287 -19.10 0.85 13.74
CA MET A 287 -19.88 2.00 14.20
C MET A 287 -20.11 2.06 15.72
N THR A 288 -19.49 1.19 16.52
CA THR A 288 -19.69 1.15 17.98
C THR A 288 -18.37 1.10 18.75
N TYR A 289 -17.33 0.47 18.21
CA TYR A 289 -16.10 0.17 18.93
C TYR A 289 -14.81 0.49 18.17
N ASP A 290 -14.87 0.90 16.89
CA ASP A 290 -13.70 1.17 16.05
C ASP A 290 -12.65 0.04 16.10
N LEU A 291 -13.08 -1.20 15.83
CA LEU A 291 -12.16 -2.31 15.63
C LEU A 291 -11.28 -2.04 14.41
N ALA A 292 -10.01 -2.42 14.47
CA ALA A 292 -9.14 -2.31 13.31
C ALA A 292 -9.66 -3.17 12.16
N SER A 293 -9.83 -2.59 10.97
CA SER A 293 -10.48 -3.25 9.82
C SER A 293 -9.85 -4.59 9.52
N ALA A 294 -8.53 -4.63 9.37
CA ALA A 294 -7.80 -5.84 9.05
C ALA A 294 -7.86 -6.87 10.18
N VAL A 295 -8.02 -6.48 11.44
CA VAL A 295 -8.20 -7.42 12.55
C VAL A 295 -9.59 -8.04 12.53
N VAL A 296 -10.62 -7.30 12.14
CA VAL A 296 -11.94 -7.89 11.92
C VAL A 296 -11.90 -8.84 10.73
N ARG A 297 -11.28 -8.41 9.65
CA ARG A 297 -11.18 -9.19 8.41
C ARG A 297 -10.36 -10.48 8.51
N ILE A 298 -9.24 -10.43 9.20
CA ILE A 298 -8.43 -11.63 9.46
C ILE A 298 -9.23 -12.61 10.31
N PHE A 299 -10.03 -12.18 11.28
CA PHE A 299 -10.86 -13.08 12.07
C PHE A 299 -12.11 -13.57 11.36
N ASN A 300 -12.64 -12.83 10.38
CA ASN A 300 -13.61 -13.41 9.45
C ASN A 300 -12.97 -14.57 8.72
N LEU A 301 -11.80 -14.34 8.13
CA LEU A 301 -11.17 -15.34 7.31
C LEU A 301 -10.62 -16.51 8.11
N ILE A 302 -10.03 -16.33 9.30
CA ILE A 302 -9.63 -17.44 10.16
C ILE A 302 -10.85 -18.28 10.52
N GLY A 303 -12.00 -17.66 10.81
CA GLY A 303 -13.25 -18.38 11.02
C GLY A 303 -13.71 -19.13 9.77
N MET A 304 -13.59 -18.52 8.60
CA MET A 304 -13.95 -19.15 7.33
C MET A 304 -13.00 -20.27 6.92
N MET A 305 -11.69 -20.11 7.13
CA MET A 305 -10.70 -21.15 6.92
C MET A 305 -10.97 -22.34 7.81
N LEU A 306 -11.16 -22.14 9.11
CA LEU A 306 -11.47 -23.23 10.03
C LEU A 306 -12.74 -23.95 9.58
N LEU A 307 -13.77 -23.23 9.16
CA LEU A 307 -14.99 -23.84 8.68
C LEU A 307 -14.80 -24.58 7.35
N LEU A 308 -14.19 -23.98 6.34
CA LEU A 308 -13.94 -24.63 5.06
C LEU A 308 -12.96 -25.78 5.18
N CYS A 309 -11.97 -25.69 6.05
CA CYS A 309 -11.06 -26.79 6.39
C CYS A 309 -11.81 -27.92 7.06
N HIS A 310 -12.73 -27.60 7.97
CA HIS A 310 -13.61 -28.57 8.61
C HIS A 310 -14.57 -29.20 7.62
N TRP A 311 -15.18 -28.44 6.73
CA TRP A 311 -16.07 -28.95 5.70
C TRP A 311 -15.32 -29.78 4.66
N ASP A 312 -14.16 -29.34 4.20
CA ASP A 312 -13.31 -30.17 3.37
C ASP A 312 -12.92 -31.43 4.12
N GLY A 313 -12.52 -31.34 5.38
CA GLY A 313 -12.22 -32.50 6.19
C GLY A 313 -13.38 -33.48 6.23
N CYS A 314 -14.61 -33.01 6.35
CA CYS A 314 -15.77 -33.87 6.23
C CYS A 314 -15.96 -34.40 4.81
N LEU A 315 -15.86 -33.55 3.79
CA LEU A 315 -16.08 -33.90 2.40
C LEU A 315 -15.10 -35.00 1.94
N GLN A 316 -13.86 -34.89 2.37
CA GLN A 316 -12.81 -35.85 2.07
C GLN A 316 -13.15 -37.23 2.57
N PHE A 317 -13.96 -37.36 3.61
CA PHE A 317 -14.46 -38.65 4.08
C PHE A 317 -15.84 -38.96 3.52
N LEU A 318 -16.67 -37.95 3.32
CA LEU A 318 -18.03 -38.12 2.85
C LEU A 318 -18.05 -38.69 1.45
N VAL A 319 -17.21 -38.23 0.54
CA VAL A 319 -17.20 -38.78 -0.82
C VAL A 319 -16.77 -40.25 -0.85
N PRO A 320 -15.72 -40.69 -0.13
CA PRO A 320 -15.51 -42.10 0.18
C PRO A 320 -16.74 -42.81 0.74
N LEU A 321 -17.42 -42.26 1.74
CA LEU A 321 -18.60 -42.88 2.35
C LEU A 321 -19.77 -43.03 1.39
N LEU A 322 -20.09 -42.02 0.59
CA LEU A 322 -21.20 -42.08 -0.36
C LEU A 322 -20.95 -43.09 -1.47
N GLN A 323 -19.68 -43.42 -1.74
CA GLN A 323 -19.27 -44.51 -2.61
C GLN A 323 -19.12 -45.86 -1.87
N ASP A 324 -19.53 -45.94 -0.61
CA ASP A 324 -19.40 -47.13 0.24
C ASP A 324 -17.96 -47.60 0.46
N PHE A 325 -17.02 -46.66 0.58
CA PHE A 325 -15.59 -46.90 0.80
C PHE A 325 -14.96 -47.85 -0.20
N PRO A 326 -14.78 -47.42 -1.47
CA PRO A 326 -14.18 -48.26 -2.48
C PRO A 326 -12.72 -48.54 -2.12
N PRO A 327 -12.12 -49.64 -2.59
CA PRO A 327 -10.81 -50.08 -2.13
C PRO A 327 -9.68 -49.12 -2.53
N ASP A 328 -9.92 -48.23 -3.48
CA ASP A 328 -8.97 -47.23 -3.96
C ASP A 328 -9.11 -45.83 -3.36
N CYS A 329 -9.94 -45.63 -2.33
CA CYS A 329 -9.99 -44.35 -1.60
C CYS A 329 -9.12 -44.38 -0.34
N TRP A 330 -8.67 -43.22 0.11
CA TRP A 330 -7.75 -43.13 1.24
C TRP A 330 -8.27 -43.80 2.50
N VAL A 331 -9.58 -43.78 2.78
CA VAL A 331 -10.14 -44.39 3.98
C VAL A 331 -9.92 -45.90 3.99
N SER A 332 -10.07 -46.53 2.84
CA SER A 332 -9.80 -47.96 2.66
C SER A 332 -8.31 -48.26 2.59
N LEU A 333 -7.49 -47.44 1.92
CA LEU A 333 -6.05 -47.66 1.82
C LEU A 333 -5.36 -47.49 3.18
N ASN A 334 -5.79 -46.54 4.00
CA ASN A 334 -5.37 -46.37 5.39
C ASN A 334 -6.02 -47.39 6.33
N GLU A 335 -6.82 -48.32 5.83
CA GLU A 335 -7.51 -49.36 6.59
C GLU A 335 -8.31 -48.82 7.77
N MET A 336 -8.95 -47.65 7.61
CA MET A 336 -9.62 -46.94 8.71
C MET A 336 -11.10 -46.68 8.49
N VAL A 337 -11.77 -47.49 7.67
CA VAL A 337 -13.23 -47.49 7.52
C VAL A 337 -13.98 -47.85 8.82
N ASN A 338 -13.30 -48.52 9.76
CA ASN A 338 -13.84 -48.91 11.06
C ASN A 338 -13.13 -48.25 12.26
N ASP A 339 -12.23 -47.29 12.05
CA ASP A 339 -11.69 -46.48 13.14
C ASP A 339 -12.79 -45.64 13.79
N SER A 340 -12.57 -45.11 15.00
CA SER A 340 -13.56 -44.28 15.66
C SER A 340 -13.86 -43.02 14.86
N TRP A 341 -15.05 -42.44 15.03
CA TRP A 341 -15.44 -41.24 14.29
C TRP A 341 -14.42 -40.12 14.50
N GLY A 342 -13.83 -40.03 15.69
CA GLY A 342 -12.84 -39.03 16.03
C GLY A 342 -11.50 -39.27 15.35
N LYS A 343 -11.07 -40.52 15.20
CA LYS A 343 -9.83 -40.86 14.49
C LYS A 343 -9.98 -40.56 13.01
N GLN A 344 -11.10 -40.94 12.42
CA GLN A 344 -11.45 -40.62 11.05
C GLN A 344 -11.53 -39.13 10.81
N TYR A 345 -12.30 -38.41 11.62
CA TYR A 345 -12.40 -36.96 11.52
C TYR A 345 -11.03 -36.29 11.65
N SER A 346 -10.19 -36.72 12.59
CA SER A 346 -8.87 -36.13 12.76
C SER A 346 -8.00 -36.34 11.54
N TYR A 347 -8.07 -37.50 10.89
CA TYR A 347 -7.30 -37.75 9.69
C TYR A 347 -7.86 -36.99 8.50
N ALA A 348 -9.18 -37.01 8.34
CA ALA A 348 -9.83 -36.34 7.25
C ALA A 348 -9.62 -34.83 7.32
N LEU A 349 -9.72 -34.25 8.52
CA LEU A 349 -9.37 -32.86 8.78
C LEU A 349 -7.90 -32.59 8.46
N PHE A 350 -6.99 -33.45 8.89
CA PHE A 350 -5.57 -33.28 8.60
C PHE A 350 -5.30 -33.25 7.10
N LYS A 351 -5.94 -34.10 6.30
CA LYS A 351 -5.85 -34.01 4.84
C LYS A 351 -6.27 -32.63 4.36
N ALA A 352 -7.48 -32.20 4.71
CA ALA A 352 -7.98 -30.91 4.29
C ALA A 352 -7.10 -29.75 4.74
N MET A 353 -6.62 -29.78 5.97
CA MET A 353 -5.77 -28.76 6.54
C MET A 353 -4.41 -28.72 5.86
N SER A 354 -3.87 -29.86 5.42
CA SER A 354 -2.63 -29.90 4.66
C SER A 354 -2.79 -29.35 3.25
N HIS A 355 -3.95 -29.54 2.63
CA HIS A 355 -4.32 -28.92 1.35
C HIS A 355 -4.59 -27.43 1.52
N MET A 356 -5.03 -26.98 2.69
CA MET A 356 -5.24 -25.57 2.99
C MET A 356 -3.96 -24.82 3.25
N LEU A 357 -3.20 -25.22 4.27
CA LEU A 357 -2.02 -24.51 4.74
C LEU A 357 -0.75 -24.77 3.90
N CYS A 358 -0.92 -25.33 2.69
CA CYS A 358 0.14 -25.64 1.73
C CYS A 358 1.22 -26.60 2.28
N ILE A 359 0.87 -27.86 2.58
CA ILE A 359 1.79 -28.80 3.27
C ILE A 359 1.99 -30.15 2.58
N GLY A 360 0.94 -30.84 2.13
CA GLY A 360 1.09 -32.24 1.68
C GLY A 360 -0.24 -32.95 1.42
N TYR A 361 -0.27 -34.28 1.59
CA TYR A 361 -1.48 -35.11 1.50
C TYR A 361 -1.68 -35.94 2.77
N GLY A 362 -2.48 -36.99 2.72
CA GLY A 362 -2.36 -38.12 3.66
C GLY A 362 -1.07 -38.93 3.41
N ALA A 363 -1.08 -40.21 3.75
CA ALA A 363 0.07 -41.10 3.59
C ALA A 363 0.46 -41.37 2.11
N GLN A 364 -0.43 -41.11 1.15
CA GLN A 364 -0.23 -41.33 -0.28
C GLN A 364 -0.88 -40.22 -1.10
N ALA A 365 -0.39 -40.00 -2.32
CA ALA A 365 -1.14 -39.28 -3.34
C ALA A 365 -2.42 -40.06 -3.71
N PRO A 366 -3.55 -39.41 -4.07
CA PRO A 366 -4.82 -40.09 -4.23
C PRO A 366 -4.80 -41.12 -5.35
N VAL A 367 -5.40 -42.29 -5.13
CA VAL A 367 -5.43 -43.37 -6.12
C VAL A 367 -6.68 -43.28 -6.98
N SER A 368 -7.87 -43.27 -6.39
CA SER A 368 -9.14 -43.24 -7.13
C SER A 368 -9.48 -41.85 -7.62
N MET A 369 -10.18 -41.76 -8.76
CA MET A 369 -10.43 -40.49 -9.43
C MET A 369 -11.33 -39.55 -8.62
N SER A 370 -12.26 -40.06 -7.82
CA SER A 370 -13.07 -39.21 -6.95
C SER A 370 -12.27 -38.65 -5.78
N ASP A 371 -11.41 -39.44 -5.15
CA ASP A 371 -10.51 -38.97 -4.09
C ASP A 371 -9.50 -37.94 -4.61
N LEU A 372 -9.02 -38.16 -5.84
CA LEU A 372 -8.15 -37.26 -6.59
C LEU A 372 -8.82 -35.93 -6.89
N TRP A 373 -10.07 -35.92 -7.36
CA TRP A 373 -10.80 -34.69 -7.63
C TRP A 373 -11.26 -33.96 -6.38
N ILE A 374 -11.64 -34.66 -5.32
CA ILE A 374 -11.93 -34.01 -4.04
C ILE A 374 -10.66 -33.43 -3.43
N THR A 375 -9.52 -34.08 -3.61
CA THR A 375 -8.23 -33.51 -3.27
C THR A 375 -7.92 -32.26 -4.08
N MET A 376 -8.11 -32.27 -5.40
CA MET A 376 -7.91 -31.06 -6.21
C MET A 376 -8.86 -29.94 -5.79
N LEU A 377 -10.14 -30.23 -5.56
CA LEU A 377 -11.08 -29.22 -5.06
C LEU A 377 -10.59 -28.66 -3.72
N SER A 378 -10.14 -29.50 -2.81
CA SER A 378 -9.68 -29.08 -1.51
C SER A 378 -8.36 -28.32 -1.57
N MET A 379 -7.49 -28.61 -2.53
CA MET A 379 -6.32 -27.78 -2.83
C MET A 379 -6.71 -26.43 -3.39
N ILE A 380 -7.62 -26.36 -4.36
CA ILE A 380 -8.10 -25.09 -4.92
C ILE A 380 -8.73 -24.25 -3.83
N VAL A 381 -9.65 -24.79 -3.04
CA VAL A 381 -10.29 -24.08 -1.92
C VAL A 381 -9.26 -23.71 -0.86
N GLY A 382 -8.36 -24.63 -0.55
CA GLY A 382 -7.34 -24.49 0.47
C GLY A 382 -6.30 -23.43 0.14
N ALA A 383 -5.65 -23.52 -1.01
CA ALA A 383 -4.67 -22.55 -1.47
C ALA A 383 -5.31 -21.21 -1.83
N THR A 384 -6.59 -21.17 -2.23
CA THR A 384 -7.33 -19.91 -2.29
C THR A 384 -7.44 -19.30 -0.90
N CYS A 385 -7.88 -20.05 0.11
CA CYS A 385 -7.94 -19.56 1.48
C CYS A 385 -6.59 -19.08 1.97
N TYR A 386 -5.51 -19.83 1.77
CA TYR A 386 -4.21 -19.42 2.25
C TYR A 386 -3.69 -18.19 1.50
N ALA A 387 -3.94 -18.04 0.20
CA ALA A 387 -3.63 -16.81 -0.50
C ALA A 387 -4.42 -15.62 0.04
N MET A 388 -5.72 -15.80 0.27
CA MET A 388 -6.57 -14.80 0.89
C MET A 388 -6.08 -14.45 2.30
N PHE A 389 -5.51 -15.41 3.02
CA PHE A 389 -5.00 -15.24 4.37
C PHE A 389 -3.65 -14.57 4.42
N VAL A 390 -2.75 -14.88 3.48
CA VAL A 390 -1.53 -14.10 3.29
C VAL A 390 -1.86 -12.66 2.90
N GLY A 391 -2.88 -12.44 2.07
CA GLY A 391 -3.36 -11.11 1.75
C GLY A 391 -3.86 -10.36 2.97
N HIS A 392 -4.71 -10.97 3.80
CA HIS A 392 -5.18 -10.34 5.01
C HIS A 392 -4.09 -10.17 6.06
N ALA A 393 -3.16 -11.11 6.19
CA ALA A 393 -2.02 -10.98 7.09
C ALA A 393 -1.16 -9.79 6.66
N THR A 394 -0.93 -9.62 5.37
CA THR A 394 -0.21 -8.47 4.83
C THR A 394 -0.94 -7.17 5.11
N ALA A 395 -2.25 -7.10 4.86
CA ALA A 395 -3.04 -5.93 5.20
C ALA A 395 -3.05 -5.62 6.70
N LEU A 396 -3.12 -6.63 7.55
CA LEU A 396 -3.03 -6.47 9.00
C LEU A 396 -1.69 -5.86 9.37
N ILE A 397 -0.59 -6.41 8.87
CA ILE A 397 0.77 -5.93 9.15
C ILE A 397 0.97 -4.50 8.64
N GLN A 398 0.56 -4.20 7.41
CA GLN A 398 0.65 -2.86 6.85
C GLN A 398 -0.27 -1.84 7.53
N SER A 399 -1.33 -2.26 8.21
CA SER A 399 -2.14 -1.37 9.05
C SER A 399 -1.50 -1.14 10.42
N LEU A 400 -0.84 -2.14 11.00
CA LEU A 400 -0.32 -2.09 12.37
C LEU A 400 0.86 -1.12 12.51
N ASP A 401 1.78 -1.04 11.55
CA ASP A 401 2.84 -0.05 11.56
C ASP A 401 2.61 1.13 10.63
N SER A 402 1.37 1.34 10.19
CA SER A 402 1.00 2.30 9.15
C SER A 402 1.52 3.71 9.39
N SER A 403 1.48 4.21 10.62
CA SER A 403 1.99 5.54 10.93
C SER A 403 3.52 5.61 10.88
N ARG A 404 4.20 4.58 11.24
CA ARG A 404 5.64 4.58 11.16
C ARG A 404 6.05 4.41 9.77
N ARG A 405 5.34 3.66 9.00
CA ARG A 405 5.59 3.46 7.59
C ARG A 405 5.40 4.77 6.83
N GLN A 406 4.32 5.51 7.14
CA GLN A 406 4.06 6.81 6.55
C GLN A 406 5.08 7.85 6.97
N TYR A 407 5.59 7.82 8.20
CA TYR A 407 6.67 8.72 8.58
C TYR A 407 7.94 8.46 7.77
N GLN A 408 8.33 7.20 7.62
CA GLN A 408 9.55 6.87 6.90
C GLN A 408 9.40 7.08 5.39
N GLU A 409 8.20 6.93 4.84
CA GLU A 409 7.89 7.37 3.47
C GLU A 409 8.04 8.88 3.34
N LYS A 410 7.47 9.68 4.25
CA LYS A 410 7.64 11.14 4.22
C LYS A 410 9.10 11.52 4.35
N TYR A 411 9.82 10.92 5.30
CA TYR A 411 11.23 11.27 5.41
C TYR A 411 12.00 10.90 4.15
N LYS A 412 11.75 9.72 3.60
CA LYS A 412 12.39 9.38 2.33
C LYS A 412 12.14 10.42 1.26
N GLN A 413 11.01 11.13 1.25
CA GLN A 413 10.84 12.26 0.35
C GLN A 413 11.72 13.46 0.73
N VAL A 414 12.05 13.64 2.02
CA VAL A 414 13.04 14.63 2.44
C VAL A 414 14.43 14.22 1.94
N GLU A 415 14.80 12.94 2.01
CA GLU A 415 16.04 12.44 1.44
C GLU A 415 16.08 12.57 -0.08
N GLN A 416 14.96 12.36 -0.77
CA GLN A 416 14.86 12.59 -2.20
C GLN A 416 15.02 14.07 -2.53
N TYR A 417 14.42 14.98 -1.76
CA TYR A 417 14.67 16.42 -1.91
C TYR A 417 16.14 16.77 -1.70
N MET A 418 16.74 16.30 -0.61
CA MET A 418 18.14 16.54 -0.30
C MET A 418 19.07 16.05 -1.40
N SER A 419 18.81 14.86 -1.95
CA SER A 419 19.64 14.29 -3.00
C SER A 419 19.37 14.89 -4.37
N PHE A 420 18.15 15.31 -4.69
CA PHE A 420 17.85 16.07 -5.91
C PHE A 420 18.62 17.39 -5.94
N HIS A 421 18.62 18.11 -4.83
CA HIS A 421 19.39 19.34 -4.65
C HIS A 421 20.89 19.11 -4.39
N LYS A 422 21.36 17.86 -4.36
CA LYS A 422 22.76 17.46 -4.11
C LYS A 422 23.34 18.11 -2.85
N LEU A 423 22.57 18.19 -1.77
CA LEU A 423 23.01 18.85 -0.53
C LEU A 423 24.20 18.12 0.11
N PRO A 424 25.17 18.82 0.73
CA PRO A 424 26.30 18.22 1.42
C PRO A 424 25.87 17.25 2.51
N ALA A 425 26.64 16.19 2.74
CA ALA A 425 26.35 15.21 3.79
C ALA A 425 26.25 15.84 5.19
N ASP A 426 27.03 16.89 5.46
CA ASP A 426 26.98 17.65 6.71
C ASP A 426 25.62 18.33 6.92
N MET A 427 25.03 18.87 5.86
CA MET A 427 23.71 19.49 5.90
C MET A 427 22.59 18.46 5.84
N ARG A 428 22.80 17.34 5.17
CA ARG A 428 21.80 16.29 5.17
C ARG A 428 21.65 15.74 6.61
N GLN A 429 22.77 15.52 7.30
CA GLN A 429 22.74 15.10 8.70
C GLN A 429 22.03 16.14 9.56
N LYS A 430 22.26 17.43 9.31
CA LYS A 430 21.56 18.50 10.00
C LYS A 430 20.05 18.45 9.75
N ILE A 431 19.59 18.22 8.52
CA ILE A 431 18.18 18.08 8.22
C ILE A 431 17.60 16.82 8.85
N HIS A 432 18.33 15.70 8.87
CA HIS A 432 17.91 14.50 9.56
C HIS A 432 17.69 14.74 11.05
N ASP A 433 18.68 15.30 11.74
CA ASP A 433 18.57 15.63 13.15
C ASP A 433 17.48 16.65 13.42
N TYR A 434 17.17 17.54 12.47
CA TYR A 434 16.02 18.42 12.58
C TYR A 434 14.72 17.62 12.56
N TYR A 435 14.49 16.77 11.56
CA TYR A 435 13.25 15.98 11.51
C TYR A 435 13.07 15.08 12.72
N GLU A 436 14.15 14.50 13.21
CA GLU A 436 14.16 13.70 14.43
C GLU A 436 13.68 14.50 15.65
N HIS A 437 14.03 15.78 15.79
CA HIS A 437 13.55 16.60 16.90
C HIS A 437 12.24 17.33 16.63
N ARG A 438 11.95 17.61 15.36
CA ARG A 438 10.72 18.31 15.03
C ARG A 438 9.48 17.44 15.05
N TYR A 439 9.64 16.19 14.65
CA TYR A 439 8.53 15.25 14.54
C TYR A 439 8.66 14.04 15.46
N GLN A 440 9.83 13.78 16.05
CA GLN A 440 10.05 12.65 16.95
C GLN A 440 9.61 11.31 16.35
N GLY A 441 9.76 11.16 15.03
CA GLY A 441 9.38 9.96 14.28
C GLY A 441 7.88 9.78 14.08
N LYS A 442 7.07 10.80 14.41
CA LYS A 442 5.61 10.77 14.37
C LYS A 442 5.12 11.55 13.17
N ILE A 443 4.22 10.99 12.36
CA ILE A 443 3.65 11.70 11.21
C ILE A 443 2.24 12.18 11.51
N PHE A 444 2.03 13.47 11.26
CA PHE A 444 0.79 14.18 11.36
C PHE A 444 0.89 15.47 10.53
N ASP A 445 -0.24 16.07 10.20
CA ASP A 445 -0.28 17.44 9.72
C ASP A 445 -1.08 18.27 10.72
N GLU A 446 -0.42 19.16 11.45
CA GLU A 446 -1.04 19.95 12.51
C GLU A 446 -2.11 20.85 11.93
N GLU A 447 -1.85 21.46 10.77
CA GLU A 447 -2.78 22.35 10.12
C GLU A 447 -4.01 21.59 9.65
N ASN A 448 -3.84 20.39 9.11
CA ASN A 448 -4.96 19.57 8.70
C ASN A 448 -5.79 19.12 9.90
N ILE A 449 -5.16 18.55 10.93
CA ILE A 449 -5.85 18.02 12.10
C ILE A 449 -6.57 19.13 12.84
N LEU A 450 -5.94 20.27 13.10
CA LEU A 450 -6.62 21.37 13.76
C LEU A 450 -7.80 21.90 12.92
N ASN A 451 -7.76 21.86 11.59
CA ASN A 451 -8.91 22.23 10.76
C ASN A 451 -10.06 21.22 10.82
N GLU A 452 -9.78 19.95 11.10
CA GLU A 452 -10.81 18.91 11.24
C GLU A 452 -11.56 18.99 12.56
N LEU A 453 -10.95 19.53 13.61
CA LEU A 453 -11.57 19.71 14.93
C LEU A 453 -12.60 20.85 14.96
N ASN A 454 -13.43 20.89 16.01
CA ASN A 454 -14.26 22.04 16.33
C ASN A 454 -13.45 23.10 17.08
N ASP A 455 -14.03 24.28 17.30
CA ASP A 455 -13.36 25.34 18.02
C ASP A 455 -13.03 24.99 19.48
N PRO A 456 -13.96 24.51 20.31
CA PRO A 456 -13.68 24.14 21.70
C PRO A 456 -12.55 23.14 21.88
N LEU A 457 -12.39 22.21 20.95
CA LEU A 457 -11.38 21.17 20.99
C LEU A 457 -10.03 21.67 20.48
N ARG A 458 -9.99 22.52 19.45
CA ARG A 458 -8.78 23.29 19.12
C ARG A 458 -8.34 24.11 20.32
N GLU A 459 -9.26 24.85 20.93
CA GLU A 459 -8.97 25.73 22.06
C GLU A 459 -8.49 24.94 23.28
N GLU A 460 -9.00 23.76 23.54
CA GLU A 460 -8.51 22.91 24.63
C GLU A 460 -7.10 22.36 24.35
N ILE A 461 -6.84 21.89 23.13
CA ILE A 461 -5.51 21.42 22.70
C ILE A 461 -4.48 22.54 22.76
N VAL A 462 -4.83 23.71 22.24
CA VAL A 462 -3.97 24.89 22.23
C VAL A 462 -3.70 25.40 23.63
N ASN A 463 -4.70 25.49 24.50
CA ASN A 463 -4.51 25.94 25.87
C ASN A 463 -3.71 24.94 26.69
N PHE A 464 -3.82 23.63 26.44
CA PHE A 464 -2.93 22.65 27.08
C PHE A 464 -1.49 22.81 26.62
N ASN A 465 -1.24 22.96 25.32
CA ASN A 465 0.10 23.12 24.79
C ASN A 465 0.77 24.42 25.23
N CYS A 466 0.09 25.56 25.09
CA CYS A 466 0.74 26.86 25.02
C CYS A 466 0.41 27.81 26.18
N ARG A 467 -0.66 27.60 26.95
CA ARG A 467 -1.02 28.54 28.00
C ARG A 467 0.01 28.55 29.14
N LYS A 468 0.67 27.42 29.41
CA LYS A 468 1.79 27.37 30.35
C LYS A 468 2.99 28.19 29.89
N LEU A 469 3.27 28.24 28.58
CA LEU A 469 4.34 29.05 28.01
C LEU A 469 4.01 30.55 28.04
N VAL A 470 2.80 30.93 27.64
CA VAL A 470 2.41 32.34 27.57
C VAL A 470 2.09 32.97 28.92
N ALA A 471 1.62 32.22 29.92
CA ALA A 471 1.23 32.76 31.24
C ALA A 471 2.38 33.39 32.03
N THR A 472 3.64 33.08 31.70
CA THR A 472 4.80 33.77 32.26
C THR A 472 5.01 35.17 31.67
N MET A 473 4.55 35.45 30.45
CA MET A 473 4.81 36.72 29.80
C MET A 473 4.00 37.86 30.44
N PRO A 474 4.59 39.05 30.67
CA PRO A 474 3.88 40.16 31.28
C PRO A 474 2.81 40.76 30.34
N LEU A 475 2.93 40.52 29.03
CA LEU A 475 1.88 40.89 28.07
C LEU A 475 0.57 40.14 28.35
N PHE A 476 0.65 38.85 28.73
CA PHE A 476 -0.49 37.92 28.73
C PHE A 476 -0.92 37.45 30.12
N ALA A 477 -0.07 37.54 31.14
CA ALA A 477 -0.44 37.23 32.52
C ALA A 477 -1.60 38.10 33.05
N ASN A 478 -1.69 39.34 32.56
CA ASN A 478 -2.71 40.33 32.96
C ASN A 478 -3.84 40.53 31.93
N ALA A 479 -3.96 39.67 30.91
CA ALA A 479 -4.94 39.81 29.83
C ALA A 479 -6.19 38.92 30.00
N ASP A 480 -7.24 39.16 29.21
CA ASP A 480 -8.51 38.44 29.27
C ASP A 480 -8.42 37.00 28.70
N PRO A 481 -9.02 35.98 29.35
CA PRO A 481 -8.93 34.58 28.91
C PRO A 481 -9.37 34.30 27.48
N ASN A 482 -10.36 35.03 26.96
CA ASN A 482 -10.81 34.93 25.59
C ASN A 482 -9.76 35.43 24.59
N PHE A 483 -9.13 36.57 24.87
CA PHE A 483 -8.03 37.12 24.08
C PHE A 483 -6.84 36.18 24.06
N VAL A 484 -6.38 35.70 25.22
CA VAL A 484 -5.25 34.77 25.26
C VAL A 484 -5.59 33.50 24.51
N THR A 485 -6.80 32.94 24.66
CA THR A 485 -7.19 31.74 23.91
C THR A 485 -7.17 31.99 22.40
N ALA A 486 -7.55 33.19 21.94
CA ALA A 486 -7.47 33.55 20.53
C ALA A 486 -6.02 33.71 20.07
N MET A 487 -5.17 34.28 20.92
CA MET A 487 -3.74 34.49 20.68
C MET A 487 -2.98 33.19 20.56
N LEU A 488 -3.15 32.25 21.50
CA LEU A 488 -2.38 31.01 21.51
C LEU A 488 -2.56 30.21 20.21
N SER A 489 -3.72 30.31 19.55
CA SER A 489 -3.97 29.62 18.28
C SER A 489 -3.10 30.11 17.13
N LYS A 490 -2.56 31.32 17.24
CA LYS A 490 -1.66 31.95 16.26
C LYS A 490 -0.19 31.56 16.46
N LEU A 491 0.15 30.89 17.57
CA LEU A 491 1.51 30.41 17.81
C LEU A 491 1.85 29.30 16.83
N ARG A 492 3.05 29.40 16.27
CA ARG A 492 3.58 28.40 15.37
C ARG A 492 4.76 27.74 16.06
N PHE A 493 4.74 26.43 16.13
CA PHE A 493 5.81 25.64 16.74
C PHE A 493 7.02 25.57 15.81
N GLU A 494 8.21 25.86 16.33
CA GLU A 494 9.46 25.86 15.59
C GLU A 494 10.54 25.16 16.41
N VAL A 495 11.40 24.35 15.79
CA VAL A 495 12.49 23.68 16.49
C VAL A 495 13.82 24.19 15.97
N PHE A 496 14.70 24.65 16.84
CA PHE A 496 16.01 25.17 16.46
C PHE A 496 17.11 24.28 17.00
N GLN A 497 17.96 23.78 16.12
CA GLN A 497 19.09 22.94 16.47
C GLN A 497 20.23 23.78 17.07
N PRO A 498 21.13 23.21 17.87
CA PRO A 498 22.16 23.99 18.53
C PRO A 498 23.06 24.70 17.52
N GLY A 499 23.37 25.95 17.80
CA GLY A 499 24.09 26.87 16.91
C GLY A 499 23.21 27.63 15.92
N ASP A 500 21.95 27.26 15.74
CA ASP A 500 21.01 28.02 14.90
C ASP A 500 20.68 29.36 15.56
N TYR A 501 20.89 30.47 14.86
CA TYR A 501 20.44 31.77 15.32
C TYR A 501 18.93 31.88 15.10
N ILE A 502 18.15 31.96 16.17
CA ILE A 502 16.71 32.14 16.12
C ILE A 502 16.38 33.57 15.69
N ILE A 503 17.07 34.53 16.31
CA ILE A 503 17.01 35.94 15.99
C ILE A 503 18.42 36.46 15.79
N ARG A 504 18.66 37.33 14.81
CA ARG A 504 19.96 37.95 14.55
C ARG A 504 19.92 39.43 14.88
N GLU A 505 20.95 39.96 15.53
CA GLU A 505 20.99 41.39 15.82
C GLU A 505 20.95 42.20 14.53
N GLY A 506 20.21 43.31 14.52
CA GLY A 506 20.02 44.15 13.34
C GLY A 506 19.05 43.62 12.27
N ALA A 507 18.55 42.39 12.36
CA ALA A 507 17.46 41.91 11.50
C ALA A 507 16.10 42.49 11.92
N VAL A 508 15.16 42.63 10.98
CA VAL A 508 13.80 43.10 11.27
C VAL A 508 13.03 42.10 12.15
N GLY A 509 12.36 42.58 13.20
CA GLY A 509 11.63 41.76 14.18
C GLY A 509 10.29 41.22 13.69
N LYS A 510 10.27 40.38 12.66
CA LYS A 510 9.05 39.85 12.06
C LYS A 510 8.22 38.94 12.97
N LYS A 511 8.82 38.27 13.96
CA LYS A 511 8.14 37.43 14.96
C LYS A 511 8.86 37.37 16.29
N MET A 512 8.15 37.02 17.36
CA MET A 512 8.70 36.86 18.70
C MET A 512 8.42 35.47 19.27
N TYR A 513 9.29 35.02 20.16
CA TYR A 513 9.24 33.65 20.64
C TYR A 513 9.11 33.34 22.12
N PHE A 514 8.69 32.12 22.35
CA PHE A 514 8.49 31.51 23.66
C PHE A 514 9.21 30.17 23.67
N ILE A 515 9.89 29.80 24.74
CA ILE A 515 10.63 28.54 24.81
C ILE A 515 9.78 27.46 25.46
N GLN A 516 9.43 26.39 24.75
CA GLN A 516 8.81 25.21 25.35
C GLN A 516 9.88 24.36 26.04
N HIS A 517 11.00 24.12 25.36
CA HIS A 517 12.14 23.34 25.84
C HIS A 517 13.46 23.85 25.25
N GLY A 518 14.56 23.55 25.90
CA GLY A 518 15.92 23.87 25.46
C GLY A 518 16.44 25.20 26.00
N VAL A 519 17.73 25.45 25.85
CA VAL A 519 18.37 26.70 26.26
C VAL A 519 18.67 27.56 25.04
N ALA A 520 18.23 28.82 25.02
CA ALA A 520 18.56 29.77 23.96
C ALA A 520 19.36 30.93 24.55
N GLY A 521 20.59 31.13 24.10
CA GLY A 521 21.47 32.16 24.63
C GLY A 521 21.24 33.51 23.97
N VAL A 522 20.90 34.54 24.74
CA VAL A 522 20.88 35.90 24.25
C VAL A 522 22.31 36.44 24.13
N ILE A 523 22.90 36.33 22.95
CA ILE A 523 24.25 36.77 22.62
C ILE A 523 24.33 38.28 22.40
N THR A 524 24.04 39.05 23.45
CA THR A 524 23.93 40.51 23.40
C THR A 524 25.22 41.22 22.98
N LYS A 525 25.10 42.38 22.36
CA LYS A 525 26.22 43.15 21.81
C LYS A 525 27.13 43.81 22.87
N SER A 526 26.76 43.79 24.15
CA SER A 526 27.49 44.44 25.23
C SER A 526 27.34 43.75 26.60
N SER A 527 27.10 42.44 26.63
CA SER A 527 26.89 41.67 27.86
C SER A 527 27.24 40.18 27.70
N LYS A 528 27.38 39.47 28.82
CA LYS A 528 27.49 38.02 28.84
C LYS A 528 26.23 37.33 28.34
N GLU A 529 26.36 36.12 27.77
CA GLU A 529 25.25 35.39 27.19
C GLU A 529 24.25 34.90 28.26
N MET A 530 23.10 35.56 28.39
CA MET A 530 22.03 35.12 29.28
C MET A 530 21.35 33.87 28.70
N LYS A 531 21.56 32.70 29.29
CA LYS A 531 20.98 31.45 28.84
C LYS A 531 19.51 31.34 29.25
N LEU A 532 18.59 31.70 28.35
CA LEU A 532 17.16 31.59 28.57
C LEU A 532 16.73 30.12 28.55
N THR A 533 16.30 29.61 29.70
CA THR A 533 15.87 28.22 29.84
C THR A 533 14.40 28.01 29.46
N ASP A 534 13.95 26.76 29.45
CA ASP A 534 12.56 26.41 29.14
C ASP A 534 11.54 27.22 29.94
N GLY A 535 10.50 27.71 29.28
CA GLY A 535 9.49 28.61 29.84
C GLY A 535 9.79 30.10 29.70
N SER A 536 11.02 30.49 29.30
CA SER A 536 11.36 31.90 29.00
C SER A 536 10.72 32.39 27.69
N TYR A 537 10.85 33.68 27.39
CA TYR A 537 10.39 34.30 26.14
C TYR A 537 11.34 35.41 25.70
N PHE A 538 11.39 35.70 24.40
CA PHE A 538 12.33 36.65 23.81
C PHE A 538 11.87 37.16 22.45
N GLY A 539 12.49 38.22 21.96
CA GLY A 539 12.01 38.96 20.79
C GLY A 539 10.79 39.83 21.08
N GLU A 540 10.35 39.94 22.33
CA GLU A 540 9.12 40.61 22.74
C GLU A 540 9.02 42.08 22.33
N ILE A 541 10.14 42.78 22.17
CA ILE A 541 10.16 44.15 21.66
C ILE A 541 9.73 44.27 20.19
N CYS A 542 9.66 43.18 19.43
CA CYS A 542 9.20 43.17 18.05
C CYS A 542 7.73 43.56 17.91
N LEU A 543 6.87 43.06 18.80
CA LEU A 543 5.43 43.31 18.75
C LEU A 543 5.07 44.74 19.13
N LEU A 544 5.74 45.32 20.13
CA LEU A 544 5.48 46.68 20.58
C LEU A 544 6.18 47.79 19.77
N THR A 545 7.43 47.60 19.35
CA THR A 545 8.29 48.68 18.85
C THR A 545 8.54 48.73 17.34
N LYS A 546 8.23 47.67 16.60
CA LYS A 546 8.40 47.58 15.13
C LYS A 546 9.82 47.88 14.59
N GLY A 547 10.86 47.74 15.41
CA GLY A 547 12.28 47.96 15.04
C GLY A 547 13.07 46.69 14.73
N ARG A 548 14.33 46.85 14.33
CA ARG A 548 15.29 45.73 14.19
C ARG A 548 15.79 45.24 15.55
N ARG A 549 16.15 43.96 15.66
CA ARG A 549 16.45 43.31 16.93
C ARG A 549 17.72 43.86 17.60
N THR A 550 17.68 44.06 18.91
CA THR A 550 18.77 44.65 19.69
C THR A 550 19.81 43.65 20.24
N ALA A 551 19.54 42.35 20.14
CA ALA A 551 20.45 41.27 20.51
C ALA A 551 20.14 40.01 19.71
N SER A 552 21.16 39.27 19.29
CA SER A 552 20.95 37.97 18.67
C SER A 552 20.60 36.91 19.72
N VAL A 553 19.81 35.91 19.36
CA VAL A 553 19.48 34.78 20.24
C VAL A 553 19.76 33.49 19.49
N ARG A 554 20.62 32.65 20.04
CA ARG A 554 21.00 31.39 19.39
C ARG A 554 20.74 30.17 20.25
N ALA A 555 20.30 29.08 19.62
CA ALA A 555 20.01 27.84 20.30
C ALA A 555 21.28 27.23 20.89
N ASP A 556 21.34 27.00 22.20
CA ASP A 556 22.45 26.33 22.88
C ASP A 556 22.19 24.83 23.09
N THR A 557 20.96 24.40 22.84
CA THR A 557 20.50 23.01 22.78
C THR A 557 19.50 22.88 21.63
N TYR A 558 18.80 21.76 21.48
CA TYR A 558 17.69 21.68 20.54
C TYR A 558 16.48 22.42 21.13
N CYS A 559 16.37 23.72 20.88
CA CYS A 559 15.22 24.49 21.33
C CYS A 559 13.96 24.00 20.66
N ARG A 560 12.89 23.87 21.43
CA ARG A 560 11.53 23.76 20.92
C ARG A 560 10.83 25.02 21.31
N LEU A 561 10.42 25.83 20.34
CA LEU A 561 9.91 27.17 20.53
C LEU A 561 8.49 27.27 20.01
N TYR A 562 7.70 28.15 20.60
CA TYR A 562 6.49 28.66 19.99
C TYR A 562 6.73 30.09 19.54
N SER A 563 6.31 30.43 18.34
CA SER A 563 6.58 31.73 17.73
C SER A 563 5.31 32.46 17.36
N LEU A 564 5.29 33.78 17.50
CA LEU A 564 4.13 34.64 17.30
C LEU A 564 4.50 35.73 16.30
N SER A 565 4.10 35.59 15.03
CA SER A 565 4.45 36.61 14.04
C SER A 565 3.74 37.91 14.34
N VAL A 566 4.37 39.05 14.07
CA VAL A 566 3.72 40.34 14.31
C VAL A 566 2.56 40.58 13.33
N ASP A 567 2.61 39.96 12.15
CA ASP A 567 1.44 39.84 11.28
C ASP A 567 0.25 39.15 11.97
N ASN A 568 0.46 37.99 12.61
CA ASN A 568 -0.60 37.28 13.32
C ASN A 568 -0.98 37.93 14.65
N PHE A 569 -0.05 38.58 15.34
CA PHE A 569 -0.35 39.33 16.55
C PHE A 569 -1.32 40.45 16.25
N ASN A 570 -1.03 41.26 15.23
CA ASN A 570 -1.92 42.32 14.80
C ASN A 570 -3.25 41.79 14.25
N GLU A 571 -3.25 40.65 13.55
CA GLU A 571 -4.48 39.99 13.13
C GLU A 571 -5.40 39.60 14.29
N VAL A 572 -4.84 39.19 15.43
CA VAL A 572 -5.62 38.91 16.64
C VAL A 572 -5.98 40.18 17.41
N LEU A 573 -5.10 41.18 17.51
CA LEU A 573 -5.43 42.43 18.19
C LEU A 573 -6.55 43.23 17.50
N GLU A 574 -6.71 43.12 16.18
CA GLU A 574 -7.87 43.67 15.48
C GLU A 574 -9.20 43.08 15.97
N GLU A 575 -9.19 41.86 16.52
CA GLU A 575 -10.34 41.21 17.14
C GLU A 575 -10.58 41.61 18.60
N TYR A 576 -9.64 42.28 19.27
CA TYR A 576 -9.75 42.69 20.66
C TYR A 576 -9.24 44.13 20.91
N PRO A 577 -9.84 45.17 20.29
CA PRO A 577 -9.38 46.56 20.42
C PRO A 577 -9.21 47.08 21.84
N MET A 578 -9.94 46.53 22.82
CA MET A 578 -9.76 46.89 24.23
C MET A 578 -8.36 46.54 24.75
N MET A 579 -7.83 45.38 24.38
CA MET A 579 -6.46 44.99 24.67
C MET A 579 -5.45 45.76 23.80
N ARG A 580 -5.81 46.10 22.56
CA ARG A 580 -4.97 46.91 21.67
C ARG A 580 -4.70 48.30 22.23
N ARG A 581 -5.73 48.99 22.72
CA ARG A 581 -5.57 50.26 23.44
C ARG A 581 -4.84 50.10 24.78
N ALA A 582 -4.85 48.92 25.39
CA ALA A 582 -4.14 48.68 26.65
C ALA A 582 -2.62 48.48 26.43
N PHE A 583 -2.23 47.63 25.47
CA PHE A 583 -0.82 47.44 25.11
C PHE A 583 -0.21 48.73 24.53
N GLU A 584 -1.00 49.54 23.80
CA GLU A 584 -0.61 50.86 23.34
C GLU A 584 -0.29 51.86 24.48
N THR A 585 -0.65 51.56 25.72
CA THR A 585 -0.23 52.33 26.91
C THR A 585 1.23 52.08 27.32
N VAL A 586 1.86 51.02 26.82
CA VAL A 586 3.23 50.65 27.15
C VAL A 586 3.89 49.86 26.01
N MET B 94 -28.83 -6.86 -45.24
CA MET B 94 -28.91 -5.58 -45.96
C MET B 94 -27.63 -4.77 -45.75
N GLN B 95 -27.10 -4.12 -46.80
CA GLN B 95 -25.75 -3.52 -46.79
C GLN B 95 -25.57 -2.37 -45.78
N ARG B 96 -26.62 -1.61 -45.49
CA ARG B 96 -26.56 -0.54 -44.48
C ARG B 96 -26.37 -1.10 -43.07
N GLN B 97 -27.13 -2.13 -42.68
CA GLN B 97 -26.97 -2.83 -41.40
C GLN B 97 -25.64 -3.59 -41.31
N PHE B 98 -25.21 -4.22 -42.41
CA PHE B 98 -23.92 -4.89 -42.49
C PHE B 98 -22.73 -3.94 -42.29
N THR B 99 -22.77 -2.75 -42.91
CA THR B 99 -21.75 -1.71 -42.70
C THR B 99 -21.84 -1.12 -41.29
N SER B 100 -23.06 -0.94 -40.78
CA SER B 100 -23.32 -0.38 -39.45
C SER B 100 -22.66 -1.15 -38.32
N MET B 101 -22.58 -2.49 -38.42
CA MET B 101 -21.92 -3.32 -37.41
C MET B 101 -20.42 -3.05 -37.30
N LEU B 102 -19.73 -2.66 -38.38
CA LEU B 102 -18.28 -2.48 -38.40
C LEU B 102 -17.81 -1.11 -37.89
N GLN B 103 -18.72 -0.15 -37.70
CA GLN B 103 -18.46 1.21 -37.19
C GLN B 103 -18.63 1.29 -35.66
N PRO B 104 -18.00 2.25 -34.97
CA PRO B 104 -18.20 2.41 -33.53
C PRO B 104 -19.62 2.91 -33.27
N GLY B 105 -20.44 2.14 -32.58
CA GLY B 105 -21.85 2.45 -32.36
C GLY B 105 -22.08 3.63 -31.42
N VAL B 106 -23.29 4.18 -31.38
CA VAL B 106 -23.70 5.15 -30.36
C VAL B 106 -24.21 4.38 -29.14
N ASN B 107 -23.32 4.09 -28.19
CA ASN B 107 -23.60 3.31 -27.00
C ASN B 107 -22.88 3.88 -25.77
N LYS B 108 -23.23 3.42 -24.56
CA LYS B 108 -22.72 3.98 -23.30
C LYS B 108 -21.20 4.07 -23.24
N PHE B 109 -20.51 3.12 -23.82
CA PHE B 109 -19.06 3.14 -23.94
C PHE B 109 -18.58 4.19 -24.94
N SER B 110 -19.05 4.14 -26.18
CA SER B 110 -18.55 4.94 -27.28
C SER B 110 -18.81 6.43 -27.07
N LEU B 111 -20.01 6.79 -26.60
CA LEU B 111 -20.34 8.17 -26.23
C LEU B 111 -19.55 8.70 -25.02
N ARG B 112 -18.96 7.81 -24.21
CA ARG B 112 -18.03 8.15 -23.12
C ARG B 112 -16.56 8.17 -23.57
N MET B 113 -16.17 7.30 -24.48
CA MET B 113 -14.81 7.23 -25.03
C MET B 113 -14.51 8.40 -25.97
N PHE B 114 -15.42 8.67 -26.92
CA PHE B 114 -15.34 9.84 -27.81
C PHE B 114 -15.98 11.10 -27.23
N GLY B 115 -16.75 10.99 -26.16
CA GLY B 115 -17.26 12.11 -25.37
C GLY B 115 -18.53 12.79 -25.89
N SER B 116 -18.90 12.60 -27.15
CA SER B 116 -20.19 13.07 -27.68
C SER B 116 -20.67 12.21 -28.84
N GLN B 117 -21.99 12.17 -29.04
CA GLN B 117 -22.59 11.49 -30.18
C GLN B 117 -22.09 12.08 -31.52
N LYS B 118 -21.75 13.37 -31.57
CA LYS B 118 -21.13 13.99 -32.75
C LYS B 118 -19.68 13.54 -32.97
N ALA B 119 -18.89 13.33 -31.92
CA ALA B 119 -17.55 12.78 -32.04
C ALA B 119 -17.56 11.28 -32.40
N VAL B 120 -18.59 10.54 -31.96
CA VAL B 120 -18.86 9.18 -32.46
C VAL B 120 -19.17 9.23 -33.95
N GLU B 121 -20.11 10.04 -34.40
CA GLU B 121 -20.39 10.22 -35.83
C GLU B 121 -19.15 10.64 -36.63
N LYS B 122 -18.28 11.51 -36.10
CA LYS B 122 -17.02 11.87 -36.75
C LYS B 122 -16.11 10.66 -36.95
N GLU B 123 -16.07 9.73 -35.99
CA GLU B 123 -15.30 8.49 -36.11
C GLU B 123 -15.96 7.49 -37.06
N GLN B 124 -17.29 7.37 -37.06
CA GLN B 124 -18.02 6.61 -38.08
C GLN B 124 -17.72 7.15 -39.49
N GLU B 125 -17.79 8.47 -39.68
CA GLU B 125 -17.45 9.12 -40.95
C GLU B 125 -15.96 9.00 -41.32
N ARG B 126 -15.14 8.55 -40.37
CA ARG B 126 -13.73 8.30 -40.61
C ARG B 126 -13.65 6.88 -41.17
N VAL B 127 -14.23 5.94 -40.43
CA VAL B 127 -14.29 4.51 -40.80
C VAL B 127 -14.84 4.29 -42.21
N LYS B 128 -15.77 5.12 -42.67
CA LYS B 128 -16.26 5.12 -44.06
C LYS B 128 -15.21 5.43 -45.13
N THR B 129 -13.98 5.82 -44.79
CA THR B 129 -12.90 6.01 -45.79
C THR B 129 -12.46 4.72 -46.49
N ALA B 130 -12.32 3.59 -45.77
CA ALA B 130 -11.89 2.32 -46.33
C ALA B 130 -13.03 1.55 -47.03
N GLY B 131 -12.70 0.72 -48.03
CA GLY B 131 -13.66 -0.06 -48.82
C GLY B 131 -14.16 -1.32 -48.10
N PHE B 132 -14.83 -1.13 -46.97
CA PHE B 132 -15.09 -2.15 -45.94
C PHE B 132 -13.84 -2.73 -45.27
N TRP B 133 -12.64 -2.34 -45.73
CA TRP B 133 -11.35 -2.82 -45.23
C TRP B 133 -10.93 -2.22 -43.88
N ILE B 134 -11.84 -1.52 -43.17
CA ILE B 134 -11.69 -1.23 -41.75
C ILE B 134 -12.97 -1.61 -41.02
N ILE B 135 -12.84 -2.41 -39.98
CA ILE B 135 -13.79 -2.55 -38.89
C ILE B 135 -13.13 -1.92 -37.66
N HIS B 136 -13.86 -1.10 -36.93
CA HIS B 136 -13.31 -0.29 -35.85
C HIS B 136 -13.08 -1.12 -34.59
N PRO B 137 -12.03 -0.85 -33.79
CA PRO B 137 -11.74 -1.63 -32.60
C PRO B 137 -12.86 -1.60 -31.56
N TYR B 138 -13.73 -0.60 -31.56
CA TYR B 138 -14.87 -0.49 -30.66
C TYR B 138 -16.20 -0.88 -31.30
N SER B 139 -16.19 -1.39 -32.53
CA SER B 139 -17.41 -1.73 -33.25
C SER B 139 -18.15 -2.91 -32.63
N ASP B 140 -19.45 -3.02 -32.90
CA ASP B 140 -20.24 -4.18 -32.47
C ASP B 140 -19.76 -5.45 -33.17
N PHE B 141 -19.32 -5.37 -34.42
CA PHE B 141 -18.70 -6.51 -35.09
C PHE B 141 -17.46 -6.96 -34.35
N ARG B 142 -16.56 -6.04 -34.04
CA ARG B 142 -15.35 -6.39 -33.28
C ARG B 142 -15.72 -6.99 -31.94
N PHE B 143 -16.69 -6.42 -31.24
CA PHE B 143 -17.13 -7.00 -29.98
C PHE B 143 -17.65 -8.41 -30.12
N TYR B 144 -18.69 -8.64 -30.92
CA TYR B 144 -19.29 -9.97 -31.03
C TYR B 144 -18.35 -10.97 -31.69
N TRP B 145 -17.49 -10.54 -32.59
CA TRP B 145 -16.43 -11.35 -33.14
C TRP B 145 -15.42 -11.75 -32.07
N ASP B 146 -14.91 -10.82 -31.28
CA ASP B 146 -14.05 -11.18 -30.16
C ASP B 146 -14.78 -11.99 -29.11
N LEU B 147 -16.08 -11.79 -28.88
CA LEU B 147 -16.84 -12.57 -27.91
C LEU B 147 -16.94 -14.03 -28.36
N ILE B 148 -17.35 -14.28 -29.61
CA ILE B 148 -17.33 -15.65 -30.13
C ILE B 148 -15.90 -16.15 -30.29
N MET B 149 -14.90 -15.30 -30.47
CA MET B 149 -13.50 -15.71 -30.47
C MET B 149 -13.01 -16.10 -29.07
N LEU B 150 -13.39 -15.40 -28.00
CA LEU B 150 -13.01 -15.78 -26.65
C LEU B 150 -13.63 -17.14 -26.27
N ILE B 151 -14.93 -17.37 -26.51
CA ILE B 151 -15.51 -18.68 -26.19
C ILE B 151 -14.97 -19.80 -27.09
N MET B 152 -14.65 -19.48 -28.35
CA MET B 152 -13.96 -20.37 -29.28
C MET B 152 -12.56 -20.71 -28.78
N MET B 153 -11.83 -19.71 -28.32
CA MET B 153 -10.43 -19.78 -27.94
C MET B 153 -10.17 -20.35 -26.55
N VAL B 154 -11.01 -20.06 -25.55
CA VAL B 154 -10.94 -20.74 -24.26
C VAL B 154 -11.28 -22.21 -24.43
N GLY B 155 -12.31 -22.53 -25.22
CA GLY B 155 -12.63 -23.90 -25.57
C GLY B 155 -11.47 -24.58 -26.26
N ASN B 156 -10.93 -23.97 -27.31
CA ASN B 156 -9.84 -24.53 -28.08
C ASN B 156 -8.54 -24.68 -27.27
N LEU B 157 -8.14 -23.69 -26.47
CA LEU B 157 -6.96 -23.79 -25.63
C LEU B 157 -7.09 -24.74 -24.45
N VAL B 158 -8.29 -25.20 -24.12
CA VAL B 158 -8.54 -26.32 -23.19
C VAL B 158 -8.55 -27.65 -23.94
N ILE B 159 -9.23 -27.73 -25.08
CA ILE B 159 -9.46 -28.98 -25.83
C ILE B 159 -8.21 -29.45 -26.58
N ILE B 160 -7.42 -28.55 -27.17
CA ILE B 160 -6.23 -28.91 -27.96
C ILE B 160 -5.14 -29.59 -27.13
N PRO B 161 -4.69 -29.05 -25.98
CA PRO B 161 -3.74 -29.77 -25.15
C PRO B 161 -4.18 -31.18 -24.85
N VAL B 162 -5.46 -31.38 -24.52
CA VAL B 162 -6.00 -32.68 -24.14
C VAL B 162 -6.06 -33.63 -25.33
N GLY B 163 -6.54 -33.20 -26.48
CA GLY B 163 -6.59 -34.05 -27.67
C GLY B 163 -5.24 -34.41 -28.24
N ILE B 164 -4.24 -33.55 -28.07
CA ILE B 164 -2.87 -33.81 -28.48
C ILE B 164 -2.16 -34.72 -27.48
N THR B 165 -2.49 -34.62 -26.20
CA THR B 165 -1.84 -35.38 -25.13
C THR B 165 -2.45 -36.74 -24.89
N PHE B 166 -3.75 -36.85 -24.64
CA PHE B 166 -4.32 -38.09 -24.09
C PHE B 166 -5.04 -38.96 -25.12
N PHE B 167 -5.20 -38.50 -26.35
CA PHE B 167 -5.87 -39.24 -27.42
C PHE B 167 -4.89 -39.68 -28.51
N THR B 168 -5.03 -40.93 -28.95
CA THR B 168 -4.46 -41.40 -30.20
C THR B 168 -5.28 -40.91 -31.39
N GLU B 169 -4.69 -40.92 -32.60
CA GLU B 169 -5.39 -40.63 -33.84
C GLU B 169 -6.08 -39.24 -33.90
N GLN B 170 -5.31 -38.18 -33.67
CA GLN B 170 -5.71 -36.80 -34.00
C GLN B 170 -5.92 -36.55 -35.51
N THR B 171 -5.66 -37.54 -36.37
CA THR B 171 -6.03 -37.52 -37.79
C THR B 171 -7.46 -38.04 -38.08
N THR B 172 -8.26 -38.36 -37.06
CA THR B 172 -9.63 -38.90 -37.25
C THR B 172 -10.65 -37.83 -37.62
N THR B 173 -11.68 -38.21 -38.38
CA THR B 173 -12.72 -37.32 -38.91
C THR B 173 -13.32 -36.35 -37.88
N PRO B 174 -13.83 -36.79 -36.72
CA PRO B 174 -14.42 -35.87 -35.74
C PRO B 174 -13.40 -34.98 -35.04
N TRP B 175 -12.10 -35.22 -35.20
CA TRP B 175 -11.05 -34.35 -34.67
C TRP B 175 -10.50 -33.38 -35.72
N ILE B 176 -10.29 -33.81 -36.97
CA ILE B 176 -9.90 -32.89 -38.06
C ILE B 176 -11.03 -31.92 -38.43
N ILE B 177 -12.29 -32.28 -38.26
CA ILE B 177 -13.42 -31.36 -38.44
C ILE B 177 -13.38 -30.21 -37.44
N PHE B 178 -13.07 -30.48 -36.16
CA PHE B 178 -12.88 -29.44 -35.15
C PHE B 178 -11.70 -28.54 -35.46
N ASN B 179 -10.57 -29.12 -35.87
CA ASN B 179 -9.35 -28.39 -36.14
C ASN B 179 -9.39 -27.57 -37.44
N VAL B 180 -9.93 -28.09 -38.54
CA VAL B 180 -10.12 -27.33 -39.76
C VAL B 180 -11.19 -26.24 -39.60
N ALA B 181 -12.30 -26.52 -38.91
CA ALA B 181 -13.30 -25.49 -38.62
C ALA B 181 -12.73 -24.38 -37.73
N SER B 182 -12.12 -24.75 -36.61
CA SER B 182 -11.55 -23.76 -35.70
C SER B 182 -10.37 -23.01 -36.31
N ASP B 183 -9.45 -23.67 -37.02
CA ASP B 183 -8.38 -22.98 -37.73
C ASP B 183 -8.88 -22.11 -38.88
N THR B 184 -10.05 -22.40 -39.48
CA THR B 184 -10.74 -21.46 -40.35
C THR B 184 -11.16 -20.23 -39.56
N VAL B 185 -11.85 -20.38 -38.43
CA VAL B 185 -12.26 -19.24 -37.58
C VAL B 185 -11.08 -18.39 -37.13
N PHE B 186 -9.97 -19.01 -36.72
CA PHE B 186 -8.74 -18.30 -36.37
C PHE B 186 -7.93 -17.79 -37.57
N LEU B 187 -8.27 -18.15 -38.81
CA LEU B 187 -7.73 -17.56 -40.03
C LEU B 187 -8.60 -16.41 -40.53
N LEU B 188 -9.93 -16.51 -40.42
CA LEU B 188 -10.81 -15.35 -40.56
C LEU B 188 -10.39 -14.28 -39.56
N ASP B 189 -10.10 -14.64 -38.32
CA ASP B 189 -9.62 -13.69 -37.32
C ASP B 189 -8.28 -13.04 -37.66
N LEU B 190 -7.39 -13.76 -38.33
CA LEU B 190 -6.12 -13.21 -38.82
C LEU B 190 -6.38 -12.16 -39.91
N ILE B 191 -7.26 -12.48 -40.87
CA ILE B 191 -7.71 -11.58 -41.94
C ILE B 191 -8.43 -10.37 -41.35
N MET B 192 -9.27 -10.55 -40.34
CA MET B 192 -9.97 -9.47 -39.65
C MET B 192 -8.99 -8.50 -38.99
N ASN B 193 -7.89 -8.99 -38.42
CA ASN B 193 -6.89 -8.11 -37.81
C ASN B 193 -6.08 -7.28 -38.82
N PHE B 194 -5.98 -7.69 -40.09
CA PHE B 194 -5.43 -6.83 -41.13
C PHE B 194 -6.37 -5.68 -41.54
N ARG B 195 -7.61 -5.69 -41.06
CA ARG B 195 -8.62 -4.69 -41.35
C ARG B 195 -9.35 -4.24 -40.08
N THR B 196 -8.68 -4.16 -38.93
CA THR B 196 -9.32 -4.02 -37.62
C THR B 196 -8.97 -2.77 -36.83
N GLY B 197 -8.23 -1.82 -37.41
CA GLY B 197 -7.67 -0.70 -36.65
C GLY B 197 -6.77 -1.16 -35.50
N THR B 198 -6.54 -0.28 -34.55
CA THR B 198 -5.81 -0.58 -33.32
C THR B 198 -5.92 0.62 -32.38
N VAL B 199 -6.19 0.40 -31.10
CA VAL B 199 -6.27 1.48 -30.11
C VAL B 199 -4.86 1.89 -29.70
N ASN B 200 -4.35 3.01 -30.22
CA ASN B 200 -3.03 3.50 -29.83
C ASN B 200 -3.12 4.23 -28.49
N GLU B 201 -2.71 3.58 -27.41
CA GLU B 201 -2.81 4.15 -26.06
C GLU B 201 -1.96 5.43 -25.89
N ASP B 202 -0.83 5.53 -26.58
CA ASP B 202 0.09 6.68 -26.55
C ASP B 202 -0.46 7.93 -27.25
N SER B 203 -1.53 7.83 -28.05
CA SER B 203 -2.18 8.98 -28.69
C SER B 203 -3.70 9.03 -28.47
N SER B 204 -4.26 8.05 -27.77
CA SER B 204 -5.71 7.94 -27.51
C SER B 204 -6.57 8.01 -28.77
N GLU B 205 -6.08 7.45 -29.88
CA GLU B 205 -6.75 7.40 -31.18
C GLU B 205 -6.72 5.99 -31.78
N ILE B 206 -7.82 5.55 -32.40
CA ILE B 206 -7.83 4.35 -33.22
C ILE B 206 -7.07 4.59 -34.53
N ILE B 207 -6.08 3.76 -34.86
CA ILE B 207 -5.23 3.99 -36.04
C ILE B 207 -6.00 3.91 -37.37
N LEU B 208 -6.98 3.03 -37.46
CA LEU B 208 -8.13 3.07 -38.38
C LEU B 208 -7.88 3.38 -39.87
N ASP B 209 -6.68 3.10 -40.41
CA ASP B 209 -6.35 3.22 -41.82
C ASP B 209 -5.63 1.97 -42.32
N PRO B 210 -5.97 1.38 -43.49
CA PRO B 210 -5.67 -0.01 -43.78
C PRO B 210 -4.18 -0.31 -43.97
N LYS B 211 -3.43 0.52 -44.69
CA LYS B 211 -1.98 0.32 -44.84
C LYS B 211 -1.22 0.54 -43.53
N VAL B 212 -1.69 1.45 -42.68
CA VAL B 212 -1.12 1.68 -41.34
C VAL B 212 -1.43 0.53 -40.38
N ILE B 213 -2.64 -0.04 -40.44
CA ILE B 213 -3.05 -1.19 -39.65
C ILE B 213 -2.28 -2.45 -40.06
N LYS B 214 -2.21 -2.76 -41.36
CA LYS B 214 -1.47 -3.90 -41.88
C LYS B 214 0.03 -3.83 -41.59
N MET B 215 0.66 -2.68 -41.78
CA MET B 215 2.09 -2.50 -41.50
C MET B 215 2.42 -2.56 -40.01
N ASN B 216 1.57 -2.04 -39.13
CA ASN B 216 1.78 -2.16 -37.69
C ASN B 216 1.52 -3.57 -37.18
N TYR B 217 0.51 -4.27 -37.71
CA TYR B 217 0.15 -5.63 -37.32
C TYR B 217 1.19 -6.68 -37.74
N LEU B 218 1.63 -6.66 -39.00
CA LEU B 218 2.69 -7.53 -39.49
C LEU B 218 4.02 -7.33 -38.76
N LYS B 219 4.26 -6.15 -38.20
CA LYS B 219 5.41 -5.85 -37.35
C LYS B 219 5.22 -6.17 -35.87
N SER B 220 4.00 -6.38 -35.39
CA SER B 220 3.69 -6.53 -33.97
C SER B 220 3.36 -7.96 -33.53
N TRP B 221 2.42 -8.62 -34.22
CA TRP B 221 1.84 -9.90 -33.75
C TRP B 221 1.54 -10.93 -34.84
N PHE B 222 1.62 -10.58 -36.12
CA PHE B 222 1.26 -11.50 -37.20
C PHE B 222 2.01 -12.84 -37.15
N VAL B 223 3.28 -12.89 -36.73
CA VAL B 223 4.03 -14.16 -36.73
C VAL B 223 3.44 -15.18 -35.73
N VAL B 224 3.13 -14.77 -34.50
CA VAL B 224 2.45 -15.60 -33.51
C VAL B 224 1.01 -15.90 -33.91
N ASP B 225 0.30 -14.95 -34.51
CA ASP B 225 -1.06 -15.17 -34.98
C ASP B 225 -1.12 -16.11 -36.18
N PHE B 226 -0.21 -16.03 -37.14
CA PHE B 226 -0.22 -16.91 -38.32
C PHE B 226 0.16 -18.34 -37.97
N ILE B 227 1.26 -18.53 -37.23
CA ILE B 227 1.68 -19.84 -36.70
C ILE B 227 0.55 -20.51 -35.92
N SER B 228 -0.18 -19.76 -35.10
CA SER B 228 -1.31 -20.30 -34.34
C SER B 228 -2.61 -20.40 -35.13
N SER B 229 -2.71 -19.77 -36.29
CA SER B 229 -3.90 -19.76 -37.14
C SER B 229 -3.91 -20.93 -38.10
N ILE B 230 -2.89 -21.03 -38.95
CA ILE B 230 -2.83 -22.00 -40.03
C ILE B 230 -2.58 -23.41 -39.47
N PRO B 231 -3.19 -24.48 -40.02
CA PRO B 231 -3.04 -25.83 -39.50
C PRO B 231 -1.66 -26.44 -39.84
N VAL B 232 -0.59 -25.98 -39.19
CA VAL B 232 0.79 -26.44 -39.41
C VAL B 232 0.97 -27.94 -39.19
N ASP B 233 0.19 -28.54 -38.30
CA ASP B 233 0.15 -29.98 -38.05
C ASP B 233 -0.39 -30.75 -39.25
N TYR B 234 -1.52 -30.35 -39.82
CA TYR B 234 -2.07 -31.01 -41.01
C TYR B 234 -1.30 -30.65 -42.27
N ILE B 235 -0.69 -29.47 -42.36
CA ILE B 235 0.26 -29.15 -43.43
C ILE B 235 1.44 -30.12 -43.37
N PHE B 236 2.02 -30.38 -42.19
CA PHE B 236 3.12 -31.34 -42.08
C PHE B 236 2.70 -32.77 -42.41
N LEU B 237 1.49 -33.20 -42.07
CA LEU B 237 0.98 -34.50 -42.52
C LEU B 237 0.83 -34.57 -44.05
N ILE B 238 0.38 -33.51 -44.70
CA ILE B 238 0.30 -33.46 -46.18
C ILE B 238 1.69 -33.49 -46.81
N VAL B 239 2.67 -32.81 -46.23
CA VAL B 239 4.07 -32.86 -46.70
C VAL B 239 4.67 -34.26 -46.47
N GLU B 240 4.47 -34.86 -45.30
CA GLU B 240 5.00 -36.19 -44.95
C GLU B 240 4.34 -37.33 -45.76
N LYS B 241 3.07 -37.21 -46.11
CA LYS B 241 2.40 -38.11 -47.05
C LYS B 241 2.88 -37.94 -48.51
N GLY B 242 3.59 -36.86 -48.82
CA GLY B 242 4.24 -36.61 -50.12
C GLY B 242 5.59 -37.32 -50.24
N ARG B 252 8.46 -44.67 -40.41
CA ARG B 252 8.54 -43.30 -39.92
C ARG B 252 7.35 -42.86 -39.06
N ALA B 253 6.30 -43.69 -38.96
CA ALA B 253 5.01 -43.28 -38.40
C ALA B 253 5.10 -42.77 -36.94
N LEU B 254 5.87 -43.42 -36.08
CA LEU B 254 6.09 -42.99 -34.71
C LEU B 254 6.78 -41.63 -34.61
N ARG B 255 7.74 -41.32 -35.48
CA ARG B 255 8.39 -40.01 -35.56
C ARG B 255 7.45 -38.92 -36.09
N ILE B 256 6.60 -39.24 -37.09
CA ILE B 256 5.59 -38.29 -37.58
C ILE B 256 4.56 -37.99 -36.49
N VAL B 257 4.06 -39.01 -35.78
CA VAL B 257 3.13 -38.80 -34.66
C VAL B 257 3.78 -38.08 -33.47
N ARG B 258 5.09 -38.24 -33.24
CA ARG B 258 5.83 -37.38 -32.32
C ARG B 258 5.81 -35.94 -32.79
N PHE B 259 6.36 -35.64 -33.97
CA PHE B 259 6.57 -34.26 -34.39
C PHE B 259 5.27 -33.50 -34.61
N THR B 260 4.23 -34.15 -35.15
CA THR B 260 2.92 -33.51 -35.33
C THR B 260 2.26 -33.09 -34.03
N LYS B 261 2.51 -33.75 -32.90
CA LYS B 261 2.00 -33.30 -31.60
C LYS B 261 2.67 -32.01 -31.14
N ILE B 262 3.99 -31.86 -31.30
CA ILE B 262 4.69 -30.60 -31.01
C ILE B 262 4.20 -29.48 -31.94
N LEU B 263 4.11 -29.75 -33.25
CA LEU B 263 3.56 -28.78 -34.20
C LEU B 263 2.13 -28.37 -33.85
N SER B 264 1.30 -29.31 -33.41
CA SER B 264 -0.08 -28.99 -33.04
C SER B 264 -0.16 -28.09 -31.82
N LEU B 265 0.77 -28.17 -30.86
CA LEU B 265 0.81 -27.21 -29.76
C LEU B 265 1.25 -25.79 -30.17
N LEU B 266 1.61 -25.52 -31.42
CA LEU B 266 1.70 -24.15 -31.93
C LEU B 266 0.33 -23.45 -31.96
N ARG B 267 -0.77 -24.22 -31.97
CA ARG B 267 -2.12 -23.70 -31.73
C ARG B 267 -2.25 -23.05 -30.36
N LEU B 268 -1.44 -23.42 -29.37
CA LEU B 268 -1.49 -22.81 -28.06
C LEU B 268 -1.04 -21.35 -28.06
N LEU B 269 -0.33 -20.90 -29.10
CA LEU B 269 -0.05 -19.47 -29.29
C LEU B 269 -1.30 -18.64 -29.57
N ARG B 270 -2.49 -19.26 -29.70
CA ARG B 270 -3.77 -18.56 -29.54
C ARG B 270 -3.91 -17.93 -28.16
N LEU B 271 -3.15 -18.34 -27.15
CA LEU B 271 -3.14 -17.66 -25.85
C LEU B 271 -2.67 -16.21 -25.98
N SER B 272 -1.85 -15.87 -26.97
CA SER B 272 -1.49 -14.47 -27.21
C SER B 272 -2.74 -13.66 -27.57
N ARG B 273 -3.60 -14.18 -28.44
CA ARG B 273 -4.89 -13.59 -28.77
C ARG B 273 -5.85 -13.58 -27.59
N LEU B 274 -5.89 -14.64 -26.80
CA LEU B 274 -6.74 -14.65 -25.61
C LEU B 274 -6.32 -13.55 -24.64
N ILE B 275 -5.03 -13.41 -24.33
CA ILE B 275 -4.50 -12.34 -23.49
C ILE B 275 -4.88 -10.98 -24.07
N ARG B 276 -4.61 -10.75 -25.34
CA ARG B 276 -4.90 -9.49 -26.03
C ARG B 276 -6.38 -9.15 -26.04
N TYR B 277 -7.24 -10.04 -26.51
CA TYR B 277 -8.66 -9.74 -26.62
C TYR B 277 -9.32 -9.60 -25.24
N ILE B 278 -8.87 -10.33 -24.23
CA ILE B 278 -9.29 -10.08 -22.86
C ILE B 278 -8.85 -8.69 -22.41
N HIS B 279 -7.58 -8.30 -22.58
CA HIS B 279 -7.13 -6.98 -22.12
C HIS B 279 -7.83 -5.84 -22.86
N GLN B 280 -8.05 -5.95 -24.16
CA GLN B 280 -8.84 -4.96 -24.91
C GLN B 280 -10.25 -4.87 -24.38
N TRP B 281 -10.96 -5.98 -24.21
CA TRP B 281 -12.33 -5.92 -23.74
C TRP B 281 -12.47 -5.57 -22.27
N GLU B 282 -11.45 -5.77 -21.46
CA GLU B 282 -11.45 -5.28 -20.09
C GLU B 282 -11.11 -3.81 -19.99
N GLU B 283 -10.22 -3.26 -20.82
CA GLU B 283 -10.04 -1.81 -20.92
C GLU B 283 -11.34 -1.14 -21.35
N ILE B 284 -12.05 -1.74 -22.30
CA ILE B 284 -13.37 -1.25 -22.73
C ILE B 284 -14.41 -1.42 -21.62
N PHE B 285 -14.42 -2.53 -20.89
CA PHE B 285 -15.40 -2.75 -19.83
C PHE B 285 -15.14 -1.93 -18.56
N HIS B 286 -13.90 -1.58 -18.21
CA HIS B 286 -13.67 -0.57 -17.17
C HIS B 286 -14.30 0.76 -17.55
N MET B 287 -14.13 1.18 -18.80
CA MET B 287 -14.79 2.34 -19.41
C MET B 287 -16.30 2.18 -19.63
N THR B 288 -16.94 1.12 -19.14
CA THR B 288 -18.37 0.87 -19.34
C THR B 288 -19.10 0.52 -18.04
N TYR B 289 -18.43 -0.15 -17.10
CA TYR B 289 -19.07 -0.72 -15.92
C TYR B 289 -18.33 -0.46 -14.60
N ASP B 290 -17.15 0.15 -14.61
CA ASP B 290 -16.33 0.39 -13.41
C ASP B 290 -16.18 -0.86 -12.52
N LEU B 291 -15.73 -1.96 -13.12
CA LEU B 291 -15.33 -3.15 -12.36
C LEU B 291 -14.15 -2.81 -11.45
N ALA B 292 -14.11 -3.36 -10.25
CA ALA B 292 -12.97 -3.18 -9.36
C ALA B 292 -11.71 -3.76 -10.01
N SER B 293 -10.62 -2.99 -10.09
CA SER B 293 -9.42 -3.35 -10.82
C SER B 293 -8.87 -4.71 -10.38
N ALA B 294 -8.70 -4.89 -9.08
CA ALA B 294 -8.18 -6.12 -8.53
C ALA B 294 -9.12 -7.31 -8.73
N VAL B 295 -10.43 -7.11 -8.84
CA VAL B 295 -11.39 -8.18 -9.13
C VAL B 295 -11.30 -8.60 -10.60
N VAL B 296 -11.04 -7.67 -11.52
CA VAL B 296 -10.78 -8.04 -12.91
C VAL B 296 -9.45 -8.78 -13.00
N ARG B 297 -8.43 -8.25 -12.33
CA ARG B 297 -7.08 -8.84 -12.33
C ARG B 297 -6.95 -10.23 -11.70
N ILE B 298 -7.62 -10.44 -10.57
CA ILE B 298 -7.67 -11.76 -9.95
C ILE B 298 -8.36 -12.76 -10.87
N PHE B 299 -9.40 -12.38 -11.60
CA PHE B 299 -10.06 -13.28 -12.55
C PHE B 299 -9.31 -13.46 -13.86
N ASN B 300 -8.48 -12.52 -14.28
CA ASN B 300 -7.48 -12.79 -15.31
C ASN B 300 -6.57 -13.90 -14.84
N LEU B 301 -6.00 -13.75 -13.66
CA LEU B 301 -5.01 -14.68 -13.17
C LEU B 301 -5.61 -16.03 -12.78
N ILE B 302 -6.79 -16.11 -12.18
CA ILE B 302 -7.46 -17.39 -11.93
C ILE B 302 -7.70 -18.11 -13.25
N GLY B 303 -8.12 -17.40 -14.30
CA GLY B 303 -8.24 -17.97 -15.64
C GLY B 303 -6.90 -18.43 -16.20
N MET B 304 -5.83 -17.67 -16.00
CA MET B 304 -4.48 -18.03 -16.43
C MET B 304 -3.88 -19.19 -15.65
N MET B 305 -4.08 -19.24 -14.34
CA MET B 305 -3.69 -20.36 -13.49
C MET B 305 -4.38 -21.62 -13.92
N LEU B 306 -5.70 -21.61 -14.08
CA LEU B 306 -6.43 -22.78 -14.54
C LEU B 306 -5.92 -23.24 -15.90
N LEU B 307 -5.63 -22.33 -16.82
CA LEU B 307 -5.08 -22.69 -18.12
C LEU B 307 -3.66 -23.22 -18.03
N LEU B 308 -2.74 -22.55 -17.34
CA LEU B 308 -1.37 -23.02 -17.19
C LEU B 308 -1.28 -24.30 -16.37
N CYS B 309 -2.14 -24.49 -15.37
CA CYS B 309 -2.28 -25.72 -14.63
C CYS B 309 -2.77 -26.85 -15.52
N HIS B 310 -3.74 -26.55 -16.40
CA HIS B 310 -4.23 -27.48 -17.40
C HIS B 310 -3.18 -27.82 -18.44
N TRP B 311 -2.44 -26.84 -18.94
CA TRP B 311 -1.34 -27.05 -19.88
C TRP B 311 -0.19 -27.79 -19.26
N ASP B 312 0.23 -27.46 -18.04
CA ASP B 312 1.21 -28.24 -17.32
C ASP B 312 0.68 -29.66 -17.11
N GLY B 313 -0.57 -29.82 -16.70
CA GLY B 313 -1.18 -31.12 -16.57
C GLY B 313 -1.08 -31.92 -17.85
N CYS B 314 -1.30 -31.32 -19.00
CA CYS B 314 -1.08 -31.98 -20.27
C CYS B 314 0.40 -32.25 -20.51
N LEU B 315 1.27 -31.27 -20.31
CA LEU B 315 2.70 -31.37 -20.56
C LEU B 315 3.35 -32.48 -19.76
N GLN B 316 2.93 -32.63 -18.51
CA GLN B 316 3.42 -33.66 -17.61
C GLN B 316 3.12 -35.04 -18.12
N PHE B 317 2.10 -35.23 -18.95
CA PHE B 317 1.83 -36.49 -19.62
C PHE B 317 2.40 -36.52 -21.03
N LEU B 318 2.42 -35.39 -21.72
CA LEU B 318 2.88 -35.30 -23.08
C LEU B 318 4.36 -35.63 -23.19
N VAL B 319 5.19 -35.15 -22.28
CA VAL B 319 6.62 -35.45 -22.35
C VAL B 319 6.90 -36.94 -22.13
N PRO B 320 6.29 -37.64 -21.15
CA PRO B 320 6.22 -39.10 -21.14
C PRO B 320 5.75 -39.72 -22.45
N LEU B 321 4.66 -39.24 -23.05
CA LEU B 321 4.13 -39.79 -24.29
C LEU B 321 5.08 -39.63 -25.48
N LEU B 322 5.70 -38.46 -25.66
CA LEU B 322 6.62 -38.21 -26.77
C LEU B 322 7.88 -39.07 -26.66
N GLN B 323 8.22 -39.50 -25.45
CA GLN B 323 9.27 -40.49 -25.19
C GLN B 323 8.76 -41.94 -25.23
N ASP B 324 7.51 -42.18 -25.64
CA ASP B 324 6.87 -43.49 -25.67
C ASP B 324 6.76 -44.18 -24.31
N PHE B 325 6.51 -43.42 -23.25
CA PHE B 325 6.36 -43.87 -21.86
C PHE B 325 7.53 -44.73 -21.37
N PRO B 326 8.71 -44.13 -21.15
CA PRO B 326 9.85 -44.87 -20.66
C PRO B 326 9.58 -45.40 -19.25
N PRO B 327 10.23 -46.48 -18.81
CA PRO B 327 9.88 -47.15 -17.56
C PRO B 327 10.14 -46.30 -16.32
N ASP B 328 10.94 -45.24 -16.44
CA ASP B 328 11.27 -44.33 -15.36
C ASP B 328 10.45 -43.04 -15.31
N CYS B 329 9.38 -42.89 -16.10
CA CYS B 329 8.45 -41.76 -15.97
C CYS B 329 7.24 -42.10 -15.12
N TRP B 330 6.61 -41.10 -14.51
CA TRP B 330 5.50 -41.32 -13.60
C TRP B 330 4.35 -42.11 -14.19
N VAL B 331 4.06 -41.96 -15.48
CA VAL B 331 2.94 -42.67 -16.13
C VAL B 331 3.19 -44.17 -16.11
N SER B 332 4.43 -44.60 -16.36
CA SER B 332 4.83 -45.99 -16.28
C SER B 332 4.97 -46.48 -14.84
N LEU B 333 5.53 -45.68 -13.93
CA LEU B 333 5.68 -46.07 -12.52
C LEU B 333 4.34 -46.22 -11.81
N ASN B 334 3.38 -45.37 -12.12
CA ASN B 334 1.99 -45.48 -11.67
C ASN B 334 1.20 -46.54 -12.46
N GLU B 335 1.84 -47.26 -13.38
CA GLU B 335 1.22 -48.30 -14.20
C GLU B 335 -0.05 -47.85 -14.92
N MET B 336 -0.09 -46.61 -15.40
CA MET B 336 -1.30 -46.00 -15.96
C MET B 336 -1.15 -45.50 -17.39
N VAL B 337 -0.24 -46.08 -18.17
CA VAL B 337 -0.13 -45.86 -19.62
C VAL B 337 -1.36 -46.32 -20.39
N ASN B 338 -2.17 -47.22 -19.83
CA ASN B 338 -3.41 -47.73 -20.41
C ASN B 338 -4.67 -47.39 -19.61
N ASP B 339 -4.59 -46.53 -18.59
CA ASP B 339 -5.79 -45.99 -17.94
C ASP B 339 -6.60 -45.13 -18.92
N SER B 340 -7.86 -44.83 -18.63
CA SER B 340 -8.68 -43.99 -19.50
C SER B 340 -8.09 -42.59 -19.62
N TRP B 341 -8.38 -41.89 -20.72
CA TRP B 341 -7.86 -40.54 -20.95
C TRP B 341 -8.21 -39.62 -19.77
N GLY B 342 -9.39 -39.81 -19.19
CA GLY B 342 -9.86 -39.02 -18.06
C GLY B 342 -9.11 -39.32 -16.77
N LYS B 343 -8.77 -40.58 -16.51
CA LYS B 343 -7.99 -40.97 -15.34
C LYS B 343 -6.57 -40.40 -15.43
N GLN B 344 -5.96 -40.52 -16.61
CA GLN B 344 -4.65 -39.96 -16.90
C GLN B 344 -4.67 -38.44 -16.78
N TYR B 345 -5.59 -37.77 -17.45
CA TYR B 345 -5.73 -36.32 -17.34
C TYR B 345 -5.93 -35.88 -15.91
N SER B 346 -6.77 -36.56 -15.13
CA SER B 346 -7.00 -36.19 -13.74
C SER B 346 -5.74 -36.32 -12.90
N TYR B 347 -4.93 -37.33 -13.14
CA TYR B 347 -3.69 -37.48 -12.39
C TYR B 347 -2.65 -36.47 -12.85
N ALA B 348 -2.52 -36.28 -14.16
CA ALA B 348 -1.56 -35.36 -14.73
C ALA B 348 -1.87 -33.93 -14.30
N LEU B 349 -3.14 -33.56 -14.31
CA LEU B 349 -3.61 -32.29 -13.79
C LEU B 349 -3.31 -32.17 -12.30
N PHE B 350 -3.57 -33.20 -11.51
CA PHE B 350 -3.29 -33.18 -10.08
C PHE B 350 -1.80 -32.93 -9.80
N LYS B 351 -0.89 -33.55 -10.55
CA LYS B 351 0.54 -33.25 -10.46
C LYS B 351 0.77 -31.76 -10.68
N ALA B 352 0.34 -31.23 -11.81
CA ALA B 352 0.53 -29.83 -12.14
C ALA B 352 -0.08 -28.89 -11.11
N MET B 353 -1.27 -29.19 -10.65
CA MET B 353 -1.98 -28.41 -9.65
C MET B 353 -1.27 -28.43 -8.30
N SER B 354 -0.66 -29.55 -7.92
CA SER B 354 0.13 -29.64 -6.69
C SER B 354 1.43 -28.85 -6.79
N HIS B 355 2.05 -28.77 -7.97
CA HIS B 355 3.19 -27.90 -8.24
C HIS B 355 2.80 -26.43 -8.30
N MET B 356 1.55 -26.14 -8.67
CA MET B 356 1.02 -24.79 -8.70
C MET B 356 0.67 -24.25 -7.31
N LEU B 357 -0.25 -24.91 -6.63
CA LEU B 357 -0.81 -24.46 -5.35
C LEU B 357 0.10 -24.75 -4.14
N CYS B 358 1.38 -25.07 -4.39
CA CYS B 358 2.40 -25.37 -3.38
C CYS B 358 2.04 -26.54 -2.43
N ILE B 359 1.93 -27.78 -2.95
CA ILE B 359 1.42 -28.92 -2.18
C ILE B 359 2.32 -30.17 -2.16
N GLY B 360 2.86 -30.63 -3.30
CA GLY B 360 3.53 -31.94 -3.34
C GLY B 360 3.86 -32.41 -4.76
N TYR B 361 3.91 -33.73 -4.96
CA TYR B 361 4.12 -34.37 -6.27
C TYR B 361 2.98 -35.37 -6.59
N GLY B 362 3.18 -36.28 -7.53
CA GLY B 362 2.44 -37.54 -7.55
C GLY B 362 2.84 -38.46 -6.39
N ALA B 363 2.71 -39.78 -6.58
CA ALA B 363 3.05 -40.77 -5.56
C ALA B 363 4.55 -40.86 -5.21
N GLN B 364 5.43 -40.33 -6.07
CA GLN B 364 6.89 -40.34 -5.89
C GLN B 364 7.51 -39.03 -6.38
N ALA B 365 8.69 -38.67 -5.87
CA ALA B 365 9.56 -37.70 -6.52
C ALA B 365 10.02 -38.23 -7.89
N PRO B 366 10.24 -37.39 -8.92
CA PRO B 366 10.48 -37.86 -10.28
C PRO B 366 11.76 -38.69 -10.40
N VAL B 367 11.71 -39.79 -11.15
CA VAL B 367 12.86 -40.67 -11.33
C VAL B 367 13.68 -40.28 -12.55
N SER B 368 13.06 -40.21 -13.73
CA SER B 368 13.75 -39.89 -14.98
C SER B 368 14.01 -38.40 -15.13
N MET B 369 15.10 -38.04 -15.82
CA MET B 369 15.55 -36.65 -15.89
C MET B 369 14.59 -35.74 -16.65
N SER B 370 13.86 -36.24 -17.64
CA SER B 370 12.84 -35.45 -18.32
C SER B 370 11.62 -35.20 -17.45
N ASP B 371 11.14 -36.18 -16.71
CA ASP B 371 10.03 -36.01 -15.76
C ASP B 371 10.42 -35.06 -14.61
N LEU B 372 11.66 -35.15 -14.16
CA LEU B 372 12.28 -34.27 -13.18
C LEU B 372 12.36 -32.82 -13.67
N TRP B 373 12.79 -32.57 -14.90
CA TRP B 373 12.83 -31.22 -15.45
C TRP B 373 11.48 -30.65 -15.82
N ILE B 374 10.53 -31.45 -16.29
CA ILE B 374 9.16 -30.99 -16.49
C ILE B 374 8.50 -30.69 -15.15
N THR B 375 8.82 -31.45 -14.10
CA THR B 375 8.41 -31.12 -12.75
C THR B 375 9.01 -29.81 -12.27
N MET B 376 10.31 -29.58 -12.46
CA MET B 376 10.91 -28.29 -12.09
C MET B 376 10.31 -27.14 -12.89
N LEU B 377 10.10 -27.28 -14.20
CA LEU B 377 9.42 -26.26 -14.98
C LEU B 377 8.02 -25.98 -14.42
N SER B 378 7.27 -27.02 -14.10
CA SER B 378 5.92 -26.88 -13.57
C SER B 378 5.90 -26.31 -12.16
N MET B 379 6.91 -26.56 -11.34
CA MET B 379 7.11 -25.86 -10.07
C MET B 379 7.43 -24.38 -10.28
N ILE B 380 8.35 -24.03 -11.17
CA ILE B 380 8.69 -22.64 -11.46
C ILE B 380 7.46 -21.90 -11.97
N VAL B 381 6.74 -22.45 -12.96
CA VAL B 381 5.52 -21.85 -13.49
C VAL B 381 4.44 -21.80 -12.42
N GLY B 382 4.30 -22.87 -11.66
CA GLY B 382 3.30 -23.03 -10.63
C GLY B 382 3.47 -22.08 -9.46
N ALA B 383 4.64 -22.08 -8.83
CA ALA B 383 4.95 -21.19 -7.73
C ALA B 383 5.08 -19.73 -8.17
N THR B 384 5.44 -19.44 -9.43
CA THR B 384 5.28 -18.11 -10.00
C THR B 384 3.81 -17.73 -10.02
N CYS B 385 2.93 -18.55 -10.56
CA CYS B 385 1.49 -18.28 -10.55
C CYS B 385 0.95 -18.09 -9.14
N TYR B 386 1.31 -18.94 -8.18
CA TYR B 386 0.80 -18.78 -6.83
C TYR B 386 1.35 -17.53 -6.15
N ALA B 387 2.60 -17.13 -6.38
CA ALA B 387 3.10 -15.86 -5.90
C ALA B 387 2.36 -14.69 -6.51
N MET B 388 2.14 -14.71 -7.83
CA MET B 388 1.34 -13.72 -8.54
C MET B 388 -0.08 -13.69 -8.00
N PHE B 389 -0.63 -14.82 -7.57
CA PHE B 389 -1.99 -14.92 -7.04
C PHE B 389 -2.10 -14.48 -5.61
N VAL B 390 -1.11 -14.74 -4.76
CA VAL B 390 -1.02 -14.12 -3.44
C VAL B 390 -0.87 -12.60 -3.58
N GLY B 391 -0.11 -12.12 -4.56
CA GLY B 391 -0.03 -10.70 -4.85
C GLY B 391 -1.36 -10.08 -5.25
N HIS B 392 -2.10 -10.71 -6.16
CA HIS B 392 -3.42 -10.23 -6.55
C HIS B 392 -4.44 -10.38 -5.44
N ALA B 393 -4.40 -11.44 -4.65
CA ALA B 393 -5.28 -11.61 -3.51
C ALA B 393 -5.04 -10.49 -2.49
N THR B 394 -3.79 -10.16 -2.23
CA THR B 394 -3.41 -9.04 -1.37
C THR B 394 -3.92 -7.72 -1.92
N ALA B 395 -3.72 -7.43 -3.20
CA ALA B 395 -4.24 -6.22 -3.82
C ALA B 395 -5.78 -6.17 -3.80
N LEU B 396 -6.47 -7.29 -4.00
CA LEU B 396 -7.91 -7.38 -3.88
C LEU B 396 -8.35 -7.03 -2.47
N ILE B 397 -7.74 -7.63 -1.45
CA ILE B 397 -8.06 -7.39 -0.06
C ILE B 397 -7.79 -5.94 0.34
N GLN B 398 -6.63 -5.39 -0.02
CA GLN B 398 -6.29 -3.99 0.25
C GLN B 398 -7.14 -2.99 -0.52
N SER B 399 -7.78 -3.37 -1.63
CA SER B 399 -8.77 -2.53 -2.31
C SER B 399 -10.14 -2.59 -1.63
N LEU B 400 -10.54 -3.77 -1.13
CA LEU B 400 -11.87 -4.00 -0.60
C LEU B 400 -12.15 -3.24 0.70
N ASP B 401 -11.19 -3.14 1.61
CA ASP B 401 -11.33 -2.31 2.82
C ASP B 401 -10.61 -0.96 2.73
N SER B 402 -10.24 -0.54 1.54
CA SER B 402 -9.37 0.63 1.31
C SER B 402 -9.84 1.90 2.02
N SER B 403 -11.13 2.19 2.05
CA SER B 403 -11.62 3.38 2.73
C SER B 403 -11.56 3.25 4.25
N ARG B 404 -11.74 2.08 4.79
CA ARG B 404 -11.62 1.90 6.21
C ARG B 404 -10.21 1.92 6.60
N ARG B 405 -9.36 1.40 5.80
CA ARG B 405 -7.92 1.39 6.00
C ARG B 405 -7.38 2.82 6.00
N GLN B 406 -7.83 3.63 5.03
CA GLN B 406 -7.46 5.04 4.95
C GLN B 406 -8.01 5.87 6.11
N TYR B 407 -9.21 5.56 6.62
CA TYR B 407 -9.72 6.23 7.81
C TYR B 407 -8.85 5.93 9.02
N GLN B 408 -8.49 4.67 9.24
CA GLN B 408 -7.69 4.31 10.40
C GLN B 408 -6.24 4.77 10.28
N GLU B 409 -5.69 4.88 9.07
CA GLU B 409 -4.44 5.57 8.82
C GLU B 409 -4.53 7.05 9.18
N LYS B 410 -5.57 7.75 8.72
CA LYS B 410 -5.78 9.16 9.09
C LYS B 410 -5.94 9.32 10.59
N TYR B 411 -6.75 8.50 11.23
CA TYR B 411 -6.89 8.62 12.67
C TYR B 411 -5.57 8.35 13.37
N LYS B 412 -4.84 7.32 12.97
CA LYS B 412 -3.52 7.10 13.56
C LYS B 412 -2.64 8.33 13.45
N GLN B 413 -2.76 9.17 12.43
CA GLN B 413 -2.06 10.46 12.42
C GLN B 413 -2.61 11.46 13.45
N VAL B 414 -3.90 11.38 13.81
CA VAL B 414 -4.45 12.14 14.93
C VAL B 414 -3.87 11.63 16.24
N GLU B 415 -3.73 10.32 16.43
CA GLU B 415 -3.05 9.75 17.60
C GLU B 415 -1.57 10.12 17.65
N GLN B 416 -0.89 10.18 16.50
CA GLN B 416 0.48 10.66 16.45
C GLN B 416 0.58 12.13 16.80
N TYR B 417 -0.34 12.98 16.33
CA TYR B 417 -0.42 14.37 16.77
C TYR B 417 -0.64 14.48 18.28
N MET B 418 -1.63 13.76 18.81
CA MET B 418 -1.94 13.77 20.23
C MET B 418 -0.76 13.33 21.08
N SER B 419 -0.03 12.30 20.66
CA SER B 419 1.11 11.79 21.40
C SER B 419 2.36 12.64 21.23
N PHE B 420 2.58 13.27 20.07
CA PHE B 420 3.66 14.24 19.88
C PHE B 420 3.50 15.43 20.82
N HIS B 421 2.28 15.97 20.92
CA HIS B 421 1.93 17.03 21.85
C HIS B 421 1.74 16.57 23.31
N LYS B 422 1.93 15.27 23.60
CA LYS B 422 1.77 14.66 24.93
C LYS B 422 0.44 15.00 25.61
N LEU B 423 -0.66 15.02 24.85
CA LEU B 423 -1.98 15.39 25.38
C LEU B 423 -2.46 14.41 26.46
N PRO B 424 -3.17 14.88 27.50
CA PRO B 424 -3.71 14.02 28.55
C PRO B 424 -4.65 12.96 27.99
N ALA B 425 -4.70 11.78 28.61
CA ALA B 425 -5.57 10.69 28.18
C ALA B 425 -7.06 11.09 28.17
N ASP B 426 -7.48 11.97 29.08
CA ASP B 426 -8.84 12.51 29.14
C ASP B 426 -9.19 13.32 27.88
N MET B 427 -8.25 14.12 27.38
CA MET B 427 -8.41 14.90 26.15
C MET B 427 -8.22 14.04 24.90
N ARG B 428 -7.37 13.03 24.97
CA ARG B 428 -7.22 12.13 23.82
C ARG B 428 -8.55 11.38 23.61
N GLN B 429 -9.18 10.91 24.68
CA GLN B 429 -10.48 10.28 24.59
C GLN B 429 -11.52 11.25 24.04
N LYS B 430 -11.48 12.52 24.44
CA LYS B 430 -12.34 13.56 23.89
C LYS B 430 -12.12 13.75 22.40
N ILE B 431 -10.88 13.77 21.91
CA ILE B 431 -10.60 13.88 20.48
C ILE B 431 -11.03 12.63 19.73
N HIS B 432 -10.85 11.44 20.32
CA HIS B 432 -11.35 10.19 19.73
C HIS B 432 -12.87 10.23 19.54
N ASP B 433 -13.61 10.52 20.60
CA ASP B 433 -15.07 10.63 20.54
C ASP B 433 -15.52 11.75 19.59
N TYR B 434 -14.73 12.80 19.41
CA TYR B 434 -15.00 13.79 18.39
C TYR B 434 -14.88 13.21 17.00
N TYR B 435 -13.77 12.55 16.64
CA TYR B 435 -13.61 11.97 15.32
C TYR B 435 -14.67 10.91 15.02
N GLU B 436 -15.04 10.12 16.01
CA GLU B 436 -16.12 9.14 15.91
C GLU B 436 -17.45 9.79 15.54
N HIS B 437 -17.79 10.97 16.06
CA HIS B 437 -19.03 11.65 15.69
C HIS B 437 -18.90 12.60 14.50
N ARG B 438 -17.71 13.11 14.24
CA ARG B 438 -17.51 14.03 13.14
C ARG B 438 -17.43 13.33 11.78
N TYR B 439 -16.84 12.15 11.77
CA TYR B 439 -16.60 11.39 10.54
C TYR B 439 -17.32 10.05 10.51
N GLN B 440 -17.83 9.55 11.63
CA GLN B 440 -18.53 8.26 11.68
C GLN B 440 -17.72 7.10 11.08
N GLY B 441 -16.40 7.16 11.19
CA GLY B 441 -15.47 6.16 10.66
C GLY B 441 -15.28 6.22 9.14
N LYS B 442 -15.79 7.26 8.48
CA LYS B 442 -15.78 7.43 7.03
C LYS B 442 -14.73 8.47 6.65
N ILE B 443 -13.86 8.16 5.69
CA ILE B 443 -12.86 9.13 5.22
C ILE B 443 -13.27 9.74 3.89
N PHE B 444 -13.23 11.06 3.86
CA PHE B 444 -13.47 11.92 2.73
C PHE B 444 -12.86 13.29 3.01
N ASP B 445 -12.64 14.09 1.97
CA ASP B 445 -12.39 15.51 2.11
C ASP B 445 -13.52 16.27 1.43
N GLU B 446 -14.37 16.92 2.22
CA GLU B 446 -15.56 17.61 1.71
C GLU B 446 -15.16 18.73 0.77
N GLU B 447 -14.11 19.48 1.11
CA GLU B 447 -13.64 20.59 0.31
C GLU B 447 -13.08 20.09 -1.02
N ASN B 448 -12.35 18.98 -1.00
CA ASN B 448 -11.83 18.38 -2.23
C ASN B 448 -12.96 17.87 -3.12
N ILE B 449 -13.87 17.06 -2.57
CA ILE B 449 -14.96 16.45 -3.33
C ILE B 449 -15.88 17.51 -3.89
N LEU B 450 -16.31 18.49 -3.10
CA LEU B 450 -17.14 19.57 -3.63
C LEU B 450 -16.44 20.38 -4.72
N ASN B 451 -15.11 20.54 -4.69
CA ASN B 451 -14.38 21.19 -5.78
C ASN B 451 -14.31 20.35 -7.05
N GLU B 452 -14.37 19.02 -6.95
CA GLU B 452 -14.36 18.13 -8.12
C GLU B 452 -15.70 18.09 -8.84
N LEU B 453 -16.81 18.37 -8.16
CA LEU B 453 -18.16 18.42 -8.75
C LEU B 453 -18.38 19.66 -9.62
N ASN B 454 -19.44 19.64 -10.43
CA ASN B 454 -19.96 20.83 -11.11
C ASN B 454 -20.86 21.63 -10.16
N ASP B 455 -21.28 22.83 -10.57
CA ASP B 455 -22.14 23.67 -9.75
C ASP B 455 -23.51 23.03 -9.47
N PRO B 456 -24.29 22.56 -10.47
CA PRO B 456 -25.59 21.94 -10.23
C PRO B 456 -25.58 20.77 -9.26
N LEU B 457 -24.51 19.99 -9.23
CA LEU B 457 -24.36 18.83 -8.37
C LEU B 457 -23.91 19.22 -6.96
N ARG B 458 -23.02 20.22 -6.80
CA ARG B 458 -22.80 20.86 -5.50
C ARG B 458 -24.11 21.41 -4.95
N GLU B 459 -24.85 22.16 -5.76
CA GLU B 459 -26.10 22.78 -5.35
C GLU B 459 -27.16 21.76 -4.98
N GLU B 460 -27.24 20.63 -5.66
CA GLU B 460 -28.16 19.56 -5.27
C GLU B 460 -27.76 18.88 -3.96
N ILE B 461 -26.49 18.58 -3.77
CA ILE B 461 -25.96 18.01 -2.52
C ILE B 461 -26.17 18.96 -1.35
N VAL B 462 -25.86 20.23 -1.53
CA VAL B 462 -26.01 21.27 -0.52
C VAL B 462 -27.47 21.50 -0.18
N ASN B 463 -28.36 21.58 -1.17
CA ASN B 463 -29.78 21.78 -0.90
C ASN B 463 -30.42 20.56 -0.25
N PHE B 464 -29.96 19.34 -0.53
CA PHE B 464 -30.41 18.16 0.21
C PHE B 464 -29.96 18.18 1.67
N ASN B 465 -28.69 18.51 1.92
CA ASN B 465 -28.16 18.58 3.28
C ASN B 465 -28.79 19.69 4.13
N CYS B 466 -28.85 20.91 3.59
CA CYS B 466 -28.98 22.11 4.41
C CYS B 466 -30.27 22.89 4.21
N ARG B 467 -31.03 22.70 3.13
CA ARG B 467 -32.23 23.50 2.91
C ARG B 467 -33.32 23.19 3.92
N LYS B 468 -33.40 21.97 4.43
CA LYS B 468 -34.29 21.60 5.53
C LYS B 468 -33.94 22.31 6.84
N LEU B 469 -32.66 22.55 7.11
CA LEU B 469 -32.20 23.28 8.29
C LEU B 469 -32.47 24.78 8.16
N VAL B 470 -32.17 25.39 7.01
CA VAL B 470 -32.33 26.82 6.82
C VAL B 470 -33.78 27.27 6.60
N ALA B 471 -34.66 26.44 6.02
CA ALA B 471 -36.04 26.80 5.72
C ALA B 471 -36.91 27.13 6.94
N THR B 472 -36.50 26.71 8.14
CA THR B 472 -37.13 27.14 9.38
C THR B 472 -36.77 28.57 9.80
N MET B 473 -35.63 29.11 9.37
CA MET B 473 -35.18 30.42 9.80
C MET B 473 -36.01 31.54 9.17
N PRO B 474 -36.42 32.58 9.91
CA PRO B 474 -37.21 33.68 9.36
C PRO B 474 -36.41 34.56 8.38
N LEU B 475 -35.07 34.53 8.46
CA LEU B 475 -34.20 35.17 7.47
C LEU B 475 -34.39 34.57 6.07
N PHE B 476 -34.55 33.24 5.98
CA PHE B 476 -34.43 32.48 4.72
C PHE B 476 -35.74 31.85 4.22
N ALA B 477 -36.75 31.67 5.08
CA ALA B 477 -38.07 31.19 4.67
C ALA B 477 -38.75 32.11 3.64
N ASN B 478 -38.48 33.42 3.72
CA ASN B 478 -39.04 34.45 2.85
C ASN B 478 -38.09 34.97 1.75
N ALA B 479 -36.94 34.31 1.52
CA ALA B 479 -35.91 34.76 0.57
C ALA B 479 -35.98 34.02 -0.80
N ASP B 480 -35.26 34.54 -1.80
CA ASP B 480 -35.23 33.98 -3.15
C ASP B 480 -34.44 32.66 -3.26
N PRO B 481 -34.93 31.64 -4.00
CA PRO B 481 -34.27 30.32 -4.10
C PRO B 481 -32.82 30.34 -4.58
N ASN B 482 -32.45 31.28 -5.45
CA ASN B 482 -31.09 31.46 -5.92
C ASN B 482 -30.16 31.97 -4.81
N PHE B 483 -30.61 32.95 -4.03
CA PHE B 483 -29.89 33.47 -2.86
C PHE B 483 -29.69 32.39 -1.81
N VAL B 484 -30.75 31.68 -1.41
CA VAL B 484 -30.61 30.61 -0.43
C VAL B 484 -29.67 29.53 -0.95
N THR B 485 -29.77 29.13 -2.22
CA THR B 485 -28.83 28.14 -2.77
C THR B 485 -27.38 28.62 -2.72
N ALA B 486 -27.14 29.91 -2.93
CA ALA B 486 -25.80 30.48 -2.79
C ALA B 486 -25.34 30.51 -1.34
N MET B 487 -26.25 30.82 -0.42
CA MET B 487 -26.01 30.87 1.02
C MET B 487 -25.68 29.51 1.60
N LEU B 488 -26.45 28.47 1.31
CA LEU B 488 -26.24 27.15 1.89
C LEU B 488 -24.84 26.60 1.60
N SER B 489 -24.23 26.96 0.47
CA SER B 489 -22.87 26.53 0.13
C SER B 489 -21.80 27.08 1.06
N LYS B 490 -22.09 28.18 1.76
CA LYS B 490 -21.20 28.82 2.74
C LYS B 490 -21.30 28.21 4.13
N LEU B 491 -22.27 27.34 4.38
CA LEU B 491 -22.40 26.65 5.66
C LEU B 491 -21.26 25.66 5.86
N ARG B 492 -20.69 25.70 7.05
CA ARG B 492 -19.63 24.79 7.43
C ARG B 492 -20.19 23.87 8.52
N PHE B 493 -20.04 22.57 8.32
CA PHE B 493 -20.49 21.58 9.27
C PHE B 493 -19.54 21.49 10.46
N GLU B 494 -20.07 21.53 11.68
CA GLU B 494 -19.31 21.48 12.93
C GLU B 494 -19.99 20.52 13.90
N VAL B 495 -19.23 19.70 14.63
CA VAL B 495 -19.78 18.78 15.62
C VAL B 495 -19.32 19.19 17.00
N PHE B 496 -20.23 19.38 17.94
CA PHE B 496 -19.91 19.78 19.30
C PHE B 496 -20.28 18.66 20.28
N GLN B 497 -19.32 18.21 21.05
CA GLN B 497 -19.50 17.18 22.05
C GLN B 497 -20.19 17.75 23.30
N PRO B 498 -20.87 16.93 24.12
CA PRO B 498 -21.62 17.45 25.24
C PRO B 498 -20.73 18.20 26.23
N GLY B 499 -21.19 19.34 26.71
CA GLY B 499 -20.44 20.27 27.54
C GLY B 499 -19.62 21.29 26.77
N ASP B 500 -19.40 21.13 25.47
CA ASP B 500 -18.72 22.13 24.65
C ASP B 500 -19.59 23.38 24.50
N TYR B 501 -19.07 24.55 24.87
CA TYR B 501 -19.75 25.82 24.60
C TYR B 501 -19.58 26.16 23.12
N ILE B 502 -20.67 26.18 22.37
CA ILE B 502 -20.68 26.54 20.95
C ILE B 502 -20.49 28.05 20.82
N ILE B 503 -21.24 28.80 21.64
CA ILE B 503 -21.16 30.25 21.77
C ILE B 503 -21.01 30.60 23.24
N ARG B 504 -20.17 31.57 23.59
CA ARG B 504 -19.98 32.04 24.98
C ARG B 504 -20.55 33.44 25.14
N GLU B 505 -21.25 33.72 26.22
CA GLU B 505 -21.77 35.06 26.46
C GLU B 505 -20.63 36.08 26.54
N GLY B 506 -20.80 37.25 25.95
CA GLY B 506 -19.78 38.29 25.88
C GLY B 506 -18.67 38.08 24.84
N ALA B 507 -18.57 36.92 24.18
CA ALA B 507 -17.67 36.74 23.04
C ALA B 507 -18.20 37.42 21.77
N VAL B 508 -17.32 37.85 20.86
CA VAL B 508 -17.71 38.43 19.58
C VAL B 508 -18.44 37.42 18.68
N GLY B 509 -19.56 37.81 18.07
CA GLY B 509 -20.41 36.95 17.24
C GLY B 509 -19.88 36.68 15.84
N LYS B 510 -18.73 36.02 15.70
CA LYS B 510 -18.08 35.77 14.42
C LYS B 510 -18.86 34.85 13.48
N LYS B 511 -19.71 33.95 13.99
CA LYS B 511 -20.57 33.07 13.19
C LYS B 511 -21.86 32.70 13.91
N MET B 512 -22.87 32.27 13.15
CA MET B 512 -24.17 31.82 13.67
C MET B 512 -24.50 30.42 13.20
N TYR B 513 -25.30 29.71 14.00
CA TYR B 513 -25.55 28.29 13.76
C TYR B 513 -26.96 27.79 13.61
N PHE B 514 -27.00 26.60 13.01
CA PHE B 514 -28.21 25.82 12.74
C PHE B 514 -27.98 24.41 13.25
N ILE B 515 -28.97 23.78 13.88
CA ILE B 515 -28.81 22.45 14.45
C ILE B 515 -29.31 21.40 13.45
N GLN B 516 -28.44 20.53 12.95
CA GLN B 516 -28.85 19.35 12.19
C GLN B 516 -29.39 18.27 13.14
N HIS B 517 -28.64 17.98 14.20
CA HIS B 517 -28.96 16.99 15.22
C HIS B 517 -28.43 17.41 16.60
N GLY B 518 -29.01 16.86 17.67
CA GLY B 518 -28.58 17.06 19.05
C GLY B 518 -29.32 18.20 19.75
N VAL B 519 -29.19 18.30 21.07
CA VAL B 519 -29.77 19.36 21.86
C VAL B 519 -28.70 20.36 22.28
N ALA B 520 -28.89 21.65 22.02
CA ALA B 520 -28.00 22.71 22.46
C ALA B 520 -28.75 23.64 23.41
N GLY B 521 -28.30 23.76 24.67
CA GLY B 521 -28.97 24.55 25.68
C GLY B 521 -28.54 26.00 25.63
N VAL B 522 -29.48 26.93 25.44
CA VAL B 522 -29.21 28.36 25.60
C VAL B 522 -29.15 28.70 27.10
N ILE B 523 -27.95 28.70 27.67
CA ILE B 523 -27.66 29.00 29.07
C ILE B 523 -27.68 30.50 29.34
N THR B 524 -28.85 31.13 29.17
CA THR B 524 -29.04 32.57 29.26
C THR B 524 -28.72 33.16 30.64
N LYS B 525 -28.29 34.42 30.67
CA LYS B 525 -27.84 35.11 31.89
C LYS B 525 -28.97 35.46 32.88
N SER B 526 -30.24 35.28 32.51
CA SER B 526 -31.39 35.65 33.32
C SER B 526 -32.63 34.76 33.09
N SER B 527 -32.46 33.51 32.67
CA SER B 527 -33.56 32.59 32.36
C SER B 527 -33.16 31.12 32.49
N LYS B 528 -34.14 30.23 32.54
CA LYS B 528 -33.93 28.78 32.45
C LYS B 528 -33.35 28.36 31.10
N GLU B 529 -32.60 27.24 31.07
CA GLU B 529 -31.93 26.77 29.86
C GLU B 529 -32.93 26.27 28.82
N MET B 530 -33.19 27.04 27.77
CA MET B 530 -34.01 26.61 26.64
C MET B 530 -33.26 25.57 25.80
N LYS B 531 -33.66 24.31 25.85
CA LYS B 531 -33.01 23.23 25.10
C LYS B 531 -33.45 23.27 23.63
N LEU B 532 -32.63 23.88 22.77
CA LEU B 532 -32.86 23.95 21.33
C LEU B 532 -32.62 22.57 20.71
N THR B 533 -33.67 21.93 20.21
CA THR B 533 -33.60 20.61 19.60
C THR B 533 -33.24 20.66 18.12
N ASP B 534 -33.03 19.51 17.49
CA ASP B 534 -32.70 19.39 16.08
C ASP B 534 -33.65 20.20 15.17
N GLY B 535 -33.09 20.93 14.20
CA GLY B 535 -33.81 21.85 13.33
C GLY B 535 -33.91 23.29 13.84
N SER B 536 -33.55 23.57 15.09
CA SER B 536 -33.46 24.95 15.63
C SER B 536 -32.27 25.73 15.07
N TYR B 537 -32.18 27.02 15.37
CA TYR B 537 -31.07 27.89 14.99
C TYR B 537 -30.77 28.92 16.10
N PHE B 538 -29.53 29.40 16.18
CA PHE B 538 -29.08 30.30 17.25
C PHE B 538 -27.84 31.09 16.85
N GLY B 539 -27.50 32.12 17.62
CA GLY B 539 -26.49 33.09 17.24
C GLY B 539 -26.93 34.06 16.15
N GLU B 540 -28.20 34.03 15.74
CA GLU B 540 -28.74 34.78 14.61
C GLU B 540 -28.56 36.30 14.71
N ILE B 541 -28.50 36.87 15.91
CA ILE B 541 -28.21 38.28 16.11
C ILE B 541 -26.79 38.70 15.71
N CYS B 542 -25.87 37.75 15.49
CA CYS B 542 -24.52 38.04 15.03
C CYS B 542 -24.47 38.63 13.62
N LEU B 543 -25.29 38.12 12.71
CA LEU B 543 -25.32 38.56 11.32
C LEU B 543 -25.93 39.96 11.16
N LEU B 544 -26.99 40.26 11.90
CA LEU B 544 -27.67 41.55 11.83
C LEU B 544 -27.02 42.67 12.67
N THR B 545 -26.54 42.39 13.88
CA THR B 545 -26.21 43.42 14.89
C THR B 545 -24.71 43.67 15.15
N LYS B 546 -23.82 42.80 14.68
CA LYS B 546 -22.36 42.93 14.84
C LYS B 546 -21.84 43.11 16.29
N GLY B 547 -22.60 42.70 17.31
CA GLY B 547 -22.26 42.79 18.74
C GLY B 547 -21.71 41.49 19.35
N ARG B 548 -21.31 41.53 20.62
CA ARG B 548 -20.98 40.35 21.41
C ARG B 548 -22.23 39.57 21.85
N ARG B 549 -22.12 38.25 22.02
CA ARG B 549 -23.27 37.37 22.23
C ARG B 549 -23.99 37.62 23.56
N THR B 550 -25.32 37.62 23.55
CA THR B 550 -26.16 37.92 24.71
C THR B 550 -26.51 36.71 25.60
N ALA B 551 -26.22 35.50 25.16
CA ALA B 551 -26.39 34.27 25.93
C ALA B 551 -25.41 33.21 25.44
N SER B 552 -24.85 32.40 26.34
CA SER B 552 -24.03 31.26 25.96
C SER B 552 -24.90 30.11 25.47
N VAL B 553 -24.41 29.29 24.55
CA VAL B 553 -25.10 28.09 24.07
C VAL B 553 -24.16 26.92 24.16
N ARG B 554 -24.55 25.88 24.91
CA ARG B 554 -23.69 24.71 25.11
C ARG B 554 -24.35 23.40 24.68
N ALA B 555 -23.56 22.51 24.10
CA ALA B 555 -24.04 21.23 23.63
C ALA B 555 -24.49 20.36 24.82
N ASP B 556 -25.75 19.92 24.85
CA ASP B 556 -26.30 19.00 25.84
C ASP B 556 -26.26 17.54 25.38
N THR B 557 -25.97 17.32 24.11
CA THR B 557 -25.70 16.03 23.47
C THR B 557 -24.57 16.22 22.46
N TYR B 558 -24.26 15.25 21.60
CA TYR B 558 -23.35 15.48 20.49
C TYR B 558 -24.06 16.27 19.41
N CYS B 559 -24.03 17.59 19.48
CA CYS B 559 -24.63 18.43 18.44
C CYS B 559 -23.92 18.23 17.12
N ARG B 560 -24.68 18.13 16.05
CA ARG B 560 -24.19 18.28 14.68
C ARG B 560 -24.79 19.55 14.15
N LEU B 561 -23.98 20.54 13.87
CA LEU B 561 -24.40 21.89 13.55
C LEU B 561 -23.93 22.27 12.16
N TYR B 562 -24.67 23.14 11.50
CA TYR B 562 -24.18 23.90 10.36
C TYR B 562 -23.96 25.34 10.80
N SER B 563 -22.83 25.93 10.43
CA SER B 563 -22.43 27.25 10.87
C SER B 563 -22.22 28.20 9.71
N LEU B 564 -22.57 29.47 9.87
CA LEU B 564 -22.53 30.50 8.84
C LEU B 564 -21.70 31.68 9.36
N SER B 565 -20.44 31.81 8.93
CA SER B 565 -19.61 32.91 9.42
C SER B 565 -20.14 34.23 8.90
N VAL B 566 -20.03 35.31 9.68
CA VAL B 566 -20.50 36.62 9.21
C VAL B 566 -19.59 37.15 8.11
N ASP B 567 -18.32 36.74 8.06
CA ASP B 567 -17.48 36.92 6.89
C ASP B 567 -18.07 36.29 5.61
N ASN B 568 -18.51 35.03 5.66
CA ASN B 568 -19.12 34.37 4.52
C ASN B 568 -20.55 34.84 4.23
N PHE B 569 -21.32 35.23 5.23
CA PHE B 569 -22.64 35.81 5.05
C PHE B 569 -22.54 37.09 4.23
N ASN B 570 -21.66 38.00 4.64
CA ASN B 570 -21.42 39.23 3.90
C ASN B 570 -20.83 38.98 2.51
N GLU B 571 -19.95 37.98 2.35
CA GLU B 571 -19.45 37.56 1.04
C GLU B 571 -20.56 37.12 0.09
N VAL B 572 -21.61 36.46 0.58
CA VAL B 572 -22.78 36.09 -0.23
C VAL B 572 -23.75 37.26 -0.41
N LEU B 573 -23.98 38.11 0.59
CA LEU B 573 -24.87 39.26 0.44
C LEU B 573 -24.34 40.30 -0.56
N GLU B 574 -23.02 40.43 -0.73
CA GLU B 574 -22.45 41.24 -1.81
C GLU B 574 -22.87 40.76 -3.21
N GLU B 575 -23.21 39.49 -3.37
CA GLU B 575 -23.74 38.91 -4.59
C GLU B 575 -25.26 39.09 -4.78
N TYR B 576 -26.00 39.52 -3.75
CA TYR B 576 -27.45 39.71 -3.81
C TYR B 576 -27.90 41.01 -3.11
N PRO B 577 -27.47 42.20 -3.55
CA PRO B 577 -27.82 43.47 -2.91
C PRO B 577 -29.30 43.72 -2.66
N MET B 578 -30.20 43.14 -3.46
CA MET B 578 -31.64 43.23 -3.23
C MET B 578 -32.07 42.62 -1.90
N MET B 579 -31.50 41.47 -1.53
CA MET B 579 -31.69 40.86 -0.22
C MET B 579 -30.94 41.61 0.87
N ARG B 580 -29.78 42.20 0.56
CA ARG B 580 -29.00 43.01 1.50
C ARG B 580 -29.77 44.25 1.97
N ARG B 581 -30.40 44.98 1.04
CA ARG B 581 -31.30 46.08 1.37
C ARG B 581 -32.57 45.63 2.08
N ALA B 582 -33.01 44.38 1.90
CA ALA B 582 -34.19 43.84 2.58
C ALA B 582 -33.89 43.47 4.05
N PHE B 583 -32.81 42.74 4.32
CA PHE B 583 -32.40 42.42 5.69
C PHE B 583 -32.02 43.69 6.47
N GLU B 584 -31.45 44.70 5.81
CA GLU B 584 -31.20 46.02 6.37
C GLU B 584 -32.46 46.77 6.84
N THR B 585 -33.66 46.33 6.43
CA THR B 585 -34.94 46.83 6.95
C THR B 585 -35.27 46.32 8.36
N VAL B 586 -34.60 45.27 8.84
CA VAL B 586 -34.83 44.68 10.16
C VAL B 586 -33.56 44.01 10.69
N MET C 94 29.39 3.08 45.30
CA MET C 94 29.08 4.34 45.99
C MET C 94 27.62 4.73 45.76
N GLN C 95 26.92 5.22 46.80
CA GLN C 95 25.45 5.41 46.78
C GLN C 95 24.94 6.41 45.74
N ARG C 96 25.71 7.46 45.43
CA ARG C 96 25.36 8.42 44.39
C ARG C 96 25.33 7.79 42.99
N GLN C 97 26.37 7.03 42.63
CA GLN C 97 26.44 6.29 41.36
C GLN C 97 25.39 5.16 41.30
N PHE C 98 25.16 4.46 42.41
CA PHE C 98 24.12 3.44 42.52
C PHE C 98 22.71 4.00 42.30
N THR C 99 22.39 5.15 42.89
CA THR C 99 21.11 5.85 42.65
C THR C 99 21.03 6.40 41.23
N SER C 100 22.14 6.92 40.71
CA SER C 100 22.23 7.50 39.37
C SER C 100 21.84 6.54 38.26
N MET C 101 22.15 5.24 38.39
CA MET C 101 21.77 4.23 37.40
C MET C 101 20.25 4.04 37.29
N LEU C 102 19.48 4.23 38.36
CA LEU C 102 18.04 3.97 38.38
C LEU C 102 17.19 5.13 37.85
N GLN C 103 17.78 6.31 37.63
CA GLN C 103 17.13 7.52 37.08
C GLN C 103 17.27 7.61 35.55
N PRO C 104 16.39 8.32 34.83
CA PRO C 104 16.54 8.51 33.40
C PRO C 104 17.75 9.40 33.13
N GLY C 105 18.76 8.88 32.44
CA GLY C 105 20.02 9.60 32.22
C GLY C 105 19.89 10.77 31.24
N VAL C 106 20.89 11.65 31.19
CA VAL C 106 21.00 12.67 30.14
C VAL C 106 21.72 12.06 28.93
N ASN C 107 20.95 11.49 28.00
CA ASN C 107 21.46 10.80 26.83
C ASN C 107 20.60 11.10 25.59
N LYS C 108 21.08 10.74 24.39
CA LYS C 108 20.44 11.09 23.11
C LYS C 108 18.96 10.73 23.06
N PHE C 109 18.58 9.62 23.66
CA PHE C 109 17.18 9.22 23.78
C PHE C 109 16.41 10.11 24.76
N SER C 110 16.88 10.22 25.99
CA SER C 110 16.14 10.87 27.08
C SER C 110 15.96 12.37 26.84
N LEU C 111 16.99 13.05 26.35
CA LEU C 111 16.91 14.46 25.95
C LEU C 111 16.02 14.69 24.73
N ARG C 112 15.71 13.66 23.95
CA ARG C 112 14.72 13.68 22.85
C ARG C 112 13.32 13.28 23.30
N MET C 113 13.19 12.35 24.24
CA MET C 113 11.91 11.89 24.78
C MET C 113 11.28 12.95 25.69
N PHE C 114 12.05 13.50 26.64
CA PHE C 114 11.64 14.61 27.50
C PHE C 114 11.87 16.00 26.89
N GLY C 115 12.65 16.09 25.81
CA GLY C 115 12.81 17.30 25.00
C GLY C 115 13.82 18.33 25.50
N SER C 116 14.22 18.28 26.77
CA SER C 116 15.31 19.13 27.28
C SER C 116 16.03 18.48 28.45
N GLN C 117 17.30 18.84 28.66
CA GLN C 117 18.06 18.39 29.82
C GLN C 117 17.41 18.84 31.14
N LYS C 118 16.70 19.98 31.16
CA LYS C 118 15.92 20.41 32.32
C LYS C 118 14.66 19.56 32.56
N ALA C 119 13.98 19.10 31.52
CA ALA C 119 12.86 18.18 31.65
C ALA C 119 13.31 16.76 32.04
N VAL C 120 14.52 16.34 31.63
CA VAL C 120 15.17 15.15 32.16
C VAL C 120 15.44 15.31 33.64
N GLU C 121 16.10 16.39 34.08
CA GLU C 121 16.31 16.66 35.50
C GLU C 121 15.00 16.72 36.29
N LYS C 122 13.92 17.29 35.74
CA LYS C 122 12.60 17.27 36.39
C LYS C 122 12.10 15.84 36.61
N GLU C 123 12.33 14.93 35.68
CA GLU C 123 11.96 13.52 35.84
C GLU C 123 12.89 12.79 36.82
N GLN C 124 14.19 13.06 36.81
CA GLN C 124 15.11 12.58 37.84
C GLN C 124 14.66 13.04 39.24
N GLU C 125 14.33 14.32 39.39
CA GLU C 125 13.80 14.87 40.65
C GLU C 125 12.42 14.32 41.03
N ARG C 126 11.77 13.64 40.09
CA ARG C 126 10.50 12.98 40.34
C ARG C 126 10.84 11.62 40.94
N VAL C 127 11.67 10.87 40.22
CA VAL C 127 12.15 9.54 40.62
C VAL C 127 12.73 9.52 42.04
N LYS C 128 13.37 10.60 42.47
CA LYS C 128 13.84 10.78 43.86
C LYS C 128 12.73 10.79 44.93
N THR C 129 11.44 10.79 44.59
CA THR C 129 10.36 10.68 45.58
C THR C 129 10.31 9.33 46.32
N ALA C 130 10.51 8.20 45.62
CA ALA C 130 10.48 6.86 46.22
C ALA C 130 11.79 6.49 46.93
N GLY C 131 11.73 5.63 47.95
CA GLY C 131 12.87 5.19 48.76
C GLY C 131 13.72 4.11 48.07
N PHE C 132 14.31 4.46 46.92
CA PHE C 132 14.87 3.54 45.93
C PHE C 132 13.84 2.60 45.28
N TRP C 133 12.58 2.63 45.72
CA TRP C 133 11.49 1.78 45.24
C TRP C 133 10.92 2.19 43.88
N ILE C 134 11.58 3.11 43.16
CA ILE C 134 11.36 3.31 41.72
C ILE C 134 12.71 3.29 41.01
N ILE C 135 12.81 2.47 39.98
CA ILE C 135 13.76 2.60 38.88
C ILE C 135 12.96 2.98 37.65
N HIS C 136 13.43 3.96 36.89
CA HIS C 136 12.66 4.54 35.81
C HIS C 136 12.68 3.65 34.56
N PRO C 137 11.62 3.57 33.76
CA PRO C 137 11.58 2.72 32.59
C PRO C 137 12.63 3.04 31.54
N TYR C 138 13.16 4.26 31.52
CA TYR C 138 14.23 4.69 30.61
C TYR C 138 15.61 4.72 31.26
N SER C 139 15.75 4.26 32.50
CA SER C 139 17.01 4.31 33.22
C SER C 139 18.07 3.39 32.63
N ASP C 140 19.35 3.68 32.90
CA ASP C 140 20.43 2.79 32.50
C ASP C 140 20.36 1.45 33.22
N PHE C 141 19.90 1.43 34.48
CA PHE C 141 19.65 0.17 35.18
C PHE C 141 18.59 -0.64 34.46
N ARG C 142 17.47 -0.04 34.12
CA ARG C 142 16.42 -0.74 33.38
C ARG C 142 16.95 -1.26 32.04
N PHE C 143 17.71 -0.43 31.33
CA PHE C 143 18.32 -0.88 30.08
C PHE C 143 19.23 -2.08 30.26
N TYR C 144 20.29 -1.97 31.06
CA TYR C 144 21.26 -3.05 31.21
C TYR C 144 20.64 -4.27 31.88
N TRP C 145 19.68 -4.09 32.77
CA TRP C 145 18.92 -5.17 33.35
C TRP C 145 18.08 -5.88 32.29
N ASP C 146 17.31 -5.16 31.49
CA ASP C 146 16.60 -5.78 30.38
C ASP C 146 17.55 -6.37 29.34
N LEU C 147 18.73 -5.80 29.11
CA LEU C 147 19.69 -6.34 28.15
C LEU C 147 20.21 -7.69 28.63
N ILE C 148 20.67 -7.78 29.89
CA ILE C 148 21.05 -9.08 30.45
C ILE C 148 19.84 -9.98 30.61
N MET C 149 18.63 -9.45 30.79
CA MET C 149 17.43 -10.27 30.80
C MET C 149 17.08 -10.81 29.42
N LEU C 150 17.23 -10.07 28.33
CA LEU C 150 16.99 -10.57 26.98
C LEU C 150 17.97 -11.69 26.64
N ILE C 151 19.28 -11.54 26.88
CA ILE C 151 20.23 -12.61 26.58
C ILE C 151 20.03 -13.81 27.52
N MET C 152 19.64 -13.57 28.76
CA MET C 152 19.24 -14.61 29.72
C MET C 152 18.01 -15.35 29.23
N MET C 153 17.00 -14.63 28.76
CA MET C 153 15.69 -15.12 28.38
C MET C 153 15.63 -15.77 27.01
N VAL C 154 16.34 -15.27 26.00
CA VAL C 154 16.48 -15.97 24.72
C VAL C 154 17.24 -17.27 24.93
N GLY C 155 18.31 -17.25 25.73
CA GLY C 155 19.03 -18.46 26.10
C GLY C 155 18.12 -19.44 26.82
N ASN C 156 17.41 -18.99 27.85
CA ASN C 156 16.53 -19.82 28.64
C ASN C 156 15.34 -20.37 27.84
N LEU C 157 14.67 -19.57 27.02
CA LEU C 157 13.57 -20.03 26.18
C LEU C 157 13.99 -20.93 25.02
N VAL C 158 15.27 -21.02 24.71
CA VAL C 158 15.84 -22.04 23.80
C VAL C 158 16.25 -23.29 24.59
N ILE C 159 16.92 -23.15 25.72
CA ILE C 159 17.50 -24.24 26.50
C ILE C 159 16.44 -25.04 27.26
N ILE C 160 15.41 -24.40 27.85
CA ILE C 160 14.39 -25.08 28.64
C ILE C 160 13.54 -26.07 27.83
N PRO C 161 12.96 -25.72 26.67
CA PRO C 161 12.27 -26.70 25.86
C PRO C 161 13.11 -27.94 25.59
N VAL C 162 14.39 -27.75 25.26
CA VAL C 162 15.29 -28.85 24.92
C VAL C 162 15.62 -29.71 26.12
N GLY C 163 15.94 -29.12 27.27
CA GLY C 163 16.25 -29.89 28.47
C GLY C 163 15.06 -30.63 29.05
N ILE C 164 13.86 -30.09 28.88
CA ILE C 164 12.62 -30.75 29.29
C ILE C 164 12.21 -31.85 28.31
N THR C 165 12.51 -31.67 27.03
CA THR C 165 12.11 -32.62 25.99
C THR C 165 13.09 -33.76 25.78
N PHE C 166 14.38 -33.48 25.54
CA PHE C 166 15.30 -34.50 25.01
C PHE C 166 16.23 -35.10 26.05
N PHE C 167 16.24 -34.59 27.28
CA PHE C 167 17.10 -35.06 28.35
C PHE C 167 16.28 -35.76 29.46
N THR C 168 16.79 -36.89 29.92
CA THR C 168 16.37 -37.47 31.19
C THR C 168 17.01 -36.73 32.37
N GLU C 169 16.44 -36.90 33.57
CA GLU C 169 17.02 -36.38 34.81
C GLU C 169 17.26 -34.84 34.83
N GLN C 170 16.22 -34.06 34.58
CA GLN C 170 16.18 -32.62 34.88
C GLN C 170 16.31 -32.29 36.39
N THR C 171 16.36 -33.28 37.26
CA THR C 171 16.70 -33.12 38.68
C THR C 171 18.21 -33.19 38.97
N THR C 172 19.08 -33.29 37.96
CA THR C 172 20.54 -33.39 38.16
C THR C 172 21.20 -32.06 38.50
N THR C 173 22.29 -32.10 39.28
CA THR C 173 23.02 -30.93 39.77
C THR C 173 23.31 -29.85 38.72
N PRO C 174 23.93 -30.14 37.57
CA PRO C 174 24.23 -29.13 36.57
C PRO C 174 23.00 -28.58 35.84
N TRP C 175 21.82 -29.19 36.01
CA TRP C 175 20.56 -28.68 35.46
C TRP C 175 19.75 -27.89 36.50
N ILE C 176 19.67 -28.33 37.76
CA ILE C 176 19.02 -27.55 38.83
C ILE C 176 19.81 -26.28 39.17
N ILE C 177 21.13 -26.26 39.00
CA ILE C 177 21.92 -25.04 39.16
C ILE C 177 21.55 -23.98 38.13
N PHE C 178 21.34 -24.36 36.86
CA PHE C 178 20.87 -23.44 35.81
C PHE C 178 19.46 -22.92 36.10
N ASN C 179 18.56 -23.80 36.54
CA ASN C 179 17.17 -23.46 36.79
C ASN C 179 16.96 -22.63 38.08
N VAL C 180 17.64 -22.94 39.18
CA VAL C 180 17.58 -22.13 40.39
C VAL C 180 18.28 -20.78 40.20
N ALA C 181 19.43 -20.72 39.51
CA ALA C 181 20.08 -19.47 39.20
C ALA C 181 19.22 -18.60 38.27
N SER C 182 18.73 -19.16 37.17
CA SER C 182 17.91 -18.39 36.24
C SER C 182 16.56 -18.01 36.82
N ASP C 183 15.88 -18.90 37.55
CA ASP C 183 14.63 -18.54 38.25
C ASP C 183 14.86 -17.53 39.38
N THR C 184 16.06 -17.45 39.97
CA THR C 184 16.43 -16.32 40.83
C THR C 184 16.49 -15.04 40.01
N VAL C 185 17.18 -15.01 38.88
CA VAL C 185 17.25 -13.83 38.00
C VAL C 185 15.86 -13.38 37.54
N PHE C 186 14.99 -14.30 37.14
CA PHE C 186 13.61 -14.01 36.78
C PHE C 186 12.68 -13.72 37.96
N LEU C 187 13.11 -13.94 39.21
CA LEU C 187 12.40 -13.50 40.42
C LEU C 187 12.90 -12.13 40.88
N LEU C 188 14.19 -11.84 40.78
CA LEU C 188 14.70 -10.48 40.89
C LEU C 188 13.99 -9.59 39.86
N ASP C 189 13.81 -10.06 38.63
CA ASP C 189 13.09 -9.31 37.61
C ASP C 189 11.60 -9.08 37.94
N LEU C 190 10.97 -10.02 38.64
CA LEU C 190 9.59 -9.85 39.11
C LEU C 190 9.53 -8.74 40.17
N ILE C 191 10.45 -8.77 41.13
CA ILE C 191 10.62 -7.75 42.17
C ILE C 191 10.95 -6.39 41.55
N MET C 192 11.81 -6.35 40.54
CA MET C 192 12.16 -5.12 39.84
C MET C 192 10.94 -4.51 39.16
N ASN C 193 10.04 -5.30 38.59
CA ASN C 193 8.83 -4.78 37.98
C ASN C 193 7.81 -4.20 38.96
N PHE C 194 7.82 -4.59 40.24
CA PHE C 194 7.03 -3.90 41.27
C PHE C 194 7.59 -2.52 41.65
N ARG C 195 8.78 -2.17 41.15
CA ARG C 195 9.45 -0.92 41.42
C ARG C 195 10.03 -0.31 40.15
N THR C 196 9.36 -0.44 38.99
CA THR C 196 9.95 -0.16 37.66
C THR C 196 9.24 0.92 36.84
N GLY C 197 8.25 1.60 37.41
CA GLY C 197 7.39 2.50 36.64
C GLY C 197 6.66 1.77 35.50
N THR C 198 6.18 2.51 34.52
CA THR C 198 5.59 1.99 33.30
C THR C 198 5.34 3.13 32.33
N VAL C 199 5.67 2.99 31.05
CA VAL C 199 5.42 4.01 30.04
C VAL C 199 3.95 3.97 29.63
N ASN C 200 3.14 4.91 30.11
CA ASN C 200 1.74 4.97 29.72
C ASN C 200 1.61 5.67 28.36
N GLU C 201 1.42 4.90 27.29
CA GLU C 201 1.35 5.43 25.93
C GLU C 201 0.17 6.40 25.74
N ASP C 202 -0.95 6.18 26.43
CA ASP C 202 -2.17 7.00 26.37
C ASP C 202 -2.01 8.39 27.04
N SER C 203 -0.97 8.62 27.83
CA SER C 203 -0.68 9.93 28.45
C SER C 203 0.75 10.42 28.23
N SER C 204 1.58 9.63 27.54
CA SER C 204 2.99 9.94 27.28
C SER C 204 3.79 10.31 28.54
N GLU C 205 3.49 9.64 29.66
CA GLU C 205 4.13 9.82 30.96
C GLU C 205 4.52 8.48 31.59
N ILE C 206 5.69 8.40 32.22
CA ILE C 206 6.07 7.28 33.07
C ILE C 206 5.26 7.32 34.37
N ILE C 207 4.55 6.25 34.73
CA ILE C 207 3.67 6.24 35.90
C ILE C 207 4.42 6.43 37.23
N LEU C 208 5.62 5.88 37.34
CA LEU C 208 6.70 6.28 38.26
C LEU C 208 6.37 6.54 39.75
N ASP C 209 5.30 5.93 40.29
CA ASP C 209 4.94 5.98 41.71
C ASP C 209 4.62 4.59 42.24
N PRO C 210 5.13 4.16 43.41
CA PRO C 210 5.24 2.74 43.74
C PRO C 210 3.91 2.02 43.95
N LYS C 211 2.94 2.60 44.65
CA LYS C 211 1.62 1.99 44.81
C LYS C 211 0.82 1.95 43.49
N VAL C 212 1.01 2.93 42.61
CA VAL C 212 0.41 2.95 41.28
C VAL C 212 1.04 1.93 40.34
N ILE C 213 2.36 1.74 40.42
CA ILE C 213 3.11 0.73 39.65
C ILE C 213 2.74 -0.68 40.10
N LYS C 214 2.76 -0.97 41.40
CA LYS C 214 2.39 -2.27 41.95
C LYS C 214 0.93 -2.64 41.65
N MET C 215 -0.02 -1.72 41.83
CA MET C 215 -1.44 -1.99 41.55
C MET C 215 -1.73 -2.18 40.06
N ASN C 216 -1.05 -1.46 39.17
CA ASN C 216 -1.21 -1.66 37.73
C ASN C 216 -0.55 -2.95 37.26
N TYR C 217 0.62 -3.30 37.81
CA TYR C 217 1.36 -4.50 37.45
C TYR C 217 0.68 -5.80 37.89
N LEU C 218 0.24 -5.87 39.16
CA LEU C 218 -0.51 -7.01 39.67
C LEU C 218 -1.85 -7.23 38.94
N LYS C 219 -2.41 -6.19 38.34
CA LYS C 219 -3.60 -6.26 37.50
C LYS C 219 -3.32 -6.55 36.01
N SER C 220 -2.08 -6.41 35.55
CA SER C 220 -1.73 -6.48 34.12
C SER C 220 -0.99 -7.76 33.72
N TRP C 221 0.10 -8.11 34.42
CA TRP C 221 1.03 -9.16 33.99
C TRP C 221 1.62 -10.03 35.10
N PHE C 222 1.43 -9.70 36.37
CA PHE C 222 2.03 -10.44 37.48
C PHE C 222 1.72 -11.93 37.46
N VAL C 223 0.53 -12.37 37.04
CA VAL C 223 0.19 -13.81 37.07
C VAL C 223 1.05 -14.63 36.10
N VAL C 224 1.23 -14.17 34.86
CA VAL C 224 2.13 -14.80 33.89
C VAL C 224 3.60 -14.65 34.30
N ASP C 225 3.98 -13.52 34.87
CA ASP C 225 5.36 -13.32 35.34
C ASP C 225 5.69 -14.16 36.56
N PHE C 226 4.78 -14.34 37.52
CA PHE C 226 5.05 -15.14 38.72
C PHE C 226 5.11 -16.63 38.40
N ILE C 227 4.12 -17.15 37.67
CA ILE C 227 4.10 -18.54 37.18
C ILE C 227 5.39 -18.87 36.41
N SER C 228 5.87 -17.96 35.57
CA SER C 228 7.10 -18.15 34.82
C SER C 228 8.37 -17.84 35.61
N SER C 229 8.28 -17.18 36.76
CA SER C 229 9.41 -16.80 37.60
C SER C 229 9.77 -17.89 38.59
N ILE C 230 8.82 -18.27 39.43
CA ILE C 230 9.03 -19.18 40.55
C ILE C 230 9.22 -20.62 40.02
N PRO C 231 10.12 -21.45 40.60
CA PRO C 231 10.37 -22.80 40.11
C PRO C 231 9.24 -23.78 40.48
N VAL C 232 8.09 -23.67 39.81
CA VAL C 232 6.90 -24.51 40.05
C VAL C 232 7.17 -26.01 39.87
N ASP C 233 8.10 -26.37 38.99
CA ASP C 233 8.55 -27.74 38.78
C ASP C 233 9.30 -28.29 40.00
N TYR C 234 10.26 -27.56 40.55
CA TYR C 234 10.97 -27.99 41.74
C TYR C 234 10.13 -27.86 43.01
N ILE C 235 9.20 -26.90 43.07
CA ILE C 235 8.18 -26.85 44.13
C ILE C 235 7.34 -28.13 44.11
N PHE C 236 6.87 -28.57 42.94
CA PHE C 236 6.10 -29.81 42.84
C PHE C 236 6.92 -31.05 43.21
N LEU C 237 8.22 -31.11 42.88
CA LEU C 237 9.09 -32.19 43.36
C LEU C 237 9.25 -32.19 44.88
N ILE C 238 9.35 -31.02 45.52
CA ILE C 238 9.41 -30.90 46.98
C ILE C 238 8.09 -31.33 47.63
N VAL C 239 6.94 -30.98 47.03
CA VAL C 239 5.63 -31.45 47.50
C VAL C 239 5.46 -32.95 47.31
N GLU C 240 5.84 -33.50 46.15
CA GLU C 240 5.74 -34.93 45.85
C GLU C 240 6.69 -35.81 46.68
N LYS C 241 7.88 -35.31 47.02
CA LYS C 241 8.77 -35.94 47.99
C LYS C 241 8.26 -35.89 49.43
N GLY C 242 7.25 -35.06 49.72
CA GLY C 242 6.55 -34.98 51.01
C GLY C 242 5.48 -36.05 51.15
N ARG C 252 4.95 -44.18 41.51
CA ARG C 252 4.47 -42.89 41.00
C ARG C 252 5.48 -42.15 40.12
N ALA C 253 6.73 -42.62 40.04
CA ALA C 253 7.84 -41.86 39.47
C ALA C 253 7.61 -41.44 38.00
N LEU C 254 7.07 -42.32 37.16
CA LEU C 254 6.74 -41.99 35.77
C LEU C 254 5.67 -40.90 35.64
N ARG C 255 4.67 -40.88 36.51
CA ARG C 255 3.66 -39.82 36.56
C ARG C 255 4.24 -38.49 37.07
N ILE C 256 5.14 -38.52 38.05
CA ILE C 256 5.82 -37.30 38.53
C ILE C 256 6.72 -36.74 37.42
N VAL C 257 7.50 -37.57 36.74
CA VAL C 257 8.34 -37.12 35.61
C VAL C 257 7.50 -36.66 34.41
N ARG C 258 6.31 -37.21 34.18
CA ARG C 258 5.34 -36.62 33.24
C ARG C 258 4.94 -35.22 33.69
N PHE C 259 4.32 -35.08 34.86
CA PHE C 259 3.71 -33.81 35.24
C PHE C 259 4.73 -32.69 35.44
N THR C 260 5.91 -32.99 35.99
CA THR C 260 6.97 -31.99 36.15
C THR C 260 7.48 -31.44 34.84
N LYS C 261 7.44 -32.16 33.72
CA LYS C 261 7.80 -31.62 32.41
C LYS C 261 6.78 -30.60 31.93
N ILE C 262 5.48 -30.84 32.08
CA ILE C 262 4.43 -29.84 31.77
C ILE C 262 4.57 -28.62 32.67
N LEU C 263 4.73 -28.81 33.99
CA LEU C 263 4.96 -27.69 34.91
C LEU C 263 6.21 -26.90 34.53
N SER C 264 7.29 -27.55 34.12
CA SER C 264 8.51 -26.85 33.74
C SER C 264 8.31 -26.00 32.49
N LEU C 265 7.46 -26.36 31.55
CA LEU C 265 7.14 -25.49 30.41
C LEU C 265 6.30 -24.26 30.79
N LEU C 266 5.88 -24.08 32.04
CA LEU C 266 5.38 -22.77 32.52
C LEU C 266 6.49 -21.70 32.52
N ARG C 267 7.76 -22.11 32.54
CA ARG C 267 8.90 -21.22 32.30
C ARG C 267 8.84 -20.60 30.91
N LEU C 268 8.18 -21.23 29.94
CA LEU C 268 8.05 -20.65 28.60
C LEU C 268 7.19 -19.39 28.57
N LEU C 269 6.37 -19.14 29.60
CA LEU C 269 5.68 -17.86 29.75
C LEU C 269 6.64 -16.70 30.01
N ARG C 270 7.95 -16.92 30.16
CA ARG C 270 8.97 -15.88 29.97
C ARG C 270 8.91 -15.28 28.57
N LEU C 271 8.31 -15.92 27.57
CA LEU C 271 8.11 -15.30 26.27
C LEU C 271 7.23 -14.05 26.35
N SER C 272 6.34 -13.94 27.34
CA SER C 272 5.59 -12.71 27.55
C SER C 272 6.54 -11.56 27.88
N ARG C 273 7.51 -11.78 28.76
CA ARG C 273 8.57 -10.82 29.08
C ARG C 273 9.49 -10.57 27.89
N LEU C 274 9.85 -11.57 27.13
CA LEU C 274 10.66 -11.37 25.94
C LEU C 274 9.94 -10.47 24.94
N ILE C 275 8.67 -10.72 24.64
CA ILE C 275 7.86 -9.87 23.76
C ILE C 275 7.81 -8.46 24.30
N ARG C 276 7.48 -8.28 25.58
CA ARG C 276 7.38 -6.97 26.23
C ARG C 276 8.69 -6.22 26.24
N TYR C 277 9.78 -6.80 26.71
CA TYR C 277 11.05 -6.10 26.82
C TYR C 277 11.64 -5.80 25.44
N ILE C 278 11.43 -6.66 24.44
CA ILE C 278 11.77 -6.32 23.06
C ILE C 278 10.93 -5.13 22.58
N HIS C 279 9.60 -5.12 22.75
CA HIS C 279 8.79 -4.01 22.26
C HIS C 279 9.12 -2.69 22.97
N GLN C 280 9.36 -2.70 24.27
CA GLN C 280 9.81 -1.52 25.00
C GLN C 280 11.14 -1.02 24.46
N TRP C 281 12.14 -1.88 24.31
CA TRP C 281 13.44 -1.42 23.84
C TRP C 281 13.47 -1.09 22.36
N GLU C 282 12.56 -1.60 21.55
CA GLU C 282 12.42 -1.17 20.17
C GLU C 282 11.65 0.14 20.03
N GLU C 283 10.64 0.41 20.86
CA GLU C 283 10.04 1.75 20.91
C GLU C 283 11.09 2.78 21.33
N ILE C 284 11.94 2.46 22.29
CA ILE C 284 13.05 3.32 22.71
C ILE C 284 14.10 3.44 21.60
N PHE C 285 14.44 2.36 20.89
CA PHE C 285 15.44 2.41 19.84
C PHE C 285 14.96 3.09 18.56
N HIS C 286 13.68 3.04 18.20
CA HIS C 286 13.16 3.91 17.13
C HIS C 286 13.37 5.38 17.47
N MET C 287 13.07 5.77 18.72
CA MET C 287 13.36 7.08 19.29
C MET C 287 14.85 7.38 19.51
N THR C 288 15.77 6.54 19.05
CA THR C 288 17.22 6.74 19.25
C THR C 288 18.01 6.59 17.96
N TYR C 289 17.58 5.73 17.04
CA TYR C 289 18.38 5.34 15.87
C TYR C 289 17.59 5.34 14.54
N ASP C 290 16.29 5.57 14.54
CA ASP C 290 15.44 5.53 13.33
C ASP C 290 15.66 4.26 12.48
N LEU C 291 15.55 3.09 13.11
CA LEU C 291 15.53 1.83 12.37
C LEU C 291 14.30 1.79 11.46
N ALA C 292 14.44 1.22 10.27
CA ALA C 292 13.30 1.02 9.39
C ALA C 292 12.26 0.12 10.05
N SER C 293 11.00 0.54 10.12
CA SER C 293 9.94 -0.15 10.87
C SER C 293 9.83 -1.61 10.47
N ALA C 294 9.73 -1.88 9.16
CA ALA C 294 9.59 -3.22 8.65
C ALA C 294 10.84 -4.07 8.87
N VAL C 295 12.04 -3.48 8.96
CA VAL C 295 13.26 -4.22 9.29
C VAL C 295 13.29 -4.60 10.76
N VAL C 296 12.78 -3.77 11.67
CA VAL C 296 12.62 -4.17 13.06
C VAL C 296 11.57 -5.27 13.18
N ARG C 297 10.45 -5.09 12.50
CA ARG C 297 9.33 -6.04 12.52
C ARG C 297 9.62 -7.42 11.92
N ILE C 298 10.33 -7.46 10.80
CA ILE C 298 10.77 -8.72 10.20
C ILE C 298 11.72 -9.45 11.15
N PHE C 299 12.61 -8.75 11.87
CA PHE C 299 13.49 -9.40 12.83
C PHE C 299 12.82 -9.77 14.16
N ASN C 300 11.74 -9.10 14.55
CA ASN C 300 10.88 -9.63 15.60
C ASN C 300 10.32 -10.98 15.16
N LEU C 301 9.74 -11.02 13.97
CA LEU C 301 9.07 -12.21 13.50
C LEU C 301 10.04 -13.33 13.15
N ILE C 302 11.20 -13.08 12.54
CA ILE C 302 12.21 -14.11 12.33
C ILE C 302 12.66 -14.69 13.67
N GLY C 303 12.84 -13.86 14.70
CA GLY C 303 13.11 -14.33 16.05
C GLY C 303 11.97 -15.17 16.62
N MET C 304 10.73 -14.76 16.41
CA MET C 304 9.55 -15.48 16.86
C MET C 304 9.32 -16.79 16.10
N MET C 305 9.53 -16.82 14.79
CA MET C 305 9.48 -18.01 13.97
C MET C 305 10.51 -19.02 14.43
N LEU C 306 11.78 -18.61 14.58
CA LEU C 306 12.82 -19.50 15.08
C LEU C 306 12.46 -20.06 16.45
N LEU C 307 11.91 -19.24 17.35
CA LEU C 307 11.49 -19.72 18.65
C LEU C 307 10.28 -20.65 18.58
N LEU C 308 9.21 -20.30 17.88
CA LEU C 308 8.05 -21.16 17.74
C LEU C 308 8.34 -22.43 16.96
N CYS C 309 9.22 -22.37 15.96
CA CYS C 309 9.72 -23.54 15.24
C CYS C 309 10.52 -24.43 16.18
N HIS C 310 11.35 -23.85 17.03
CA HIS C 310 12.10 -24.57 18.05
C HIS C 310 11.18 -25.18 19.10
N TRP C 311 10.18 -24.44 19.58
CA TRP C 311 9.20 -24.94 20.53
C TRP C 311 8.31 -26.02 19.93
N ASP C 312 7.82 -25.84 18.71
CA ASP C 312 7.13 -26.91 18.01
C ASP C 312 8.05 -28.11 17.83
N GLY C 313 9.29 -27.90 17.42
CA GLY C 313 10.26 -28.97 17.32
C GLY C 313 10.40 -29.73 18.62
N CYS C 314 10.43 -29.06 19.76
CA CYS C 314 10.41 -29.73 21.04
C CYS C 314 9.07 -30.41 21.30
N LEU C 315 7.94 -29.74 21.08
CA LEU C 315 6.61 -30.25 21.34
C LEU C 315 6.32 -31.53 20.56
N GLN C 316 6.77 -31.58 19.31
CA GLN C 316 6.61 -32.71 18.44
C GLN C 316 7.29 -33.95 18.99
N PHE C 317 8.33 -33.80 19.81
CA PHE C 317 8.96 -34.90 20.51
C PHE C 317 8.42 -35.07 21.92
N LEU C 318 8.06 -33.97 22.59
CA LEU C 318 7.58 -33.99 23.95
C LEU C 318 6.28 -34.75 24.07
N VAL C 319 5.32 -34.55 23.15
CA VAL C 319 4.05 -35.26 23.24
C VAL C 319 4.23 -36.78 23.05
N PRO C 320 5.03 -37.29 22.09
CA PRO C 320 5.53 -38.65 22.11
C PRO C 320 6.15 -39.07 23.44
N LEU C 321 7.05 -38.28 24.02
CA LEU C 321 7.72 -38.62 25.29
C LEU C 321 6.76 -38.72 26.46
N LEU C 322 5.82 -37.79 26.61
CA LEU C 322 4.86 -37.79 27.72
C LEU C 322 3.91 -38.97 27.63
N GLN C 323 3.72 -39.53 26.44
CA GLN C 323 3.01 -40.79 26.21
C GLN C 323 3.92 -42.02 26.28
N ASP C 324 5.19 -41.88 26.69
CA ASP C 324 6.18 -42.93 26.76
C ASP C 324 6.50 -43.60 25.42
N PHE C 325 6.52 -42.82 24.33
CA PHE C 325 6.80 -43.24 22.95
C PHE C 325 5.94 -44.41 22.49
N PRO C 326 4.64 -44.20 22.25
CA PRO C 326 3.77 -45.26 21.79
C PRO C 326 4.19 -45.71 20.40
N PRO C 327 3.88 -46.95 19.98
CA PRO C 327 4.43 -47.51 18.76
C PRO C 327 3.93 -46.82 17.49
N ASP C 328 2.87 -46.03 17.58
CA ASP C 328 2.27 -45.29 16.48
C ASP C 328 2.68 -43.81 16.39
N CYS C 329 3.66 -43.34 17.17
CA CYS C 329 4.20 -41.99 17.02
C CYS C 329 5.46 -41.97 16.18
N TRP C 330 5.78 -40.85 15.53
CA TRP C 330 6.90 -40.76 14.62
C TRP C 330 8.24 -41.16 15.24
N VAL C 331 8.46 -40.89 16.52
CA VAL C 331 9.74 -41.23 17.18
C VAL C 331 9.94 -42.73 17.20
N SER C 332 8.88 -43.50 17.46
CA SER C 332 8.91 -44.95 17.41
C SER C 332 8.92 -45.49 15.99
N LEU C 333 8.16 -44.91 15.07
CA LEU C 333 8.13 -45.37 13.66
C LEU C 333 9.47 -45.14 12.95
N ASN C 334 10.14 -44.02 13.24
CA ASN C 334 11.49 -43.73 12.80
C ASN C 334 12.56 -44.50 13.60
N GLU C 335 12.16 -45.35 14.54
CA GLU C 335 13.05 -46.14 15.38
C GLU C 335 14.13 -45.32 16.09
N MET C 336 13.80 -44.10 16.53
CA MET C 336 14.77 -43.15 17.07
C MET C 336 14.48 -42.69 18.50
N VAL C 337 13.77 -43.49 19.29
CA VAL C 337 13.59 -43.28 20.73
C VAL C 337 14.91 -43.34 21.52
N ASN C 338 15.95 -43.97 20.97
CA ASN C 338 17.27 -44.08 21.57
C ASN C 338 18.39 -43.39 20.76
N ASP C 339 18.07 -42.62 19.71
CA ASP C 339 19.04 -41.76 19.05
C ASP C 339 19.56 -40.68 20.01
N SER C 340 20.69 -40.03 19.69
CA SER C 340 21.21 -38.97 20.55
C SER C 340 20.24 -37.80 20.64
N TRP C 341 20.30 -37.02 21.71
CA TRP C 341 19.41 -35.89 21.90
C TRP C 341 19.47 -34.92 20.72
N GLY C 342 20.65 -34.77 20.12
CA GLY C 342 20.89 -33.91 18.98
C GLY C 342 20.27 -34.44 17.70
N LYS C 343 20.31 -35.76 17.47
CA LYS C 343 19.66 -36.38 16.31
C LYS C 343 18.16 -36.27 16.40
N GLN C 344 17.60 -36.54 17.58
CA GLN C 344 16.18 -36.36 17.86
C GLN C 344 15.75 -34.92 17.71
N TYR C 345 16.44 -33.98 18.35
CA TYR C 345 16.14 -32.57 18.21
C TYR C 345 16.21 -32.11 16.76
N SER C 346 17.21 -32.54 15.99
CA SER C 346 17.33 -32.15 14.60
C SER C 346 16.17 -32.66 13.77
N TYR C 347 15.69 -33.88 14.03
CA TYR C 347 14.55 -34.40 13.30
C TYR C 347 13.27 -33.73 13.74
N ALA C 348 13.07 -33.56 15.04
CA ALA C 348 11.88 -32.96 15.58
C ALA C 348 11.76 -31.50 15.12
N LEU C 349 12.86 -30.76 15.13
CA LEU C 349 12.94 -29.42 14.56
C LEU C 349 12.62 -29.44 13.08
N PHE C 350 13.18 -30.37 12.31
CA PHE C 350 12.91 -30.46 10.88
C PHE C 350 11.42 -30.68 10.60
N LYS C 351 10.73 -31.52 11.37
CA LYS C 351 9.27 -31.65 11.27
C LYS C 351 8.61 -30.29 11.46
N ALA C 352 8.86 -29.64 12.58
CA ALA C 352 8.26 -28.35 12.86
C ALA C 352 8.57 -27.29 11.81
N MET C 353 9.80 -27.23 11.36
CA MET C 353 10.25 -26.30 10.33
C MET C 353 9.59 -26.57 8.99
N SER C 354 9.33 -27.82 8.64
CA SER C 354 8.61 -28.18 7.42
C SER C 354 7.13 -27.81 7.49
N HIS C 355 6.51 -27.89 8.67
CA HIS C 355 5.16 -27.39 8.93
C HIS C 355 5.11 -25.87 8.96
N MET C 356 6.21 -25.21 9.32
CA MET C 356 6.31 -23.76 9.30
C MET C 356 6.50 -23.18 7.91
N LEU C 357 7.58 -23.56 7.23
CA LEU C 357 7.99 -22.98 5.95
C LEU C 357 7.20 -23.56 4.75
N CYS C 358 6.08 -24.24 5.00
CA CYS C 358 5.19 -24.85 4.00
C CYS C 358 5.89 -25.88 3.10
N ILE C 359 6.35 -27.02 3.64
CA ILE C 359 7.18 -27.99 2.89
C ILE C 359 6.70 -29.45 2.91
N GLY C 360 6.31 -30.02 4.05
CA GLY C 360 6.05 -31.46 4.13
C GLY C 360 5.87 -31.98 5.56
N TYR C 361 6.21 -33.25 5.80
CA TYR C 361 6.20 -33.88 7.13
C TYR C 361 7.58 -34.50 7.46
N GLY C 362 7.65 -35.40 8.43
CA GLY C 362 8.73 -36.38 8.49
C GLY C 362 8.63 -37.41 7.34
N ALA C 363 9.14 -38.63 7.57
CA ALA C 363 9.12 -39.71 6.57
C ALA C 363 7.71 -40.24 6.23
N GLN C 364 6.70 -39.96 7.06
CA GLN C 364 5.32 -40.42 6.90
C GLN C 364 4.34 -39.34 7.36
N ALA C 365 3.11 -39.36 6.84
CA ALA C 365 1.98 -38.67 7.47
C ALA C 365 1.70 -39.28 8.86
N PRO C 366 1.23 -38.51 9.86
CA PRO C 366 1.13 -39.00 11.24
C PRO C 366 0.17 -40.17 11.38
N VAL C 367 0.53 -41.19 12.15
CA VAL C 367 -0.32 -42.36 12.36
C VAL C 367 -1.21 -42.20 13.59
N SER C 368 -0.64 -41.93 14.76
CA SER C 368 -1.41 -41.79 16.00
C SER C 368 -2.10 -40.44 16.12
N MET C 369 -3.24 -40.39 16.79
CA MET C 369 -4.09 -39.20 16.84
C MET C 369 -3.43 -38.03 17.57
N SER C 370 -2.60 -38.27 18.57
CA SER C 370 -1.87 -37.19 19.23
C SER C 370 -0.77 -36.61 18.35
N ASP C 371 -0.01 -37.44 17.63
CA ASP C 371 0.99 -36.97 16.67
C ASP C 371 0.35 -36.20 15.51
N LEU C 372 -0.81 -36.66 15.06
CA LEU C 372 -1.66 -36.03 14.06
C LEU C 372 -2.16 -34.65 14.51
N TRP C 373 -2.64 -34.52 15.74
CA TRP C 373 -3.09 -33.23 16.26
C TRP C 373 -1.97 -32.27 16.60
N ILE C 374 -0.83 -32.75 17.09
CA ILE C 374 0.33 -31.90 17.27
C ILE C 374 0.89 -31.44 15.92
N THR C 375 0.82 -32.29 14.90
CA THR C 375 1.12 -31.88 13.53
C THR C 375 0.15 -30.83 13.03
N MET C 376 -1.16 -30.99 13.21
CA MET C 376 -2.11 -29.94 12.82
C MET C 376 -1.88 -28.65 13.58
N LEU C 377 -1.64 -28.68 14.89
CA LEU C 377 -1.29 -27.49 15.65
C LEU C 377 -0.04 -26.83 15.08
N SER C 378 0.99 -27.61 14.78
CA SER C 378 2.23 -27.09 14.24
C SER C 378 2.10 -26.57 12.82
N MET C 379 1.20 -27.12 12.01
CA MET C 379 0.81 -26.55 10.73
C MET C 379 0.07 -25.23 10.89
N ILE C 380 -0.92 -25.15 11.78
CA ILE C 380 -1.65 -23.91 12.04
C ILE C 380 -0.70 -22.83 12.53
N VAL C 381 0.14 -23.11 13.52
CA VAL C 381 1.14 -22.17 14.04
C VAL C 381 2.16 -21.82 12.96
N GLY C 382 2.61 -22.83 12.23
CA GLY C 382 3.61 -22.71 11.20
C GLY C 382 3.18 -21.88 10.00
N ALA C 383 2.07 -22.23 9.37
CA ALA C 383 1.51 -21.51 8.25
C ALA C 383 0.94 -20.14 8.66
N THR C 384 0.52 -19.95 9.92
CA THR C 384 0.27 -18.61 10.45
C THR C 384 1.56 -17.81 10.46
N CYS C 385 2.66 -18.32 11.01
CA CYS C 385 3.94 -17.64 10.99
C CYS C 385 4.40 -17.32 9.58
N TYR C 386 4.31 -18.27 8.64
CA TYR C 386 4.76 -18.00 7.29
C TYR C 386 3.87 -16.99 6.58
N ALA C 387 2.56 -16.98 6.81
CA ALA C 387 1.71 -15.92 6.29
C ALA C 387 2.07 -14.56 6.88
N MET C 388 2.28 -14.49 8.20
CA MET C 388 2.75 -13.29 8.87
C MET C 388 4.10 -12.85 8.33
N PHE C 389 4.96 -13.78 7.92
CA PHE C 389 6.29 -13.49 7.40
C PHE C 389 6.27 -13.07 5.95
N VAL C 390 5.41 -13.62 5.12
CA VAL C 390 5.14 -13.08 3.78
C VAL C 390 4.54 -11.69 3.88
N GLY C 391 3.67 -11.43 4.85
CA GLY C 391 3.17 -10.09 5.11
C GLY C 391 4.27 -9.10 5.48
N HIS C 392 5.15 -9.45 6.41
CA HIS C 392 6.26 -8.59 6.78
C HIS C 392 7.30 -8.46 5.68
N ALA C 393 7.58 -9.52 4.91
CA ALA C 393 8.46 -9.44 3.77
C ALA C 393 7.92 -8.47 2.73
N THR C 394 6.61 -8.53 2.46
CA THR C 394 5.93 -7.59 1.58
C THR C 394 6.02 -6.17 2.09
N ALA C 395 5.74 -5.92 3.36
CA ALA C 395 5.89 -4.59 3.96
C ALA C 395 7.33 -4.08 3.92
N LEU C 396 8.32 -4.94 4.15
CA LEU C 396 9.73 -4.61 4.04
C LEU C 396 10.05 -4.17 2.62
N ILE C 397 9.66 -4.96 1.62
CA ILE C 397 9.89 -4.66 0.20
C ILE C 397 9.20 -3.38 -0.22
N GLN C 398 7.93 -3.18 0.13
CA GLN C 398 7.19 -1.96 -0.18
C GLN C 398 7.71 -0.73 0.57
N SER C 399 8.41 -0.87 1.68
CA SER C 399 9.12 0.24 2.33
C SER C 399 10.45 0.56 1.66
N LEU C 400 11.18 -0.45 1.19
CA LEU C 400 12.53 -0.29 0.66
C LEU C 400 12.57 0.47 -0.66
N ASP C 401 11.63 0.27 -1.57
CA ASP C 401 11.53 1.08 -2.80
C ASP C 401 10.45 2.15 -2.75
N SER C 402 9.95 2.48 -1.56
CA SER C 402 8.78 3.34 -1.36
C SER C 402 8.85 4.67 -2.09
N SER C 403 10.00 5.33 -2.14
CA SER C 403 10.12 6.59 -2.86
C SER C 403 10.10 6.42 -4.37
N ARG C 404 10.62 5.34 -4.89
CA ARG C 404 10.57 5.10 -6.29
C ARG C 404 9.22 4.69 -6.68
N ARG C 405 8.56 3.96 -5.86
CA ARG C 405 7.18 3.53 -6.07
C ARG C 405 6.25 4.73 -6.09
N GLN C 406 6.43 5.67 -5.15
CA GLN C 406 5.67 6.91 -5.10
C GLN C 406 5.96 7.82 -6.28
N TYR C 407 7.19 7.88 -6.78
CA TYR C 407 7.48 8.64 -8.00
C TYR C 407 6.75 8.06 -9.19
N GLN C 408 6.78 6.75 -9.39
CA GLN C 408 6.12 6.13 -10.54
C GLN C 408 4.61 6.15 -10.42
N GLU C 409 4.05 6.13 -9.21
CA GLU C 409 2.63 6.41 -8.98
C GLU C 409 2.29 7.84 -9.37
N LYS C 410 3.07 8.85 -8.94
CA LYS C 410 2.86 10.24 -9.34
C LYS C 410 2.97 10.40 -10.84
N TYR C 411 4.00 9.84 -11.46
CA TYR C 411 4.10 9.96 -12.91
C TYR C 411 2.92 9.29 -13.61
N LYS C 412 2.53 8.11 -13.17
CA LYS C 412 1.33 7.49 -13.75
C LYS C 412 0.12 8.41 -13.67
N GLN C 413 -0.01 9.28 -12.67
CA GLN C 413 -1.06 10.30 -12.69
C GLN C 413 -0.82 11.39 -13.74
N VAL C 414 0.43 11.68 -14.09
CA VAL C 414 0.74 12.54 -15.24
C VAL C 414 0.33 11.86 -16.54
N GLU C 415 0.59 10.56 -16.70
CA GLU C 415 0.11 9.80 -17.84
C GLU C 415 -1.41 9.70 -17.91
N GLN C 416 -2.08 9.58 -16.76
CA GLN C 416 -3.53 9.63 -16.71
C GLN C 416 -4.06 11.00 -17.10
N TYR C 417 -3.43 12.10 -16.66
CA TYR C 417 -3.77 13.44 -17.13
C TYR C 417 -3.58 13.58 -18.64
N MET C 418 -2.42 13.16 -19.16
CA MET C 418 -2.12 13.22 -20.58
C MET C 418 -3.12 12.44 -21.42
N SER C 419 -3.51 11.25 -20.97
CA SER C 419 -4.45 10.40 -21.69
C SER C 419 -5.90 10.85 -21.53
N PHE C 420 -6.30 11.43 -20.39
CA PHE C 420 -7.61 12.04 -20.22
C PHE C 420 -7.81 13.20 -21.19
N HIS C 421 -6.80 14.06 -21.31
CA HIS C 421 -6.78 15.16 -22.27
C HIS C 421 -6.45 14.74 -23.71
N LYS C 422 -6.25 13.43 -23.97
CA LYS C 422 -5.91 12.87 -25.29
C LYS C 422 -4.74 13.57 -25.97
N LEU C 423 -3.70 13.92 -25.22
CA LEU C 423 -2.54 14.67 -25.76
C LEU C 423 -1.79 13.85 -26.81
N PRO C 424 -1.24 14.46 -27.87
CA PRO C 424 -0.46 13.79 -28.90
C PRO C 424 0.74 13.07 -28.32
N ALA C 425 1.14 11.94 -28.91
CA ALA C 425 2.30 11.17 -28.46
C ALA C 425 3.59 11.99 -28.46
N ASP C 426 3.74 12.93 -29.40
CA ASP C 426 4.88 13.85 -29.47
C ASP C 426 4.97 14.76 -28.24
N MET C 427 3.83 15.25 -27.75
CA MET C 427 3.76 16.07 -26.54
C MET C 427 3.81 15.23 -25.28
N ARG C 428 3.30 14.01 -25.31
CA ARG C 428 3.42 13.14 -24.14
C ARG C 428 4.91 12.82 -23.91
N GLN C 429 5.66 12.53 -24.97
CA GLN C 429 7.09 12.31 -24.87
C GLN C 429 7.80 13.56 -24.35
N LYS C 430 7.38 14.75 -24.79
CA LYS C 430 7.90 16.01 -24.26
C LYS C 430 7.62 16.17 -22.77
N ILE C 431 6.43 15.84 -22.28
CA ILE C 431 6.11 15.89 -20.85
C ILE C 431 6.90 14.84 -20.09
N HIS C 432 7.09 13.64 -20.63
CA HIS C 432 7.92 12.61 -20.01
C HIS C 432 9.35 13.10 -19.84
N ASP C 433 9.99 13.58 -20.90
CA ASP C 433 11.34 14.10 -20.84
C ASP C 433 11.45 15.33 -19.93
N TYR C 434 10.39 16.11 -19.77
CA TYR C 434 10.34 17.16 -18.77
C TYR C 434 10.39 16.59 -17.37
N TYR C 435 9.53 15.66 -17.00
CA TYR C 435 9.54 15.08 -15.65
C TYR C 435 10.86 14.39 -15.33
N GLU C 436 11.46 13.71 -16.31
CA GLU C 436 12.76 13.10 -16.19
C GLU C 436 13.86 14.12 -15.84
N HIS C 437 13.83 15.34 -16.39
CA HIS C 437 14.82 16.38 -16.05
C HIS C 437 14.40 17.26 -14.87
N ARG C 438 13.11 17.40 -14.62
CA ARG C 438 12.66 18.25 -13.54
C ARG C 438 12.77 17.59 -12.17
N TYR C 439 12.54 16.30 -12.13
CA TYR C 439 12.54 15.53 -10.88
C TYR C 439 13.62 14.46 -10.82
N GLN C 440 14.27 14.10 -11.93
CA GLN C 440 15.32 13.09 -11.96
C GLN C 440 14.88 11.75 -11.31
N GLY C 441 13.60 11.41 -11.43
CA GLY C 441 13.01 10.19 -10.86
C GLY C 441 12.82 10.23 -9.35
N LYS C 442 12.98 11.40 -8.72
CA LYS C 442 12.91 11.60 -7.27
C LYS C 442 11.60 12.27 -6.91
N ILE C 443 10.86 11.76 -5.94
CA ILE C 443 9.62 12.39 -5.49
C ILE C 443 9.82 13.13 -4.19
N PHE C 444 9.39 14.38 -4.19
CA PHE C 444 9.36 15.29 -3.07
C PHE C 444 8.38 16.41 -3.37
N ASP C 445 7.94 17.14 -2.36
CA ASP C 445 7.26 18.43 -2.54
C ASP C 445 8.13 19.50 -1.88
N GLU C 446 8.75 20.36 -2.68
CA GLU C 446 9.67 21.38 -2.20
C GLU C 446 8.96 22.35 -1.28
N GLU C 447 7.74 22.74 -1.64
CA GLU C 447 6.95 23.68 -0.86
C GLU C 447 6.55 23.07 0.47
N ASN C 448 6.19 21.80 0.49
CA ASN C 448 5.87 21.11 1.73
C ASN C 448 7.09 20.97 2.63
N ILE C 449 8.21 20.45 2.10
CA ILE C 449 9.42 20.21 2.87
C ILE C 449 9.99 21.52 3.40
N LEU C 450 10.10 22.57 2.59
CA LEU C 450 10.59 23.84 3.08
C LEU C 450 9.67 24.43 4.16
N ASN C 451 8.35 24.19 4.13
CA ASN C 451 7.46 24.63 5.20
C ASN C 451 7.63 23.84 6.50
N GLU C 452 8.08 22.58 6.43
CA GLU C 452 8.34 21.76 7.61
C GLU C 452 9.62 22.13 8.34
N LEU C 453 10.60 22.71 7.65
CA LEU C 453 11.87 23.17 8.23
C LEU C 453 11.72 24.45 9.07
N ASN C 454 12.73 24.76 9.88
CA ASN C 454 12.87 26.07 10.52
C ASN C 454 13.50 27.08 9.55
N ASP C 455 13.54 28.35 9.92
CA ASP C 455 14.13 29.38 9.09
C ASP C 455 15.63 29.18 8.83
N PRO C 456 16.50 28.98 9.82
CA PRO C 456 17.92 28.76 9.61
C PRO C 456 18.27 27.63 8.65
N LEU C 457 17.47 26.57 8.64
CA LEU C 457 17.68 25.39 7.82
C LEU C 457 17.14 25.60 6.40
N ARG C 458 16.00 26.28 6.22
CA ARG C 458 15.60 26.79 4.90
C ARG C 458 16.69 27.69 4.33
N GLU C 459 17.17 28.64 5.12
CA GLU C 459 18.17 29.61 4.70
C GLU C 459 19.51 28.93 4.35
N GLU C 460 19.91 27.89 5.06
CA GLU C 460 21.11 27.14 4.70
C GLU C 460 20.94 26.34 3.40
N ILE C 461 19.80 25.67 3.22
CA ILE C 461 19.48 24.93 1.99
C ILE C 461 19.40 25.87 0.80
N VAL C 462 18.73 27.00 0.94
CA VAL C 462 18.56 28.02 -0.09
C VAL C 462 19.90 28.66 -0.44
N ASN C 463 20.73 29.03 0.54
CA ASN C 463 22.02 29.63 0.26
C ASN C 463 22.99 28.63 -0.36
N PHE C 464 22.92 27.34 -0.04
CA PHE C 464 23.70 26.33 -0.76
C PHE C 464 23.26 26.18 -2.21
N ASN C 465 21.96 26.11 -2.48
CA ASN C 465 21.43 25.99 -3.83
C ASN C 465 21.71 27.21 -4.70
N CYS C 466 21.41 28.40 -4.20
CA CYS C 466 21.18 29.57 -5.05
C CYS C 466 22.18 30.71 -4.89
N ARG C 467 22.95 30.78 -3.80
CA ARG C 467 23.87 31.90 -3.59
C ARG C 467 25.00 31.91 -4.61
N LYS C 468 25.45 30.73 -5.08
CA LYS C 468 26.41 30.63 -6.18
C LYS C 468 25.87 31.17 -7.50
N LEU C 469 24.58 31.00 -7.78
CA LEU C 469 23.92 31.55 -8.97
C LEU C 469 23.74 33.07 -8.89
N VAL C 470 23.26 33.58 -7.75
CA VAL C 470 23.00 35.00 -7.59
C VAL C 470 24.25 35.86 -7.38
N ALA C 471 25.33 35.34 -6.79
CA ALA C 471 26.54 36.11 -6.50
C ALA C 471 27.27 36.65 -7.74
N THR C 472 27.01 36.10 -8.92
CA THR C 472 27.50 36.66 -10.17
C THR C 472 26.73 37.92 -10.62
N MET C 473 25.48 38.10 -10.20
CA MET C 473 24.67 39.21 -10.67
C MET C 473 25.13 40.54 -10.06
N PRO C 474 25.22 41.64 -10.83
CA PRO C 474 25.65 42.93 -10.31
C PRO C 474 24.61 43.55 -9.36
N LEU C 475 23.35 43.13 -9.42
CA LEU C 475 22.33 43.52 -8.45
C LEU C 475 22.67 43.03 -7.04
N PHE C 476 23.22 41.81 -6.91
CA PHE C 476 23.32 41.09 -5.64
C PHE C 476 24.76 40.88 -5.14
N ALA C 477 25.77 40.98 -5.99
CA ALA C 477 27.18 40.92 -5.56
C ALA C 477 27.55 42.03 -4.57
N ASN C 478 26.91 43.20 -4.67
CA ASN C 478 27.13 44.37 -3.83
C ASN C 478 26.06 44.61 -2.75
N ALA C 479 25.17 43.65 -2.49
CA ALA C 479 24.05 43.80 -1.54
C ALA C 479 24.32 43.15 -0.17
N ASP C 480 23.49 43.45 0.83
CA ASP C 480 23.60 42.95 2.20
C ASP C 480 23.24 41.45 2.35
N PRO C 481 24.00 40.64 3.10
CA PRO C 481 23.76 39.19 3.24
C PRO C 481 22.37 38.79 3.71
N ASN C 482 21.75 39.60 4.56
CA ASN C 482 20.38 39.38 5.04
C ASN C 482 19.36 39.57 3.91
N PHE C 483 19.49 40.62 3.11
CA PHE C 483 18.66 40.87 1.93
C PHE C 483 18.79 39.76 0.90
N VAL C 484 20.02 39.38 0.53
CA VAL C 484 20.20 38.29 -0.44
C VAL C 484 19.63 37.00 0.12
N THR C 485 19.83 36.67 1.40
CA THR C 485 19.23 35.46 1.98
C THR C 485 17.70 35.49 1.91
N ALA C 486 17.08 36.65 2.10
CA ALA C 486 15.63 36.80 1.96
C ALA C 486 15.19 36.67 0.50
N MET C 487 15.97 37.21 -0.43
CA MET C 487 15.74 37.15 -1.88
C MET C 487 15.82 35.73 -2.42
N LEU C 488 16.87 34.98 -2.10
CA LEU C 488 17.07 33.64 -2.66
C LEU C 488 15.89 32.71 -2.34
N SER C 489 15.19 32.90 -1.23
CA SER C 489 14.02 32.08 -0.86
C SER C 489 12.83 32.28 -1.81
N LYS C 490 12.79 33.39 -2.53
CA LYS C 490 11.76 33.73 -3.53
C LYS C 490 12.04 33.14 -4.91
N LEU C 491 13.23 32.58 -5.14
CA LEU C 491 13.56 31.93 -6.40
C LEU C 491 12.76 30.65 -6.57
N ARG C 492 12.21 30.48 -7.76
CA ARG C 492 11.47 29.29 -8.12
C ARG C 492 12.28 28.56 -9.17
N PHE C 493 12.52 27.29 -8.95
CA PHE C 493 13.25 26.43 -9.87
C PHE C 493 12.37 26.04 -11.07
N GLU C 494 12.87 26.20 -12.28
CA GLU C 494 12.16 25.90 -13.52
C GLU C 494 13.10 25.16 -14.47
N VAL C 495 12.62 24.15 -15.18
CA VAL C 495 13.42 23.41 -16.15
C VAL C 495 12.87 23.63 -17.54
N PHE C 496 13.69 24.06 -18.49
CA PHE C 496 13.27 24.30 -19.86
C PHE C 496 13.96 23.33 -20.80
N GLN C 497 13.17 22.58 -21.55
CA GLN C 497 13.66 21.63 -22.54
C GLN C 497 14.15 22.35 -23.80
N PRO C 498 15.04 21.76 -24.60
CA PRO C 498 15.61 22.44 -25.74
C PRO C 498 14.54 22.86 -26.74
N GLY C 499 14.66 24.07 -27.26
CA GLY C 499 13.67 24.73 -28.11
C GLY C 499 12.57 25.49 -27.36
N ASP C 500 12.40 25.29 -26.05
CA ASP C 500 11.46 26.06 -25.26
C ASP C 500 11.91 27.52 -25.14
N TYR C 501 11.07 28.48 -25.53
CA TYR C 501 11.34 29.89 -25.29
C TYR C 501 11.07 30.21 -23.83
N ILE C 502 12.12 30.56 -23.08
CA ILE C 502 12.00 30.95 -21.68
C ILE C 502 11.39 32.35 -21.58
N ILE C 503 11.87 33.26 -22.41
CA ILE C 503 11.37 34.61 -22.58
C ILE C 503 11.14 34.86 -24.07
N ARG C 504 10.05 35.53 -24.44
CA ARG C 504 9.74 35.89 -25.83
C ARG C 504 9.86 37.40 -26.02
N GLU C 505 10.46 37.84 -27.12
CA GLU C 505 10.55 39.27 -27.41
C GLU C 505 9.16 39.90 -27.49
N GLY C 506 8.98 41.09 -26.93
CA GLY C 506 7.69 41.78 -26.89
C GLY C 506 6.70 41.27 -25.85
N ALA C 507 6.95 40.16 -25.15
CA ALA C 507 6.12 39.75 -24.00
C ALA C 507 6.43 40.58 -22.75
N VAL C 508 5.46 40.75 -21.85
CA VAL C 508 5.66 41.46 -20.58
C VAL C 508 6.64 40.73 -19.66
N GLY C 509 7.59 41.45 -19.07
CA GLY C 509 8.66 40.90 -18.22
C GLY C 509 8.22 40.53 -16.81
N LYS C 510 7.32 39.56 -16.66
CA LYS C 510 6.77 39.15 -15.37
C LYS C 510 7.78 38.53 -14.40
N LYS C 511 8.87 37.92 -14.90
CA LYS C 511 9.95 37.34 -14.07
C LYS C 511 11.29 37.34 -14.78
N MET C 512 12.38 37.25 -14.02
CA MET C 512 13.74 37.20 -14.54
C MET C 512 14.48 35.96 -14.04
N TYR C 513 15.46 35.51 -14.83
CA TYR C 513 16.11 34.24 -14.55
C TYR C 513 17.61 34.17 -14.38
N PHE C 514 18.00 33.07 -13.75
CA PHE C 514 19.37 32.68 -13.47
C PHE C 514 19.58 31.26 -13.95
N ILE C 515 20.71 30.94 -14.56
CA ILE C 515 20.96 29.60 -15.10
C ILE C 515 21.74 28.77 -14.07
N GLN C 516 21.17 27.69 -13.55
CA GLN C 516 21.91 26.70 -12.76
C GLN C 516 22.73 25.81 -13.68
N HIS C 517 22.11 25.28 -14.74
CA HIS C 517 22.72 24.41 -15.74
C HIS C 517 22.09 24.62 -17.12
N GLY C 518 22.81 24.24 -18.17
CA GLY C 518 22.35 24.28 -19.56
C GLY C 518 22.72 25.57 -20.28
N VAL C 519 22.58 25.58 -21.61
CA VAL C 519 22.82 26.76 -22.43
C VAL C 519 21.50 27.39 -22.87
N ALA C 520 21.30 28.68 -22.65
CA ALA C 520 20.14 29.42 -23.11
C ALA C 520 20.58 30.51 -24.09
N GLY C 521 20.13 30.45 -25.33
CA GLY C 521 20.54 31.38 -26.38
C GLY C 521 19.70 32.64 -26.36
N VAL C 522 20.32 33.81 -26.19
CA VAL C 522 19.65 35.08 -26.40
C VAL C 522 19.49 35.36 -27.90
N ILE C 523 18.34 34.99 -28.46
CA ILE C 523 17.98 35.16 -29.86
C ILE C 523 17.56 36.60 -30.18
N THR C 524 18.49 37.54 -30.03
CA THR C 524 18.25 38.98 -30.16
C THR C 524 17.77 39.41 -31.55
N LYS C 525 16.99 40.48 -31.61
CA LYS C 525 16.37 40.98 -32.84
C LYS C 525 17.34 41.62 -33.85
N SER C 526 18.61 41.83 -33.47
CA SER C 526 19.61 42.50 -34.31
C SER C 526 21.05 42.03 -34.04
N SER C 527 21.25 40.80 -33.59
CA SER C 527 22.57 40.25 -33.26
C SER C 527 22.62 38.72 -33.36
N LYS C 528 23.84 38.16 -33.39
CA LYS C 528 24.05 36.71 -33.26
C LYS C 528 23.62 36.18 -31.90
N GLU C 529 23.23 34.90 -31.85
CA GLU C 529 22.73 34.28 -30.63
C GLU C 529 23.83 34.11 -29.57
N MET C 530 23.84 34.96 -28.53
CA MET C 530 24.75 34.82 -27.40
C MET C 530 24.33 33.62 -26.53
N LYS C 531 25.09 32.53 -26.56
CA LYS C 531 24.79 31.33 -25.78
C LYS C 531 25.18 31.52 -24.32
N LEU C 532 24.21 31.89 -23.47
CA LEU C 532 24.42 32.05 -22.02
C LEU C 532 24.59 30.68 -21.36
N THR C 533 25.79 30.40 -20.86
CA THR C 533 26.11 29.14 -20.21
C THR C 533 25.72 29.12 -18.74
N ASP C 534 25.87 27.96 -18.08
CA ASP C 534 25.59 27.80 -16.65
C ASP C 534 26.25 28.87 -15.78
N GLY C 535 25.50 29.43 -14.83
CA GLY C 535 25.90 30.54 -13.98
C GLY C 535 25.58 31.93 -14.53
N SER C 536 25.16 32.06 -15.79
CA SER C 536 24.67 33.34 -16.36
C SER C 536 23.29 33.74 -15.81
N TYR C 537 22.83 34.94 -16.14
CA TYR C 537 21.51 35.46 -15.79
C TYR C 537 20.93 36.31 -16.91
N PHE C 538 19.60 36.42 -17.01
CA PHE C 538 18.91 37.12 -18.09
C PHE C 538 17.49 37.51 -17.71
N GLY C 539 16.87 38.37 -18.50
CA GLY C 539 15.61 39.01 -18.14
C GLY C 539 15.74 40.10 -17.08
N GLU C 540 16.96 40.45 -16.67
CA GLU C 540 17.24 41.36 -15.56
C GLU C 540 16.63 42.75 -15.69
N ILE C 541 16.41 43.24 -16.91
CA ILE C 541 15.72 44.51 -17.15
C ILE C 541 14.23 44.49 -16.76
N CYS C 542 13.63 43.33 -16.50
CA CYS C 542 12.26 43.21 -16.05
C CYS C 542 12.04 43.80 -14.65
N LEU C 543 12.96 43.58 -13.74
CA LEU C 543 12.85 44.03 -12.35
C LEU C 543 13.02 45.55 -12.23
N LEU C 544 13.94 46.14 -12.99
CA LEU C 544 14.21 47.58 -12.95
C LEU C 544 13.26 48.43 -13.82
N THR C 545 12.90 47.98 -15.02
CA THR C 545 12.28 48.85 -16.05
C THR C 545 10.78 48.65 -16.30
N LYS C 546 10.18 47.55 -15.82
CA LYS C 546 8.75 47.24 -15.97
C LYS C 546 8.20 47.23 -17.43
N GLY C 547 9.06 47.05 -18.43
CA GLY C 547 8.71 46.98 -19.86
C GLY C 547 8.57 45.57 -20.44
N ARG C 548 8.19 45.47 -21.71
CA ARG C 548 8.22 44.21 -22.47
C ARG C 548 9.64 43.83 -22.89
N ARG C 549 9.93 42.53 -23.03
CA ARG C 549 11.30 42.03 -23.23
C ARG C 549 11.91 42.44 -24.56
N THR C 550 13.18 42.84 -24.56
CA THR C 550 13.90 43.33 -25.73
C THR C 550 14.60 42.28 -26.59
N ALA C 551 14.67 41.03 -26.12
CA ALA C 551 15.20 39.89 -26.86
C ALA C 551 14.57 38.59 -26.33
N SER C 552 14.29 37.65 -27.22
CA SER C 552 13.83 36.32 -26.81
C SER C 552 15.01 35.49 -26.30
N VAL C 553 14.77 34.58 -25.35
CA VAL C 553 15.78 33.66 -24.84
C VAL C 553 15.23 32.25 -24.90
N ARG C 554 15.91 31.36 -25.62
CA ARG C 554 15.45 29.98 -25.79
C ARG C 554 16.45 28.95 -25.33
N ALA C 555 15.97 27.87 -24.73
CA ALA C 555 16.81 26.80 -24.24
C ALA C 555 17.50 26.08 -25.41
N ASP C 556 18.82 26.02 -25.41
CA ASP C 556 19.62 25.29 -26.40
C ASP C 556 20.02 23.89 -25.90
N THR C 557 19.80 23.62 -24.62
CA THR C 557 19.92 22.33 -23.95
C THR C 557 18.79 22.21 -22.94
N TYR C 558 18.77 21.21 -22.06
CA TYR C 558 17.82 21.18 -20.95
C TYR C 558 18.28 22.17 -19.89
N CYS C 559 17.85 23.43 -19.99
CA CYS C 559 18.17 24.42 -18.98
C CYS C 559 17.54 24.06 -17.65
N ARG C 560 18.30 24.21 -16.57
CA ARG C 560 17.77 24.25 -15.22
C ARG C 560 17.98 25.65 -14.72
N LEU C 561 16.90 26.36 -14.46
CA LEU C 561 16.90 27.79 -14.17
C LEU C 561 16.33 28.05 -12.78
N TYR C 562 16.78 29.11 -12.15
CA TYR C 562 16.08 29.72 -11.02
C TYR C 562 15.44 31.01 -11.50
N SER C 563 14.20 31.25 -11.14
CA SER C 563 13.42 32.40 -11.62
C SER C 563 12.93 33.27 -10.48
N LEU C 564 12.89 34.57 -10.67
CA LEU C 564 12.55 35.57 -9.67
C LEU C 564 11.42 36.44 -10.21
N SER C 565 10.18 36.20 -9.79
CA SER C 565 9.06 37.00 -10.30
C SER C 565 9.17 38.43 -9.82
N VAL C 566 8.76 39.40 -10.62
CA VAL C 566 8.81 40.80 -10.18
C VAL C 566 7.78 41.08 -9.08
N ASP C 567 6.69 40.31 -9.03
CA ASP C 567 5.83 40.27 -7.86
C ASP C 567 6.58 39.87 -6.57
N ASN C 568 7.37 38.79 -6.59
CA ASN C 568 8.14 38.36 -5.43
C ASN C 568 9.37 39.24 -5.16
N PHE C 569 9.98 39.81 -6.19
CA PHE C 569 11.07 40.77 -6.01
C PHE C 569 10.61 41.98 -5.23
N ASN C 570 9.49 42.58 -5.65
CA ASN C 570 8.89 43.71 -4.94
C ASN C 570 8.40 43.32 -3.54
N GLU C 571 7.86 42.12 -3.35
CA GLU C 571 7.49 41.60 -2.03
C GLU C 571 8.68 41.53 -1.07
N VAL C 572 9.88 41.19 -1.55
CA VAL C 572 11.10 41.21 -0.74
C VAL C 572 11.69 42.62 -0.59
N LEU C 573 11.66 43.47 -1.62
CA LEU C 573 12.17 44.83 -1.50
C LEU C 573 11.35 45.69 -0.52
N GLU C 574 10.05 45.43 -0.35
CA GLU C 574 9.26 46.06 0.71
C GLU C 574 9.79 45.76 2.12
N GLU C 575 10.50 44.66 2.31
CA GLU C 575 11.18 44.28 3.55
C GLU C 575 12.56 44.92 3.73
N TYR C 576 13.15 45.51 2.68
CA TYR C 576 14.48 46.13 2.73
C TYR C 576 14.53 47.48 2.00
N PRO C 577 13.77 48.51 2.42
CA PRO C 577 13.71 49.81 1.74
C PRO C 577 15.07 50.49 1.48
N MET C 578 16.10 50.21 2.29
CA MET C 578 17.44 50.72 2.06
C MET C 578 18.04 50.23 0.73
N MET C 579 17.85 48.95 0.40
CA MET C 579 18.22 48.39 -0.90
C MET C 579 17.27 48.87 -2.01
N ARG C 580 15.99 49.09 -1.71
CA ARG C 580 15.01 49.62 -2.66
C ARG C 580 15.39 51.01 -3.16
N ARG C 581 15.76 51.92 -2.26
CA ARG C 581 16.29 53.23 -2.61
C ARG C 581 17.66 53.14 -3.31
N ALA C 582 18.44 52.08 -3.11
CA ALA C 582 19.73 51.90 -3.78
C ALA C 582 19.56 51.44 -5.24
N PHE C 583 18.75 50.41 -5.48
CA PHE C 583 18.45 49.95 -6.85
C PHE C 583 17.71 51.02 -7.66
N GLU C 584 16.86 51.85 -7.02
CA GLU C 584 16.24 53.02 -7.61
C GLU C 584 17.23 54.09 -8.09
N THR C 585 18.50 54.04 -7.68
CA THR C 585 19.57 54.88 -8.22
C THR C 585 20.05 54.46 -9.62
N VAL C 586 19.72 53.25 -10.07
CA VAL C 586 20.12 52.72 -11.37
C VAL C 586 19.11 51.68 -11.89
N MET D 94 45.10 4.50 -29.50
CA MET D 94 45.61 5.88 -29.39
C MET D 94 45.29 6.47 -28.02
N GLN D 95 46.24 7.20 -27.40
CA GLN D 95 46.17 7.61 -26.00
C GLN D 95 44.99 8.54 -25.64
N ARG D 96 44.56 9.38 -26.58
CA ARG D 96 43.40 10.25 -26.39
C ARG D 96 42.10 9.45 -26.26
N GLN D 97 41.86 8.48 -27.16
CA GLN D 97 40.70 7.58 -27.10
C GLN D 97 40.77 6.63 -25.89
N PHE D 98 41.97 6.14 -25.55
CA PHE D 98 42.19 5.32 -24.36
C PHE D 98 41.86 6.06 -23.05
N THR D 99 42.28 7.32 -22.93
CA THR D 99 41.93 8.17 -21.78
C THR D 99 40.44 8.53 -21.79
N SER D 100 39.88 8.79 -22.96
CA SER D 100 38.48 9.16 -23.16
C SER D 100 37.50 8.13 -22.61
N MET D 101 37.81 6.83 -22.71
CA MET D 101 36.96 5.77 -22.16
C MET D 101 36.84 5.81 -20.64
N LEU D 102 37.86 6.27 -19.91
CA LEU D 102 37.89 6.25 -18.45
C LEU D 102 37.18 7.44 -17.79
N GLN D 103 36.81 8.47 -18.56
CA GLN D 103 36.10 9.68 -18.12
C GLN D 103 34.57 9.54 -18.27
N PRO D 104 33.75 10.29 -17.51
CA PRO D 104 32.31 10.24 -17.70
C PRO D 104 31.93 10.87 -19.03
N GLY D 105 31.35 10.12 -19.95
CA GLY D 105 31.07 10.59 -21.30
C GLY D 105 29.93 11.61 -21.37
N VAL D 106 29.78 12.31 -22.49
CA VAL D 106 28.60 13.15 -22.77
C VAL D 106 27.51 12.28 -23.37
N ASN D 107 26.65 11.72 -22.54
CA ASN D 107 25.59 10.80 -22.92
C ASN D 107 24.30 11.06 -22.12
N LYS D 108 23.18 10.47 -22.54
CA LYS D 108 21.84 10.74 -21.96
C LYS D 108 21.81 10.61 -20.44
N PHE D 109 22.55 9.67 -19.88
CA PHE D 109 22.69 9.53 -18.44
C PHE D 109 23.53 10.64 -17.82
N SER D 110 24.74 10.85 -18.30
CA SER D 110 25.72 11.75 -17.68
C SER D 110 25.27 13.21 -17.75
N LEU D 111 24.71 13.65 -18.88
CA LEU D 111 24.13 14.99 -19.03
C LEU D 111 22.87 15.19 -18.18
N ARG D 112 22.22 14.12 -17.70
CA ARG D 112 21.12 14.14 -16.74
C ARG D 112 21.58 14.04 -15.29
N MET D 113 22.63 13.28 -15.01
CA MET D 113 23.21 13.11 -13.68
C MET D 113 23.96 14.38 -13.22
N PHE D 114 24.83 14.92 -14.08
CA PHE D 114 25.53 16.18 -13.85
C PHE D 114 24.74 17.42 -14.30
N GLY D 115 23.68 17.24 -15.08
CA GLY D 115 22.72 18.29 -15.43
C GLY D 115 23.09 19.20 -16.60
N SER D 116 24.36 19.26 -17.00
CA SER D 116 24.78 19.99 -18.21
C SER D 116 26.04 19.40 -18.80
N GLN D 117 26.23 19.57 -20.12
CA GLN D 117 27.44 19.18 -20.79
C GLN D 117 28.68 19.90 -20.23
N LYS D 118 28.54 21.11 -19.71
CA LYS D 118 29.62 21.82 -19.01
C LYS D 118 29.93 21.24 -17.63
N ALA D 119 28.95 20.76 -16.89
CA ALA D 119 29.18 20.05 -15.63
C ALA D 119 29.77 18.65 -15.85
N VAL D 120 29.44 17.98 -16.97
CA VAL D 120 30.15 16.78 -17.42
C VAL D 120 31.60 17.10 -17.72
N GLU D 121 31.90 18.11 -18.54
CA GLU D 121 33.27 18.53 -18.79
C GLU D 121 34.02 18.92 -17.51
N LYS D 122 33.38 19.56 -16.53
CA LYS D 122 34.00 19.84 -15.24
C LYS D 122 34.40 18.57 -14.49
N GLU D 123 33.60 17.51 -14.58
CA GLU D 123 33.94 16.22 -14.00
C GLU D 123 35.03 15.48 -14.79
N GLN D 124 35.02 15.53 -16.12
CA GLN D 124 36.13 15.05 -16.94
C GLN D 124 37.43 15.77 -16.58
N GLU D 125 37.41 17.09 -16.46
CA GLU D 125 38.57 17.89 -16.02
C GLU D 125 38.98 17.63 -14.57
N ARG D 126 38.13 16.93 -13.82
CA ARG D 126 38.45 16.54 -12.47
C ARG D 126 39.22 15.22 -12.57
N VAL D 127 38.63 14.26 -13.28
CA VAL D 127 39.22 12.93 -13.52
C VAL D 127 40.64 13.02 -14.10
N LYS D 128 40.93 14.05 -14.91
CA LYS D 128 42.29 14.33 -15.40
C LYS D 128 43.33 14.66 -14.32
N THR D 129 42.96 14.82 -13.04
CA THR D 129 43.94 15.02 -11.95
C THR D 129 44.85 13.81 -11.69
N ALA D 130 44.32 12.58 -11.71
CA ALA D 130 45.09 11.36 -11.45
C ALA D 130 45.88 10.88 -12.69
N GLY D 131 47.00 10.19 -12.48
CA GLY D 131 47.89 9.68 -13.54
C GLY D 131 47.36 8.40 -14.21
N PHE D 132 46.20 8.49 -14.85
CA PHE D 132 45.35 7.36 -15.25
C PHE D 132 44.80 6.52 -14.08
N TRP D 133 45.22 6.81 -12.85
CA TRP D 133 44.83 6.09 -11.63
C TRP D 133 43.41 6.40 -11.13
N ILE D 134 42.59 7.09 -11.93
CA ILE D 134 41.14 7.13 -11.75
C ILE D 134 40.46 6.81 -13.07
N ILE D 135 39.55 5.84 -13.04
CA ILE D 135 38.47 5.65 -14.00
C ILE D 135 37.18 5.98 -13.27
N HIS D 136 36.31 6.77 -13.89
CA HIS D 136 35.13 7.31 -13.22
C HIS D 136 34.02 6.27 -13.11
N PRO D 137 33.22 6.26 -12.03
CA PRO D 137 32.18 5.28 -11.86
C PRO D 137 31.11 5.27 -12.96
N TYR D 138 30.94 6.37 -13.68
CA TYR D 138 30.00 6.50 -14.79
C TYR D 138 30.67 6.40 -16.17
N SER D 139 31.97 6.09 -16.23
CA SER D 139 32.71 6.04 -17.49
C SER D 139 32.27 4.89 -18.38
N ASP D 140 32.52 5.00 -19.68
CA ASP D 140 32.27 3.91 -20.62
C ASP D 140 33.16 2.70 -20.32
N PHE D 141 34.39 2.93 -19.87
CA PHE D 141 35.26 1.84 -19.42
C PHE D 141 34.63 1.12 -18.25
N ARG D 142 34.18 1.84 -17.23
CA ARG D 142 33.53 1.21 -16.09
C ARG D 142 32.28 0.45 -16.53
N PHE D 143 31.49 1.03 -17.41
CA PHE D 143 30.32 0.32 -17.93
C PHE D 143 30.68 -0.97 -18.64
N TYR D 144 31.49 -0.91 -19.70
CA TYR D 144 31.79 -2.11 -20.48
C TYR D 144 32.61 -3.12 -19.68
N TRP D 145 33.45 -2.66 -18.77
CA TRP D 145 34.15 -3.52 -17.83
C TRP D 145 33.18 -4.21 -16.89
N ASP D 146 32.27 -3.50 -16.25
CA ASP D 146 31.25 -4.15 -15.45
C ASP D 146 30.32 -5.01 -16.28
N LEU D 147 30.02 -4.69 -17.54
CA LEU D 147 29.18 -5.50 -18.40
C LEU D 147 29.85 -6.84 -18.70
N ILE D 148 31.11 -6.83 -19.13
CA ILE D 148 31.85 -8.08 -19.30
C ILE D 148 32.11 -8.74 -17.96
N MET D 149 32.20 -8.01 -16.86
CA MET D 149 32.28 -8.61 -15.53
C MET D 149 30.98 -9.28 -15.10
N LEU D 150 29.80 -8.72 -15.37
CA LEU D 150 28.53 -9.36 -15.05
C LEU D 150 28.36 -10.65 -15.85
N ILE D 151 28.61 -10.68 -17.16
CA ILE D 151 28.48 -11.93 -17.92
C ILE D 151 29.56 -12.94 -17.54
N MET D 152 30.76 -12.47 -17.18
CA MET D 152 31.83 -13.29 -16.63
C MET D 152 31.42 -13.89 -15.29
N MET D 153 30.83 -13.08 -14.41
CA MET D 153 30.50 -13.41 -13.04
C MET D 153 29.22 -14.22 -12.87
N VAL D 154 28.18 -13.98 -13.65
CA VAL D 154 27.01 -14.87 -13.68
C VAL D 154 27.41 -16.23 -14.21
N GLY D 155 28.22 -16.27 -15.28
CA GLY D 155 28.76 -17.52 -15.79
C GLY D 155 29.60 -18.23 -14.73
N ASN D 156 30.54 -17.53 -14.12
CA ASN D 156 31.41 -18.11 -13.10
C ASN D 156 30.66 -18.56 -11.84
N LEU D 157 29.73 -17.78 -11.31
CA LEU D 157 28.94 -18.16 -10.14
C LEU D 157 27.92 -19.28 -10.41
N VAL D 158 27.65 -19.61 -11.68
CA VAL D 158 26.91 -20.82 -12.06
C VAL D 158 27.85 -22.00 -12.27
N ILE D 159 28.98 -21.81 -12.95
CA ILE D 159 29.91 -22.87 -13.34
C ILE D 159 30.76 -23.37 -12.17
N ILE D 160 31.21 -22.51 -11.26
CA ILE D 160 32.07 -22.90 -10.14
C ILE D 160 31.39 -23.84 -9.14
N PRO D 161 30.18 -23.57 -8.63
CA PRO D 161 29.49 -24.52 -7.78
C PRO D 161 29.41 -25.91 -8.41
N VAL D 162 29.09 -25.98 -9.71
CA VAL D 162 28.91 -27.24 -10.42
C VAL D 162 30.23 -27.96 -10.61
N GLY D 163 31.30 -27.28 -11.02
CA GLY D 163 32.59 -27.92 -11.20
C GLY D 163 33.25 -28.37 -9.91
N ILE D 164 32.97 -27.68 -8.80
CA ILE D 164 33.45 -28.06 -7.47
C ILE D 164 32.62 -29.21 -6.90
N THR D 165 31.33 -29.26 -7.22
CA THR D 165 30.41 -30.26 -6.68
C THR D 165 30.38 -31.56 -7.47
N PHE D 166 30.13 -31.54 -8.76
CA PHE D 166 29.77 -32.74 -9.51
C PHE D 166 30.90 -33.34 -10.34
N PHE D 167 32.04 -32.67 -10.43
CA PHE D 167 33.20 -33.13 -11.20
C PHE D 167 34.37 -33.52 -10.29
N THR D 168 35.00 -34.66 -10.60
CA THR D 168 36.31 -34.99 -10.09
C THR D 168 37.40 -34.20 -10.83
N GLU D 169 38.60 -34.10 -10.25
CA GLU D 169 39.77 -33.52 -10.92
C GLU D 169 39.59 -32.06 -11.40
N GLN D 170 39.21 -31.16 -10.49
CA GLN D 170 39.32 -29.71 -10.70
C GLN D 170 40.75 -29.19 -10.86
N THR D 171 41.77 -30.05 -10.76
CA THR D 171 43.15 -29.76 -11.12
C THR D 171 43.49 -30.02 -12.60
N THR D 172 42.52 -30.39 -13.44
CA THR D 172 42.77 -30.71 -14.87
C THR D 172 42.93 -29.47 -15.74
N THR D 173 43.73 -29.57 -16.80
CA THR D 173 44.08 -28.47 -17.71
C THR D 173 42.90 -27.61 -18.17
N PRO D 174 41.82 -28.16 -18.74
CA PRO D 174 40.69 -27.34 -19.20
C PRO D 174 39.87 -26.72 -18.07
N TRP D 175 40.09 -27.11 -16.81
CA TRP D 175 39.46 -26.48 -15.65
C TRP D 175 40.36 -25.44 -14.98
N ILE D 176 41.66 -25.68 -14.83
CA ILE D 176 42.59 -24.67 -14.32
C ILE D 176 42.78 -23.50 -15.29
N ILE D 177 42.64 -23.72 -16.60
CA ILE D 177 42.65 -22.62 -17.59
C ILE D 177 41.48 -21.68 -17.39
N PHE D 178 40.27 -22.18 -17.12
CA PHE D 178 39.10 -21.36 -16.80
C PHE D 178 39.29 -20.59 -15.50
N ASN D 179 39.82 -21.24 -14.46
CA ASN D 179 39.99 -20.63 -13.15
C ASN D 179 41.15 -19.63 -13.07
N VAL D 180 42.30 -19.89 -13.70
CA VAL D 180 43.38 -18.93 -13.77
C VAL D 180 43.03 -17.74 -14.68
N ALA D 181 42.37 -17.96 -15.82
CA ALA D 181 41.89 -16.88 -16.67
C ALA D 181 40.84 -16.02 -15.96
N SER D 182 39.82 -16.63 -15.39
CA SER D 182 38.77 -15.89 -14.70
C SER D 182 39.27 -15.21 -13.43
N ASP D 183 40.11 -15.88 -12.60
CA ASP D 183 40.72 -15.22 -11.44
C ASP D 183 41.70 -14.12 -11.82
N THR D 184 42.31 -14.16 -13.03
CA THR D 184 43.01 -12.99 -13.57
C THR D 184 42.03 -11.87 -13.84
N VAL D 185 40.92 -12.10 -14.53
CA VAL D 185 39.89 -11.08 -14.79
C VAL D 185 39.34 -10.48 -13.49
N PHE D 186 39.05 -11.30 -12.48
CA PHE D 186 38.62 -10.83 -11.16
C PHE D 186 39.75 -10.25 -10.29
N LEU D 187 41.01 -10.36 -10.68
CA LEU D 187 42.14 -9.65 -10.06
C LEU D 187 42.43 -8.33 -10.77
N LEU D 188 42.31 -8.27 -12.10
CA LEU D 188 42.24 -6.99 -12.81
C LEU D 188 41.09 -6.16 -12.26
N ASP D 189 39.93 -6.75 -12.00
CA ASP D 189 38.80 -6.05 -11.41
C ASP D 189 39.06 -5.53 -9.98
N LEU D 190 39.86 -6.26 -9.20
CA LEU D 190 40.29 -5.81 -7.87
C LEU D 190 41.19 -4.57 -7.99
N ILE D 191 42.16 -4.62 -8.90
CA ILE D 191 43.07 -3.50 -9.22
C ILE D 191 42.28 -2.32 -9.77
N MET D 192 41.28 -2.55 -10.63
CA MET D 192 40.43 -1.49 -11.17
C MET D 192 39.64 -0.80 -10.06
N ASN D 193 39.17 -1.51 -9.05
CA ASN D 193 38.45 -0.89 -7.94
C ASN D 193 39.34 -0.02 -7.03
N PHE D 194 40.65 -0.23 -6.97
CA PHE D 194 41.56 0.72 -6.31
C PHE D 194 41.76 2.02 -7.08
N ARG D 195 41.25 2.11 -8.31
CA ARG D 195 41.36 3.26 -9.18
C ARG D 195 40.03 3.60 -9.85
N THR D 196 38.89 3.40 -9.17
CA THR D 196 37.56 3.40 -9.78
C THR D 196 36.58 4.47 -9.26
N GLY D 197 37.02 5.37 -8.40
CA GLY D 197 36.12 6.28 -7.70
C GLY D 197 35.08 5.51 -6.86
N THR D 198 33.99 6.19 -6.51
CA THR D 198 32.84 5.61 -5.83
C THR D 198 31.73 6.64 -5.78
N VAL D 199 30.48 6.26 -6.08
CA VAL D 199 29.33 7.17 -6.00
C VAL D 199 28.90 7.31 -4.55
N ASN D 200 29.24 8.41 -3.89
CA ASN D 200 28.81 8.65 -2.52
C ASN D 200 27.37 9.17 -2.51
N GLU D 201 26.41 8.30 -2.19
CA GLU D 201 24.99 8.65 -2.21
C GLU D 201 24.64 9.75 -1.19
N ASP D 202 25.34 9.81 -0.06
CA ASP D 202 25.14 10.81 1.00
C ASP D 202 25.61 12.23 0.63
N SER D 203 26.39 12.39 -0.43
CA SER D 203 26.83 13.71 -0.93
C SER D 203 26.57 13.93 -2.43
N SER D 204 26.02 12.93 -3.12
CA SER D 204 25.74 12.97 -4.56
C SER D 204 26.96 13.37 -5.40
N GLU D 205 28.16 12.93 -4.99
CA GLU D 205 29.43 13.18 -5.66
C GLU D 205 30.26 11.90 -5.83
N ILE D 206 30.91 11.72 -6.98
CA ILE D 206 31.91 10.68 -7.16
C ILE D 206 33.18 11.02 -6.37
N ILE D 207 33.66 10.14 -5.50
CA ILE D 207 34.81 10.43 -4.63
C ILE D 207 36.11 10.68 -5.40
N LEU D 208 36.33 9.96 -6.49
CA LEU D 208 37.20 10.31 -7.63
C LEU D 208 38.63 10.81 -7.34
N ASP D 209 39.23 10.47 -6.19
CA ASP D 209 40.62 10.77 -5.85
C ASP D 209 41.34 9.52 -5.30
N PRO D 210 42.57 9.20 -5.73
CA PRO D 210 43.08 7.83 -5.62
C PRO D 210 43.36 7.36 -4.19
N LYS D 211 43.94 8.19 -3.32
CA LYS D 211 44.15 7.83 -1.92
C LYS D 211 42.84 7.73 -1.13
N VAL D 212 41.84 8.55 -1.47
CA VAL D 212 40.50 8.47 -0.88
C VAL D 212 39.73 7.24 -1.34
N ILE D 213 39.85 6.87 -2.62
CA ILE D 213 39.25 5.65 -3.19
C ILE D 213 39.88 4.39 -2.59
N LYS D 214 41.21 4.29 -2.57
CA LYS D 214 41.92 3.15 -1.98
C LYS D 214 41.65 2.97 -0.49
N MET D 215 41.67 4.04 0.29
CA MET D 215 41.40 3.98 1.73
C MET D 215 39.95 3.63 2.05
N ASN D 216 38.97 4.11 1.27
CA ASN D 216 37.58 3.74 1.46
C ASN D 216 37.30 2.31 1.02
N TYR D 217 37.91 1.85 -0.08
CA TYR D 217 37.73 0.50 -0.62
C TYR D 217 38.34 -0.59 0.26
N LEU D 218 39.59 -0.43 0.71
CA LEU D 218 40.24 -1.35 1.64
C LEU D 218 39.52 -1.45 2.98
N LYS D 219 38.77 -0.41 3.37
CA LYS D 219 37.91 -0.41 4.56
C LYS D 219 36.50 -0.94 4.33
N SER D 220 36.03 -1.06 3.08
CA SER D 220 34.65 -1.38 2.75
C SER D 220 34.44 -2.81 2.24
N TRP D 221 35.20 -3.23 1.22
CA TRP D 221 34.93 -4.47 0.46
C TRP D 221 36.16 -5.25 0.03
N PHE D 222 37.37 -4.72 0.16
CA PHE D 222 38.58 -5.40 -0.32
C PHE D 222 38.76 -6.82 0.23
N VAL D 223 38.38 -7.11 1.49
CA VAL D 223 38.59 -8.46 2.04
C VAL D 223 37.76 -9.52 1.32
N VAL D 224 36.48 -9.27 1.08
CA VAL D 224 35.62 -10.16 0.29
C VAL D 224 36.02 -10.20 -1.18
N ASP D 225 36.45 -9.08 -1.75
CA ASP D 225 36.91 -9.04 -3.13
C ASP D 225 38.26 -9.75 -3.33
N PHE D 226 39.21 -9.64 -2.41
CA PHE D 226 40.52 -10.31 -2.53
C PHE D 226 40.40 -11.82 -2.35
N ILE D 227 39.73 -12.27 -1.30
CA ILE D 227 39.42 -13.69 -1.06
C ILE D 227 38.74 -14.32 -2.27
N SER D 228 37.80 -13.62 -2.89
CA SER D 228 37.11 -14.12 -4.07
C SER D 228 37.87 -13.91 -5.37
N SER D 229 38.92 -13.09 -5.39
CA SER D 229 39.72 -12.78 -6.57
C SER D 229 40.85 -13.78 -6.75
N ILE D 230 41.73 -13.88 -5.75
CA ILE D 230 42.96 -14.65 -5.81
C ILE D 230 42.64 -16.16 -5.77
N PRO D 231 43.34 -17.03 -6.51
CA PRO D 231 43.04 -18.45 -6.55
C PRO D 231 43.51 -19.19 -5.28
N VAL D 232 42.81 -18.97 -4.15
CA VAL D 232 43.14 -19.59 -2.85
C VAL D 232 43.16 -21.11 -2.86
N ASP D 233 42.36 -21.73 -3.73
CA ASP D 233 42.35 -23.18 -3.95
C ASP D 233 43.65 -23.67 -4.60
N TYR D 234 44.11 -23.02 -5.67
CA TYR D 234 45.37 -23.41 -6.30
C TYR D 234 46.59 -22.96 -5.48
N ILE D 235 46.50 -21.87 -4.73
CA ILE D 235 47.52 -21.51 -3.73
C ILE D 235 47.65 -22.63 -2.70
N PHE D 236 46.55 -23.16 -2.16
CA PHE D 236 46.60 -24.26 -1.21
C PHE D 236 47.15 -25.55 -1.81
N LEU D 237 46.86 -25.86 -3.08
CA LEU D 237 47.50 -26.99 -3.77
C LEU D 237 49.00 -26.79 -3.92
N ILE D 238 49.48 -25.58 -4.21
CA ILE D 238 50.93 -25.29 -4.30
C ILE D 238 51.59 -25.40 -2.92
N VAL D 239 50.93 -24.96 -1.84
CA VAL D 239 51.43 -25.13 -0.47
C VAL D 239 51.44 -26.61 -0.06
N GLU D 240 50.38 -27.36 -0.35
CA GLU D 240 50.26 -28.79 -0.02
C GLU D 240 51.22 -29.68 -0.81
N LYS D 241 51.52 -29.34 -2.06
CA LYS D 241 52.58 -29.97 -2.84
C LYS D 241 54.00 -29.64 -2.35
N GLY D 242 54.15 -28.63 -1.49
CA GLY D 242 55.41 -28.27 -0.81
C GLY D 242 55.67 -29.12 0.42
N ARG D 252 47.20 -38.29 2.27
CA ARG D 252 46.50 -37.03 2.52
C ARG D 252 45.56 -36.58 1.40
N ALA D 253 45.56 -37.25 0.25
CA ALA D 253 44.92 -36.78 -0.97
C ALA D 253 43.41 -36.53 -0.81
N LEU D 254 42.68 -37.41 -0.13
CA LEU D 254 41.25 -37.24 0.14
C LEU D 254 40.95 -36.01 1.02
N ARG D 255 41.80 -35.71 2.01
CA ARG D 255 41.68 -34.50 2.82
C ARG D 255 42.01 -33.23 2.05
N ILE D 256 43.01 -33.26 1.16
CA ILE D 256 43.33 -32.12 0.29
C ILE D 256 42.18 -31.86 -0.69
N VAL D 257 41.63 -32.89 -1.33
CA VAL D 257 40.48 -32.75 -2.22
C VAL D 257 39.21 -32.33 -1.47
N ARG D 258 39.03 -32.70 -0.20
CA ARG D 258 37.99 -32.10 0.65
C ARG D 258 38.24 -30.62 0.82
N PHE D 259 39.36 -30.22 1.41
CA PHE D 259 39.56 -28.83 1.82
C PHE D 259 39.63 -27.86 0.62
N THR D 260 40.24 -28.28 -0.49
CA THR D 260 40.29 -27.45 -1.70
C THR D 260 38.92 -27.15 -2.30
N LYS D 261 37.91 -28.01 -2.14
CA LYS D 261 36.55 -27.72 -2.59
C LYS D 261 35.91 -26.62 -1.75
N ILE D 262 36.07 -26.63 -0.41
CA ILE D 262 35.60 -25.54 0.44
C ILE D 262 36.33 -24.23 0.12
N LEU D 263 37.67 -24.26 -0.01
CA LEU D 263 38.44 -23.09 -0.42
C LEU D 263 37.97 -22.56 -1.78
N SER D 264 37.68 -23.43 -2.74
CA SER D 264 37.24 -22.99 -4.04
C SER D 264 35.88 -22.29 -4.01
N LEU D 265 34.97 -22.65 -3.10
CA LEU D 265 33.73 -21.90 -2.93
C LEU D 265 33.92 -20.51 -2.30
N LEU D 266 35.12 -20.09 -1.91
CA LEU D 266 35.41 -18.67 -1.63
C LEU D 266 35.29 -17.81 -2.89
N ARG D 267 35.40 -18.40 -4.09
CA ARG D 267 35.05 -17.74 -5.35
C ARG D 267 33.60 -17.32 -5.39
N LEU D 268 32.70 -17.96 -4.64
CA LEU D 268 31.29 -17.55 -4.61
C LEU D 268 31.08 -16.19 -3.95
N LEU D 269 32.05 -15.67 -3.20
CA LEU D 269 32.02 -14.29 -2.71
C LEU D 269 32.13 -13.27 -3.84
N ARG D 270 32.34 -13.68 -5.10
CA ARG D 270 32.03 -12.85 -6.28
C ARG D 270 30.56 -12.45 -6.33
N LEU D 271 29.65 -13.11 -5.63
CA LEU D 271 28.26 -12.66 -5.53
C LEU D 271 28.16 -11.28 -4.87
N SER D 272 29.11 -10.91 -4.00
CA SER D 272 29.13 -9.54 -3.46
C SER D 272 29.33 -8.52 -4.58
N ARG D 273 30.26 -8.78 -5.50
CA ARG D 273 30.45 -7.97 -6.71
C ARG D 273 29.27 -8.03 -7.65
N LEU D 274 28.65 -9.18 -7.85
CA LEU D 274 27.46 -9.27 -8.68
C LEU D 274 26.34 -8.41 -8.11
N ILE D 275 26.05 -8.50 -6.81
CA ILE D 275 25.05 -7.66 -6.15
C ILE D 275 25.39 -6.19 -6.35
N ARG D 276 26.63 -5.79 -6.04
CA ARG D 276 27.09 -4.40 -6.16
C ARG D 276 27.02 -3.87 -7.57
N TYR D 277 27.60 -4.56 -8.55
CA TYR D 277 27.63 -4.05 -9.92
C TYR D 277 26.24 -4.05 -10.54
N ILE D 278 25.36 -4.99 -10.20
CA ILE D 278 23.96 -4.90 -10.58
C ILE D 278 23.30 -3.67 -9.95
N HIS D 279 23.43 -3.43 -8.65
CA HIS D 279 22.79 -2.27 -8.02
C HIS D 279 23.32 -0.95 -8.55
N GLN D 280 24.62 -0.81 -8.79
CA GLN D 280 25.18 0.37 -9.43
C GLN D 280 24.62 0.57 -10.82
N TRP D 281 24.60 -0.45 -11.67
CA TRP D 281 24.10 -0.29 -13.03
C TRP D 281 22.59 -0.16 -13.12
N GLU D 282 21.84 -0.62 -12.13
CA GLU D 282 20.42 -0.37 -12.07
C GLU D 282 20.09 1.02 -11.52
N GLU D 283 20.84 1.56 -10.56
CA GLU D 283 20.70 2.97 -10.18
C GLU D 283 21.00 3.87 -11.38
N ILE D 284 22.02 3.54 -12.19
CA ILE D 284 22.34 4.26 -13.42
C ILE D 284 21.24 4.06 -14.47
N PHE D 285 20.70 2.86 -14.62
CA PHE D 285 19.67 2.60 -15.63
C PHE D 285 18.30 3.17 -15.26
N HIS D 286 17.91 3.28 -13.98
CA HIS D 286 16.73 4.06 -13.61
C HIS D 286 16.88 5.52 -14.06
N MET D 287 18.05 6.11 -13.83
CA MET D 287 18.45 7.43 -14.32
C MET D 287 18.67 7.52 -15.85
N THR D 288 18.34 6.48 -16.62
CA THR D 288 18.54 6.47 -18.07
C THR D 288 17.30 6.02 -18.85
N TYR D 289 16.49 5.12 -18.27
CA TYR D 289 15.40 4.45 -18.99
C TYR D 289 14.07 4.39 -18.23
N ASP D 290 14.01 4.83 -16.96
CA ASP D 290 12.80 4.76 -16.12
C ASP D 290 12.14 3.37 -16.14
N LEU D 291 12.91 2.33 -15.84
CA LEU D 291 12.36 1.00 -15.62
C LEU D 291 11.44 1.03 -14.40
N ALA D 292 10.33 0.29 -14.43
CA ALA D 292 9.46 0.17 -13.28
C ALA D 292 10.21 -0.47 -12.11
N SER D 293 10.19 0.16 -10.94
CA SER D 293 11.01 -0.25 -9.78
C SER D 293 10.80 -1.71 -9.44
N ALA D 294 9.55 -2.13 -9.28
CA ALA D 294 9.21 -3.50 -8.94
C ALA D 294 9.57 -4.50 -10.04
N VAL D 295 9.61 -4.10 -11.31
CA VAL D 295 10.07 -4.98 -12.40
C VAL D 295 11.58 -5.15 -12.37
N VAL D 296 12.35 -4.13 -12.00
CA VAL D 296 13.79 -4.31 -11.77
C VAL D 296 14.02 -5.20 -10.56
N ARG D 297 13.30 -4.94 -9.48
CA ARG D 297 13.43 -5.68 -8.22
C ARG D 297 13.02 -7.16 -8.29
N ILE D 298 11.93 -7.46 -8.98
CA ILE D 298 11.52 -8.85 -9.21
C ILE D 298 12.58 -9.58 -10.03
N PHE D 299 13.22 -8.94 -11.02
CA PHE D 299 14.27 -9.58 -11.79
C PHE D 299 15.63 -9.66 -11.07
N ASN D 300 15.91 -8.78 -10.11
CA ASN D 300 16.99 -9.02 -9.17
C ASN D 300 16.73 -10.30 -8.41
N LEU D 301 15.54 -10.41 -7.82
CA LEU D 301 15.22 -11.53 -6.97
C LEU D 301 15.04 -12.83 -7.74
N ILE D 302 14.44 -12.86 -8.93
CA ILE D 302 14.39 -14.06 -9.77
C ILE D 302 15.80 -14.51 -10.11
N GLY D 303 16.72 -13.59 -10.42
CA GLY D 303 18.12 -13.91 -10.62
C GLY D 303 18.78 -14.47 -9.35
N MET D 304 18.48 -13.90 -8.20
CA MET D 304 19.01 -14.35 -6.91
C MET D 304 18.42 -15.70 -6.47
N MET D 305 17.14 -15.93 -6.68
CA MET D 305 16.49 -17.21 -6.44
C MET D 305 17.10 -18.29 -7.29
N LEU D 306 17.22 -18.08 -8.61
CA LEU D 306 17.85 -19.05 -9.50
C LEU D 306 19.28 -19.35 -9.05
N LEU D 307 20.04 -18.34 -8.63
CA LEU D 307 21.39 -18.56 -8.15
C LEU D 307 21.42 -19.28 -6.80
N LEU D 308 20.66 -18.87 -5.80
CA LEU D 308 20.61 -19.54 -4.51
C LEU D 308 20.01 -20.93 -4.59
N CYS D 309 19.04 -21.15 -5.46
CA CYS D 309 18.49 -22.47 -5.78
C CYS D 309 19.55 -23.36 -6.43
N HIS D 310 20.34 -22.80 -7.34
CA HIS D 310 21.46 -23.48 -7.96
C HIS D 310 22.57 -23.79 -6.96
N TRP D 311 22.92 -22.84 -6.09
CA TRP D 311 23.91 -23.05 -5.04
C TRP D 311 23.44 -24.03 -3.99
N ASP D 312 22.20 -23.95 -3.53
CA ASP D 312 21.63 -24.98 -2.68
C ASP D 312 21.63 -26.31 -3.39
N GLY D 313 21.24 -26.37 -4.65
CA GLY D 313 21.30 -27.59 -5.44
C GLY D 313 22.69 -28.18 -5.45
N CYS D 314 23.73 -27.37 -5.59
CA CYS D 314 25.09 -27.85 -5.46
C CYS D 314 25.40 -28.27 -4.02
N LEU D 315 25.07 -27.45 -3.02
CA LEU D 315 25.36 -27.71 -1.63
C LEU D 315 24.77 -29.01 -1.13
N GLN D 316 23.54 -29.31 -1.57
CA GLN D 316 22.83 -30.51 -1.23
C GLN D 316 23.56 -31.75 -1.70
N PHE D 317 24.38 -31.65 -2.75
CA PHE D 317 25.23 -32.74 -3.19
C PHE D 317 26.64 -32.62 -2.63
N LEU D 318 27.14 -31.40 -2.45
CA LEU D 318 28.48 -31.16 -1.99
C LEU D 318 28.68 -31.67 -0.57
N VAL D 319 27.72 -31.45 0.34
CA VAL D 319 27.87 -31.94 1.70
C VAL D 319 27.90 -33.47 1.77
N PRO D 320 27.03 -34.23 1.07
CA PRO D 320 27.25 -35.63 0.80
C PRO D 320 28.63 -35.97 0.25
N LEU D 321 29.13 -35.26 -0.77
CA LEU D 321 30.43 -35.53 -1.36
C LEU D 321 31.60 -35.31 -0.40
N LEU D 322 31.60 -34.22 0.37
CA LEU D 322 32.67 -33.92 1.32
C LEU D 322 32.72 -34.95 2.45
N GLN D 323 31.61 -35.62 2.72
CA GLN D 323 31.54 -36.76 3.63
C GLN D 323 31.79 -38.11 2.93
N ASP D 324 32.21 -38.11 1.66
CA ASP D 324 32.44 -39.30 0.84
C ASP D 324 31.20 -40.18 0.64
N PHE D 325 30.03 -39.57 0.50
CA PHE D 325 28.73 -40.21 0.28
C PHE D 325 28.41 -41.28 1.33
N PRO D 326 28.11 -40.90 2.57
CA PRO D 326 27.78 -41.86 3.61
C PRO D 326 26.47 -42.56 3.27
N PRO D 327 26.22 -43.77 3.76
CA PRO D 327 25.09 -44.59 3.32
C PRO D 327 23.74 -44.00 3.70
N ASP D 328 23.70 -43.05 4.63
CA ASP D 328 22.49 -42.37 5.09
C ASP D 328 22.22 -41.00 4.45
N CYS D 329 22.95 -40.60 3.40
CA CYS D 329 22.62 -39.38 2.65
C CYS D 329 21.81 -39.68 1.40
N TRP D 330 21.04 -38.72 0.92
CA TRP D 330 20.14 -38.93 -0.21
C TRP D 330 20.83 -39.45 -1.47
N VAL D 331 22.07 -39.06 -1.73
CA VAL D 331 22.80 -39.51 -2.93
C VAL D 331 23.03 -41.01 -2.90
N SER D 332 23.37 -41.54 -1.73
CA SER D 332 23.52 -42.98 -1.52
C SER D 332 22.19 -43.71 -1.45
N LEU D 333 21.17 -43.15 -0.79
CA LEU D 333 19.85 -43.78 -0.68
C LEU D 333 19.13 -43.85 -2.03
N ASN D 334 19.28 -42.84 -2.88
CA ASN D 334 18.83 -42.83 -4.26
C ASN D 334 19.76 -43.64 -5.19
N GLU D 335 20.80 -44.28 -4.66
CA GLU D 335 21.75 -45.09 -5.40
C GLU D 335 22.37 -44.36 -6.61
N MET D 336 22.64 -43.06 -6.48
CA MET D 336 23.07 -42.21 -7.59
C MET D 336 24.41 -41.52 -7.38
N VAL D 337 25.28 -42.07 -6.55
CA VAL D 337 26.69 -41.65 -6.41
C VAL D 337 27.50 -41.80 -7.69
N ASN D 338 27.07 -42.66 -8.62
CA ASN D 338 27.70 -42.90 -9.92
C ASN D 338 26.82 -42.51 -11.13
N ASP D 339 25.68 -41.85 -10.93
CA ASP D 339 24.92 -41.26 -12.04
C ASP D 339 25.74 -40.16 -12.73
N SER D 340 25.37 -39.74 -13.93
CA SER D 340 26.08 -38.67 -14.63
C SER D 340 25.99 -37.36 -13.86
N TRP D 341 26.96 -36.46 -14.04
CA TRP D 341 26.98 -35.19 -13.34
C TRP D 341 25.67 -34.42 -13.57
N GLY D 342 25.09 -34.54 -14.76
CA GLY D 342 23.84 -33.89 -15.12
C GLY D 342 22.64 -34.50 -14.42
N LYS D 343 22.59 -35.82 -14.25
CA LYS D 343 21.50 -36.49 -13.53
C LYS D 343 21.55 -36.11 -12.05
N GLN D 344 22.73 -36.13 -11.46
CA GLN D 344 22.96 -35.69 -10.08
C GLN D 344 22.60 -34.23 -9.90
N TYR D 345 23.13 -33.34 -10.72
CA TYR D 345 22.79 -31.93 -10.65
C TYR D 345 21.30 -31.69 -10.80
N SER D 346 20.62 -32.37 -11.72
CA SER D 346 19.18 -32.21 -11.89
C SER D 346 18.41 -32.63 -10.67
N TYR D 347 18.82 -33.70 -10.00
CA TYR D 347 18.15 -34.14 -8.79
C TYR D 347 18.45 -33.21 -7.63
N ALA D 348 19.71 -32.84 -7.47
CA ALA D 348 20.15 -31.98 -6.39
C ALA D 348 19.49 -30.61 -6.51
N LEU D 349 19.43 -30.05 -7.71
CA LEU D 349 18.68 -28.84 -8.00
C LEU D 349 17.20 -29.00 -7.69
N PHE D 350 16.58 -30.11 -8.09
CA PHE D 350 15.17 -30.35 -7.80
C PHE D 350 14.89 -30.37 -6.30
N LYS D 351 15.75 -30.98 -5.48
CA LYS D 351 15.64 -30.87 -4.02
C LYS D 351 15.64 -29.42 -3.59
N ALA D 352 16.66 -28.66 -3.95
CA ALA D 352 16.76 -27.27 -3.56
C ALA D 352 15.58 -26.43 -4.04
N MET D 353 15.14 -26.64 -5.26
CA MET D 353 14.02 -25.93 -5.86
C MET D 353 12.70 -26.27 -5.16
N SER D 354 12.52 -27.51 -4.70
CA SER D 354 11.34 -27.90 -3.94
C SER D 354 11.34 -27.29 -2.54
N HIS D 355 12.50 -27.11 -1.91
CA HIS D 355 12.67 -26.37 -0.65
C HIS D 355 12.48 -24.88 -0.86
N MET D 356 12.77 -24.35 -2.05
CA MET D 356 12.56 -22.95 -2.38
C MET D 356 11.11 -22.62 -2.65
N LEU D 357 10.51 -23.24 -3.66
CA LEU D 357 9.18 -22.93 -4.15
C LEU D 357 8.04 -23.54 -3.29
N CYS D 358 8.36 -23.99 -2.07
CA CYS D 358 7.44 -24.57 -1.10
C CYS D 358 6.70 -25.82 -1.62
N ILE D 359 7.40 -26.93 -1.89
CA ILE D 359 6.80 -28.10 -2.56
C ILE D 359 7.00 -29.45 -1.84
N GLY D 360 8.21 -29.79 -1.36
CA GLY D 360 8.48 -31.16 -0.88
C GLY D 360 9.96 -31.44 -0.62
N TYR D 361 10.37 -32.70 -0.75
CA TYR D 361 11.77 -33.13 -0.63
C TYR D 361 12.22 -33.90 -1.90
N GLY D 362 13.30 -34.67 -1.82
CA GLY D 362 13.51 -35.80 -2.72
C GLY D 362 12.52 -36.95 -2.46
N ALA D 363 12.91 -38.18 -2.77
CA ALA D 363 12.07 -39.36 -2.57
C ALA D 363 11.78 -39.70 -1.10
N GLN D 364 12.55 -39.17 -0.15
CA GLN D 364 12.41 -39.41 1.29
C GLN D 364 12.70 -38.13 2.09
N ALA D 365 12.16 -38.02 3.30
CA ALA D 365 12.67 -37.09 4.30
C ALA D 365 14.12 -37.46 4.68
N PRO D 366 15.00 -36.49 5.02
CA PRO D 366 16.42 -36.76 5.20
C PRO D 366 16.70 -37.72 6.34
N VAL D 367 17.62 -38.67 6.14
CA VAL D 367 17.97 -39.67 7.17
C VAL D 367 19.13 -39.20 8.02
N SER D 368 20.27 -38.85 7.42
CA SER D 368 21.47 -38.43 8.15
C SER D 368 21.39 -36.99 8.61
N MET D 369 22.02 -36.67 9.74
CA MET D 369 21.89 -35.36 10.38
C MET D 369 22.47 -34.21 9.55
N SER D 370 23.51 -34.45 8.76
CA SER D 370 24.03 -33.42 7.86
C SER D 370 23.11 -33.15 6.69
N ASP D 371 22.52 -34.18 6.07
CA ASP D 371 21.53 -34.02 5.00
C ASP D 371 20.25 -33.31 5.52
N LEU D 372 19.85 -33.64 6.73
CA LEU D 372 18.76 -33.02 7.47
C LEU D 372 19.01 -31.54 7.74
N TRP D 373 20.20 -31.16 8.20
CA TRP D 373 20.52 -29.76 8.43
C TRP D 373 20.76 -28.96 7.17
N ILE D 374 21.33 -29.53 6.12
CA ILE D 374 21.42 -28.86 4.83
C ILE D 374 20.04 -28.70 4.21
N THR D 375 19.14 -29.65 4.42
CA THR D 375 17.74 -29.49 4.06
C THR D 375 17.08 -28.37 4.84
N MET D 376 17.25 -28.30 6.17
CA MET D 376 16.70 -27.18 6.93
C MET D 376 17.28 -25.84 6.49
N LEU D 377 18.59 -25.74 6.27
CA LEU D 377 19.18 -24.51 5.73
C LEU D 377 18.56 -24.16 4.39
N SER D 378 18.39 -25.12 3.50
CA SER D 378 17.82 -24.88 2.18
C SER D 378 16.33 -24.54 2.24
N MET D 379 15.59 -25.06 3.21
CA MET D 379 14.23 -24.60 3.49
C MET D 379 14.20 -23.18 4.01
N ILE D 380 15.05 -22.82 4.98
CA ILE D 380 15.12 -21.46 5.50
C ILE D 380 15.48 -20.48 4.39
N VAL D 381 16.52 -20.75 3.60
CA VAL D 381 16.93 -19.92 2.47
C VAL D 381 15.84 -19.90 1.41
N GLY D 382 15.25 -21.05 1.12
CA GLY D 382 14.24 -21.23 0.11
C GLY D 382 12.94 -20.53 0.41
N ALA D 383 12.34 -20.77 1.57
CA ALA D 383 11.12 -20.12 2.00
C ALA D 383 11.33 -18.64 2.33
N THR D 384 12.53 -18.22 2.72
CA THR D 384 12.87 -16.79 2.75
C THR D 384 12.80 -16.22 1.35
N CYS D 385 13.45 -16.83 0.35
CA CYS D 385 13.36 -16.37 -1.03
C CYS D 385 11.93 -16.32 -1.53
N TYR D 386 11.13 -17.36 -1.30
CA TYR D 386 9.76 -17.36 -1.78
C TYR D 386 8.90 -16.32 -1.07
N ALA D 387 9.09 -16.07 0.23
CA ALA D 387 8.42 -14.97 0.90
C ALA D 387 8.83 -13.61 0.32
N MET D 388 10.13 -13.41 0.10
CA MET D 388 10.65 -12.21 -0.55
C MET D 388 10.08 -12.07 -1.96
N PHE D 389 9.82 -13.17 -2.66
CA PHE D 389 9.30 -13.18 -4.01
C PHE D 389 7.80 -12.95 -4.07
N VAL D 390 7.03 -13.48 -3.13
CA VAL D 390 5.63 -13.09 -2.95
C VAL D 390 5.52 -11.62 -2.59
N GLY D 391 6.43 -11.09 -1.76
CA GLY D 391 6.49 -9.66 -1.49
C GLY D 391 6.76 -8.82 -2.74
N HIS D 392 7.75 -9.18 -3.54
CA HIS D 392 8.02 -8.47 -4.78
C HIS D 392 6.93 -8.66 -5.83
N ALA D 393 6.32 -9.83 -5.92
CA ALA D 393 5.19 -10.06 -6.82
C ALA D 393 4.03 -9.17 -6.43
N THR D 394 3.74 -9.05 -5.14
CA THR D 394 2.72 -8.14 -4.62
C THR D 394 3.04 -6.69 -4.93
N ALA D 395 4.26 -6.23 -4.69
CA ALA D 395 4.67 -4.88 -5.06
C ALA D 395 4.59 -4.63 -6.57
N LEU D 396 4.97 -5.59 -7.40
CA LEU D 396 4.84 -5.51 -8.85
C LEU D 396 3.38 -5.33 -9.23
N ILE D 397 2.49 -6.17 -8.71
CA ILE D 397 1.05 -6.11 -9.00
C ILE D 397 0.44 -4.80 -8.53
N GLN D 398 0.73 -4.36 -7.30
CA GLN D 398 0.24 -3.08 -6.78
C GLN D 398 0.83 -1.86 -7.48
N SER D 399 1.97 -1.97 -8.15
CA SER D 399 2.48 -0.90 -9.02
C SER D 399 1.80 -0.89 -10.39
N LEU D 400 1.48 -2.07 -10.95
CA LEU D 400 0.97 -2.19 -12.31
C LEU D 400 -0.44 -1.63 -12.48
N ASP D 401 -1.33 -1.80 -11.51
CA ASP D 401 -2.66 -1.17 -11.54
C ASP D 401 -2.78 0.06 -10.65
N SER D 402 -1.65 0.62 -10.21
CA SER D 402 -1.61 1.68 -9.20
C SER D 402 -2.51 2.87 -9.48
N SER D 403 -2.62 3.32 -10.72
CA SER D 403 -3.49 4.44 -11.04
C SER D 403 -4.98 4.07 -11.00
N ARG D 404 -5.33 2.86 -11.33
CA ARG D 404 -6.69 2.44 -11.24
C ARG D 404 -7.05 2.20 -9.85
N ARG D 405 -6.15 1.71 -9.07
CA ARG D 405 -6.33 1.47 -7.65
C ARG D 405 -6.53 2.80 -6.92
N GLN D 406 -5.73 3.81 -7.26
CA GLN D 406 -5.86 5.15 -6.70
C GLN D 406 -7.15 5.84 -7.14
N TYR D 407 -7.62 5.62 -8.36
CA TYR D 407 -8.92 6.15 -8.77
C TYR D 407 -10.04 5.54 -7.95
N GLN D 408 -10.06 4.23 -7.77
CA GLN D 408 -11.13 3.58 -7.03
C GLN D 408 -11.05 3.86 -5.53
N GLU D 409 -9.86 4.08 -4.98
CA GLU D 409 -9.70 4.63 -3.62
C GLU D 409 -10.30 6.03 -3.52
N LYS D 410 -9.98 6.93 -4.45
CA LYS D 410 -10.57 8.28 -4.47
C LYS D 410 -12.07 8.21 -4.60
N TYR D 411 -12.59 7.41 -5.53
CA TYR D 411 -14.04 7.33 -5.64
C TYR D 411 -14.66 6.76 -4.37
N LYS D 412 -14.08 5.72 -3.78
CA LYS D 412 -14.60 5.24 -2.52
C LYS D 412 -14.66 6.33 -1.47
N GLN D 413 -13.80 7.34 -1.48
CA GLN D 413 -13.98 8.51 -0.61
C GLN D 413 -15.17 9.39 -1.02
N VAL D 414 -15.53 9.42 -2.30
CA VAL D 414 -16.77 10.06 -2.74
C VAL D 414 -17.97 9.28 -2.23
N GLU D 415 -17.95 7.95 -2.28
CA GLU D 415 -19.00 7.12 -1.68
C GLU D 415 -19.08 7.26 -0.16
N GLN D 416 -17.95 7.42 0.52
CA GLN D 416 -17.93 7.70 1.95
C GLN D 416 -18.51 9.08 2.24
N TYR D 417 -18.21 10.10 1.45
CA TYR D 417 -18.86 11.40 1.55
C TYR D 417 -20.37 11.30 1.35
N MET D 418 -20.80 10.65 0.27
CA MET D 418 -22.22 10.46 -0.03
C MET D 418 -22.96 9.73 1.09
N SER D 419 -22.36 8.70 1.66
CA SER D 419 -22.99 7.93 2.72
C SER D 419 -22.92 8.62 4.09
N PHE D 420 -21.87 9.39 4.38
CA PHE D 420 -21.82 10.24 5.58
C PHE D 420 -22.95 11.27 5.58
N HIS D 421 -23.16 11.93 4.45
CA HIS D 421 -24.25 12.87 4.26
C HIS D 421 -25.62 12.20 4.00
N LYS D 422 -25.70 10.87 4.01
CA LYS D 422 -26.91 10.07 3.76
C LYS D 422 -27.67 10.49 2.49
N LEU D 423 -26.94 10.77 1.40
CA LEU D 423 -27.55 11.23 0.16
C LEU D 423 -28.47 10.16 -0.46
N PRO D 424 -29.59 10.54 -1.10
CA PRO D 424 -30.50 9.61 -1.76
C PRO D 424 -29.80 8.78 -2.83
N ALA D 425 -30.22 7.53 -3.04
CA ALA D 425 -29.65 6.67 -4.06
C ALA D 425 -29.73 7.26 -5.47
N ASP D 426 -30.79 8.03 -5.76
CA ASP D 426 -30.95 8.74 -7.04
C ASP D 426 -29.86 9.77 -7.28
N MET D 427 -29.45 10.50 -6.22
CA MET D 427 -28.38 11.48 -6.29
C MET D 427 -27.00 10.82 -6.21
N ARG D 428 -26.89 9.71 -5.50
CA ARG D 428 -25.61 9.00 -5.49
C ARG D 428 -25.30 8.48 -6.90
N GLN D 429 -26.30 7.94 -7.60
CA GLN D 429 -26.14 7.51 -8.98
C GLN D 429 -25.78 8.69 -9.87
N LYS D 430 -26.38 9.85 -9.64
CA LYS D 430 -26.02 11.07 -10.37
C LYS D 430 -24.57 11.47 -10.11
N ILE D 431 -24.07 11.40 -8.89
CA ILE D 431 -22.67 11.71 -8.59
C ILE D 431 -21.74 10.66 -9.20
N HIS D 432 -22.12 9.38 -9.19
CA HIS D 432 -21.35 8.32 -9.84
C HIS D 432 -21.21 8.60 -11.34
N ASP D 433 -22.32 8.81 -12.04
CA ASP D 433 -22.31 9.12 -13.47
C ASP D 433 -21.56 10.43 -13.77
N TYR D 434 -21.53 11.38 -12.84
CA TYR D 434 -20.69 12.55 -12.97
C TYR D 434 -19.22 12.19 -12.92
N TYR D 435 -18.74 11.46 -11.92
CA TYR D 435 -17.33 11.08 -11.84
C TYR D 435 -16.90 10.24 -13.04
N GLU D 436 -17.75 9.35 -13.51
CA GLU D 436 -17.52 8.56 -14.70
C GLU D 436 -17.30 9.43 -15.95
N HIS D 437 -18.00 10.55 -16.11
CA HIS D 437 -17.78 11.45 -17.26
C HIS D 437 -16.75 12.54 -16.99
N ARG D 438 -16.55 12.92 -15.75
CA ARG D 438 -15.60 13.97 -15.43
C ARG D 438 -14.16 13.50 -15.44
N TYR D 439 -13.93 12.26 -15.01
CA TYR D 439 -12.59 11.70 -14.87
C TYR D 439 -12.37 10.49 -15.77
N GLN D 440 -13.40 9.88 -16.35
CA GLN D 440 -13.28 8.71 -17.22
C GLN D 440 -12.46 7.56 -16.58
N GLY D 441 -12.57 7.42 -15.26
CA GLY D 441 -11.85 6.40 -14.49
C GLY D 441 -10.36 6.68 -14.29
N LYS D 442 -9.88 7.87 -14.64
CA LYS D 442 -8.48 8.28 -14.60
C LYS D 442 -8.24 9.21 -13.43
N ILE D 443 -7.23 8.94 -12.61
CA ILE D 443 -6.89 9.82 -11.49
C ILE D 443 -5.69 10.69 -11.80
N PHE D 444 -5.88 11.98 -11.58
CA PHE D 444 -4.89 13.04 -11.70
C PHE D 444 -5.37 14.25 -10.91
N ASP D 445 -4.48 15.17 -10.59
CA ASP D 445 -4.85 16.51 -10.14
C ASP D 445 -4.32 17.51 -11.17
N GLU D 446 -5.22 18.14 -11.92
CA GLU D 446 -4.85 19.05 -13.00
C GLU D 446 -4.09 20.24 -12.45
N GLU D 447 -4.52 20.78 -11.31
CA GLU D 447 -3.90 21.92 -10.68
C GLU D 447 -2.51 21.58 -10.19
N ASN D 448 -2.32 20.39 -9.63
CA ASN D 448 -1.00 19.94 -9.19
C ASN D 448 -0.07 19.73 -10.39
N ILE D 449 -0.51 18.98 -11.39
CA ILE D 449 0.32 18.64 -12.56
C ILE D 449 0.69 19.90 -13.33
N LEU D 450 -0.27 20.80 -13.61
CA LEU D 450 0.07 22.03 -14.30
C LEU D 450 1.04 22.91 -13.48
N ASN D 451 1.01 22.89 -12.15
CA ASN D 451 1.98 23.60 -11.33
C ASN D 451 3.39 22.97 -11.38
N GLU D 452 3.50 21.67 -11.62
CA GLU D 452 4.79 20.98 -11.75
C GLU D 452 5.49 21.25 -13.07
N LEU D 453 4.74 21.56 -14.13
CA LEU D 453 5.28 21.87 -15.45
C LEU D 453 5.95 23.27 -15.52
N ASN D 454 6.72 23.52 -16.57
CA ASN D 454 7.18 24.86 -16.91
C ASN D 454 6.10 25.62 -17.69
N ASP D 455 6.30 26.91 -17.94
CA ASP D 455 5.35 27.71 -18.69
C ASP D 455 5.14 27.24 -20.13
N PRO D 456 6.18 27.04 -20.97
CA PRO D 456 6.03 26.56 -22.33
C PRO D 456 5.25 25.27 -22.49
N LEU D 457 5.36 24.36 -21.53
CA LEU D 457 4.71 23.07 -21.55
C LEU D 457 3.27 23.16 -21.05
N ARG D 458 2.97 23.98 -20.03
CA ARG D 458 1.57 24.38 -19.72
C ARG D 458 0.92 25.00 -20.94
N GLU D 459 1.59 25.95 -21.57
CA GLU D 459 1.06 26.68 -22.72
C GLU D 459 0.83 25.76 -23.92
N GLU D 460 1.68 24.77 -24.15
CA GLU D 460 1.45 23.79 -25.22
C GLU D 460 0.27 22.86 -24.91
N ILE D 461 0.16 22.36 -23.69
CA ILE D 461 -0.97 21.53 -23.24
C ILE D 461 -2.28 22.29 -23.32
N VAL D 462 -2.30 23.53 -22.84
CA VAL D 462 -3.46 24.40 -22.85
C VAL D 462 -3.87 24.77 -24.26
N ASN D 463 -2.93 25.13 -25.13
CA ASN D 463 -3.26 25.47 -26.51
C ASN D 463 -3.72 24.26 -27.31
N PHE D 464 -3.23 23.05 -27.03
CA PHE D 464 -3.78 21.84 -27.63
C PHE D 464 -5.22 21.57 -27.18
N ASN D 465 -5.49 21.67 -25.88
CA ASN D 465 -6.84 21.45 -25.35
C ASN D 465 -7.86 22.49 -25.82
N CYS D 466 -7.53 23.77 -25.71
CA CYS D 466 -8.54 24.83 -25.68
C CYS D 466 -8.49 25.80 -26.85
N ARG D 467 -7.41 25.89 -27.61
CA ARG D 467 -7.34 26.87 -28.70
C ARG D 467 -8.32 26.56 -29.82
N LYS D 468 -8.62 25.28 -30.07
CA LYS D 468 -9.66 24.87 -31.00
C LYS D 468 -11.07 25.30 -30.56
N LEU D 469 -11.35 25.32 -29.25
CA LEU D 469 -12.62 25.78 -28.70
C LEU D 469 -12.73 27.31 -28.76
N VAL D 470 -11.70 28.05 -28.38
CA VAL D 470 -11.74 29.50 -28.34
C VAL D 470 -11.62 30.18 -29.72
N ALA D 471 -10.94 29.57 -30.70
CA ALA D 471 -10.73 30.16 -32.03
C ALA D 471 -12.01 30.40 -32.84
N THR D 472 -13.12 29.74 -32.49
CA THR D 472 -14.43 30.04 -33.06
C THR D 472 -15.06 31.33 -32.50
N MET D 473 -14.69 31.78 -31.30
CA MET D 473 -15.32 32.93 -30.67
C MET D 473 -14.89 34.23 -31.35
N PRO D 474 -15.80 35.19 -31.61
CA PRO D 474 -15.44 36.46 -32.25
C PRO D 474 -14.60 37.36 -31.33
N LEU D 475 -14.65 37.14 -30.00
CA LEU D 475 -13.76 37.81 -29.06
C LEU D 475 -12.28 37.48 -29.32
N PHE D 476 -11.98 36.21 -29.67
CA PHE D 476 -10.62 35.67 -29.66
C PHE D 476 -10.06 35.30 -31.03
N ALA D 477 -10.90 35.12 -32.06
CA ALA D 477 -10.44 34.89 -33.43
C ALA D 477 -9.59 36.05 -33.98
N ASN D 478 -9.87 37.28 -33.53
CA ASN D 478 -9.18 38.51 -33.94
C ASN D 478 -8.16 39.06 -32.92
N ALA D 479 -7.81 38.30 -31.89
CA ALA D 479 -6.92 38.75 -30.81
C ALA D 479 -5.46 38.26 -30.97
N ASP D 480 -4.53 38.84 -30.19
CA ASP D 480 -3.10 38.51 -30.23
C ASP D 480 -2.76 37.12 -29.63
N PRO D 481 -1.89 36.31 -30.25
CA PRO D 481 -1.56 34.95 -29.78
C PRO D 481 -1.07 34.85 -28.35
N ASN D 482 -0.34 35.86 -27.86
CA ASN D 482 0.12 35.93 -26.47
C ASN D 482 -1.04 36.12 -25.49
N PHE D 483 -1.98 37.01 -25.80
CA PHE D 483 -3.19 37.23 -25.01
C PHE D 483 -4.06 35.98 -24.97
N VAL D 484 -4.36 35.36 -26.11
CA VAL D 484 -5.16 34.14 -26.13
C VAL D 484 -4.45 33.04 -25.34
N THR D 485 -3.13 32.87 -25.49
CA THR D 485 -2.40 31.85 -24.70
C THR D 485 -2.51 32.13 -23.20
N ALA D 486 -2.50 33.39 -22.78
CA ALA D 486 -2.69 33.74 -21.37
C ALA D 486 -4.12 33.48 -20.92
N MET D 487 -5.09 33.76 -21.77
CA MET D 487 -6.53 33.54 -21.53
C MET D 487 -6.87 32.07 -21.39
N LEU D 488 -6.44 31.20 -22.30
CA LEU D 488 -6.79 29.80 -22.27
C LEU D 488 -6.39 29.11 -20.95
N SER D 489 -5.31 29.57 -20.30
CA SER D 489 -4.88 29.01 -19.02
C SER D 489 -5.86 29.26 -17.88
N LYS D 490 -6.74 30.26 -18.01
CA LYS D 490 -7.78 30.61 -17.05
C LYS D 490 -9.06 29.80 -17.23
N LEU D 491 -9.20 29.04 -18.31
CA LEU D 491 -10.35 28.17 -18.54
C LEU D 491 -10.35 27.02 -17.54
N ARG D 492 -11.53 26.79 -16.97
CA ARG D 492 -11.74 25.70 -16.05
C ARG D 492 -12.67 24.70 -16.72
N PHE D 493 -12.26 23.45 -16.75
CA PHE D 493 -13.06 22.38 -17.33
C PHE D 493 -14.20 21.97 -16.41
N GLU D 494 -15.41 21.89 -16.92
CA GLU D 494 -16.62 21.53 -16.19
C GLU D 494 -17.45 20.53 -16.98
N VAL D 495 -18.02 19.51 -16.35
CA VAL D 495 -18.86 18.52 -17.01
C VAL D 495 -20.28 18.65 -16.51
N PHE D 496 -21.26 18.79 -17.39
CA PHE D 496 -22.66 18.92 -17.01
C PHE D 496 -23.45 17.73 -17.53
N GLN D 497 -24.11 17.03 -16.63
CA GLN D 497 -24.95 15.88 -16.97
C GLN D 497 -26.28 16.33 -17.56
N PRO D 498 -26.97 15.50 -18.34
CA PRO D 498 -28.18 15.93 -19.02
C PRO D 498 -29.25 16.36 -18.03
N GLY D 499 -29.93 17.46 -18.34
CA GLY D 499 -30.88 18.15 -17.47
C GLY D 499 -30.26 19.16 -16.51
N ASP D 500 -28.95 19.18 -16.32
CA ASP D 500 -28.29 20.19 -15.51
C ASP D 500 -28.35 21.56 -16.19
N TYR D 501 -28.89 22.58 -15.52
CA TYR D 501 -28.84 23.94 -16.01
C TYR D 501 -27.44 24.50 -15.80
N ILE D 502 -26.72 24.78 -16.88
CA ILE D 502 -25.38 25.38 -16.84
C ILE D 502 -25.50 26.85 -16.46
N ILE D 503 -26.43 27.55 -17.08
CA ILE D 503 -26.79 28.93 -16.80
C ILE D 503 -28.30 29.00 -16.62
N ARG D 504 -28.78 29.78 -15.64
CA ARG D 504 -30.22 30.00 -15.40
C ARG D 504 -30.61 31.43 -15.76
N GLU D 505 -31.75 31.61 -16.42
CA GLU D 505 -32.22 32.95 -16.76
C GLU D 505 -32.42 33.78 -15.48
N GLY D 506 -32.03 35.05 -15.50
CA GLY D 506 -32.11 35.93 -14.34
C GLY D 506 -31.02 35.75 -13.27
N ALA D 507 -30.18 34.72 -13.33
CA ALA D 507 -29.01 34.60 -12.46
C ALA D 507 -27.87 35.55 -12.89
N VAL D 508 -27.02 35.98 -11.97
CA VAL D 508 -25.86 36.81 -12.27
C VAL D 508 -24.83 36.07 -13.13
N GLY D 509 -24.32 36.71 -14.19
CA GLY D 509 -23.38 36.11 -15.15
C GLY D 509 -21.94 36.01 -14.66
N LYS D 510 -21.68 35.22 -13.62
CA LYS D 510 -20.36 35.09 -13.00
C LYS D 510 -19.30 34.45 -13.90
N LYS D 511 -19.67 33.61 -14.87
CA LYS D 511 -18.76 32.98 -15.84
C LYS D 511 -19.44 32.68 -17.16
N MET D 512 -18.64 32.53 -18.23
CA MET D 512 -19.12 32.17 -19.57
C MET D 512 -18.44 30.93 -20.10
N TYR D 513 -19.14 30.22 -20.99
CA TYR D 513 -18.67 28.90 -21.43
C TYR D 513 -18.47 28.62 -22.89
N PHE D 514 -17.69 27.57 -23.10
CA PHE D 514 -17.33 27.01 -24.40
C PHE D 514 -17.61 25.52 -24.37
N ILE D 515 -18.15 24.95 -25.43
CA ILE D 515 -18.49 23.52 -25.45
C ILE D 515 -17.35 22.72 -26.10
N GLN D 516 -16.70 21.83 -25.35
CA GLN D 516 -15.77 20.86 -25.93
C GLN D 516 -16.54 19.72 -26.60
N HIS D 517 -17.53 19.17 -25.91
CA HIS D 517 -18.38 18.07 -26.36
C HIS D 517 -19.79 18.19 -25.77
N GLY D 518 -20.78 17.57 -26.42
CA GLY D 518 -22.17 17.47 -25.97
C GLY D 518 -23.05 18.58 -26.54
N VAL D 519 -24.36 18.44 -26.40
CA VAL D 519 -25.33 19.44 -26.83
C VAL D 519 -25.87 20.21 -25.63
N ALA D 520 -25.84 21.53 -25.65
CA ALA D 520 -26.42 22.38 -24.62
C ALA D 520 -27.53 23.24 -25.23
N GLY D 521 -28.76 23.08 -24.78
CA GLY D 521 -29.92 23.79 -25.34
C GLY D 521 -30.08 25.15 -24.70
N VAL D 522 -30.07 26.22 -25.50
CA VAL D 522 -30.45 27.54 -25.04
C VAL D 522 -31.98 27.64 -24.93
N ILE D 523 -32.51 27.38 -23.74
CA ILE D 523 -33.94 27.41 -23.42
C ILE D 523 -34.45 28.84 -23.23
N THR D 524 -34.41 29.63 -24.30
CA THR D 524 -34.73 31.05 -24.30
C THR D 524 -36.18 31.36 -23.89
N LYS D 525 -36.40 32.53 -23.30
CA LYS D 525 -37.71 32.95 -22.77
C LYS D 525 -38.77 33.28 -23.82
N SER D 526 -38.40 33.34 -25.11
CA SER D 526 -39.28 33.72 -26.21
C SER D 526 -38.93 33.07 -27.56
N SER D 527 -38.32 31.89 -27.55
CA SER D 527 -37.89 31.19 -28.77
C SER D 527 -37.78 29.67 -28.57
N LYS D 528 -37.70 28.92 -29.68
CA LYS D 528 -37.38 27.49 -29.66
C LYS D 528 -35.97 27.22 -29.14
N GLU D 529 -35.75 26.04 -28.56
CA GLU D 529 -34.46 25.69 -27.96
C GLU D 529 -33.37 25.48 -29.02
N MET D 530 -32.46 26.46 -29.17
CA MET D 530 -31.30 26.32 -30.04
C MET D 530 -30.28 25.35 -29.44
N LYS D 531 -30.15 24.16 -30.01
CA LYS D 531 -29.23 23.14 -29.52
C LYS D 531 -27.79 23.46 -29.93
N LEU D 532 -27.02 24.10 -29.05
CA LEU D 532 -25.60 24.42 -29.26
C LEU D 532 -24.77 23.14 -29.22
N THR D 533 -24.20 22.75 -30.35
CA THR D 533 -23.38 21.53 -30.47
C THR D 533 -21.93 21.79 -30.08
N ASP D 534 -21.12 20.73 -30.05
CA ASP D 534 -19.70 20.80 -29.73
C ASP D 534 -18.95 21.86 -30.56
N GLY D 535 -18.10 22.65 -29.91
CA GLY D 535 -17.41 23.80 -30.49
C GLY D 535 -18.14 25.14 -30.39
N SER D 536 -19.41 25.16 -30.00
CA SER D 536 -20.16 26.40 -29.72
C SER D 536 -19.71 27.10 -28.43
N TYR D 537 -20.21 28.30 -28.17
CA TYR D 537 -19.95 29.06 -26.94
C TYR D 537 -21.19 29.84 -26.51
N PHE D 538 -21.32 30.13 -25.22
CA PHE D 538 -22.51 30.78 -24.65
C PHE D 538 -22.22 31.45 -23.31
N GLY D 539 -23.13 32.29 -22.84
CA GLY D 539 -22.89 33.16 -21.70
C GLY D 539 -21.98 34.35 -22.01
N GLU D 540 -21.61 34.54 -23.27
CA GLU D 540 -20.61 35.54 -23.70
C GLU D 540 -20.95 36.98 -23.31
N ILE D 541 -22.23 37.33 -23.17
CA ILE D 541 -22.65 38.65 -22.69
C ILE D 541 -22.29 38.93 -21.23
N CYS D 542 -21.90 37.92 -20.45
CA CYS D 542 -21.46 38.09 -19.07
C CYS D 542 -20.17 38.88 -18.94
N LEU D 543 -19.20 38.64 -19.82
CA LEU D 543 -17.90 39.30 -19.79
C LEU D 543 -17.98 40.77 -20.20
N LEU D 544 -18.78 41.10 -21.21
CA LEU D 544 -18.94 42.46 -21.71
C LEU D 544 -19.93 43.33 -20.91
N THR D 545 -21.07 42.79 -20.48
CA THR D 545 -22.22 43.60 -20.00
C THR D 545 -22.48 43.61 -18.50
N LYS D 546 -21.86 42.70 -17.73
CA LYS D 546 -22.01 42.60 -16.26
C LYS D 546 -23.46 42.47 -15.72
N GLY D 547 -24.41 42.01 -16.54
CA GLY D 547 -25.82 41.82 -16.18
C GLY D 547 -26.21 40.39 -15.82
N ARG D 548 -27.46 40.17 -15.42
CA ARG D 548 -28.05 38.83 -15.25
C ARG D 548 -28.38 38.18 -16.60
N ARG D 549 -28.34 36.84 -16.67
CA ARG D 549 -28.43 36.10 -17.93
C ARG D 549 -29.81 36.23 -18.60
N THR D 550 -29.82 36.41 -19.92
CA THR D 550 -31.04 36.62 -20.71
C THR D 550 -31.73 35.36 -21.23
N ALA D 551 -31.09 34.19 -21.10
CA ALA D 551 -31.66 32.89 -21.44
C ALA D 551 -30.98 31.80 -20.61
N SER D 552 -31.73 30.80 -20.17
CA SER D 552 -31.15 29.63 -19.52
C SER D 552 -30.51 28.69 -20.53
N VAL D 553 -29.46 27.98 -20.15
CA VAL D 553 -28.80 26.98 -21.01
C VAL D 553 -28.69 25.69 -20.23
N ARG D 554 -29.26 24.61 -20.76
CA ARG D 554 -29.25 23.32 -20.07
C ARG D 554 -28.64 22.19 -20.90
N ALA D 555 -27.91 21.31 -20.26
CA ALA D 555 -27.26 20.20 -20.91
C ALA D 555 -28.30 19.22 -21.46
N ASP D 556 -28.28 18.95 -22.77
CA ASP D 556 -29.13 17.97 -23.44
C ASP D 556 -28.44 16.61 -23.60
N THR D 557 -27.14 16.55 -23.34
CA THR D 557 -26.30 15.37 -23.26
C THR D 557 -25.30 15.56 -22.12
N TYR D 558 -24.30 14.71 -21.94
CA TYR D 558 -23.22 14.99 -21.00
C TYR D 558 -22.29 16.03 -21.61
N CYS D 559 -22.57 17.31 -21.39
CA CYS D 559 -21.70 18.38 -21.86
C CYS D 559 -20.34 18.30 -21.19
N ARG D 560 -19.28 18.48 -21.96
CA ARG D 560 -17.95 18.78 -21.45
C ARG D 560 -17.65 20.19 -21.88
N LEU D 561 -17.50 21.09 -20.93
CA LEU D 561 -17.41 22.52 -21.16
C LEU D 561 -16.09 23.05 -20.65
N TYR D 562 -15.60 24.12 -21.26
CA TYR D 562 -14.58 24.98 -20.67
C TYR D 562 -15.24 26.28 -20.25
N SER D 563 -14.94 26.76 -19.06
CA SER D 563 -15.58 27.93 -18.48
C SER D 563 -14.59 29.02 -18.14
N LEU D 564 -14.96 30.28 -18.31
CA LEU D 564 -14.11 31.44 -18.13
C LEU D 564 -14.78 32.41 -17.14
N SER D 565 -14.36 32.42 -15.88
CA SER D 565 -15.00 33.31 -14.91
C SER D 565 -14.70 34.76 -15.25
N VAL D 566 -15.64 35.67 -15.00
CA VAL D 566 -15.40 37.09 -15.29
C VAL D 566 -14.38 37.67 -14.31
N ASP D 567 -14.23 37.10 -13.11
CA ASP D 567 -13.09 37.35 -12.25
C ASP D 567 -11.75 37.03 -12.93
N ASN D 568 -11.60 35.84 -13.53
CA ASN D 568 -10.38 35.46 -14.23
C ASN D 568 -10.20 36.16 -15.58
N PHE D 569 -11.28 36.49 -16.28
CA PHE D 569 -11.22 37.26 -17.51
C PHE D 569 -10.61 38.64 -17.24
N ASN D 570 -11.14 39.34 -16.24
CA ASN D 570 -10.60 40.63 -15.83
C ASN D 570 -9.17 40.53 -15.28
N GLU D 571 -8.84 39.45 -14.56
CA GLU D 571 -7.47 39.19 -14.12
C GLU D 571 -6.47 39.06 -15.27
N VAL D 572 -6.88 38.48 -16.41
CA VAL D 572 -6.05 38.41 -17.61
C VAL D 572 -6.08 39.71 -18.41
N LEU D 573 -7.21 40.41 -18.53
CA LEU D 573 -7.26 41.69 -19.24
C LEU D 573 -6.43 42.79 -18.57
N GLU D 574 -6.26 42.76 -17.26
CA GLU D 574 -5.30 43.66 -16.58
C GLU D 574 -3.86 43.47 -17.06
N GLU D 575 -3.50 42.30 -17.57
CA GLU D 575 -2.22 42.00 -18.18
C GLU D 575 -2.09 42.41 -19.65
N TYR D 576 -3.19 42.76 -20.33
CA TYR D 576 -3.21 43.15 -21.75
C TYR D 576 -4.11 44.36 -22.01
N PRO D 577 -3.85 45.55 -21.43
CA PRO D 577 -4.70 46.74 -21.59
C PRO D 577 -5.00 47.15 -23.03
N MET D 578 -4.15 46.83 -24.00
CA MET D 578 -4.42 47.08 -25.41
C MET D 578 -5.66 46.32 -25.92
N MET D 579 -5.82 45.05 -25.52
CA MET D 579 -7.02 44.27 -25.80
C MET D 579 -8.21 44.73 -24.94
N ARG D 580 -7.96 45.20 -23.71
CA ARG D 580 -9.01 45.74 -22.83
C ARG D 580 -9.68 46.97 -23.43
N ARG D 581 -8.90 47.93 -23.93
CA ARG D 581 -9.42 49.07 -24.68
C ARG D 581 -10.07 48.68 -26.01
N ALA D 582 -9.71 47.55 -26.61
CA ALA D 582 -10.32 47.07 -27.85
C ALA D 582 -11.70 46.43 -27.61
N PHE D 583 -11.83 45.53 -26.65
CA PHE D 583 -13.12 44.94 -26.27
C PHE D 583 -14.09 46.01 -25.71
N GLU D 584 -13.57 47.02 -25.01
CA GLU D 584 -14.34 48.20 -24.59
C GLU D 584 -14.94 49.01 -25.75
N THR D 585 -14.49 48.81 -26.98
CA THR D 585 -15.12 49.39 -28.18
C THR D 585 -16.45 48.72 -28.59
N VAL D 586 -16.73 47.52 -28.06
CA VAL D 586 -17.94 46.76 -28.37
C VAL D 586 -18.34 45.84 -27.21
#